data_8Z4W
#
_entry.id   8Z4W
#
_cell.length_a   58.232
_cell.length_b   75.613
_cell.length_c   88.350
_cell.angle_alpha   106.05
_cell.angle_beta   105.94
_cell.angle_gamma   105.14
#
_symmetry.space_group_name_H-M   'P 1'
#
loop_
_entity.id
_entity.type
_entity.pdbx_description
1 polymer 'Non-structural protein 3'
2 non-polymer 1-[4-[[[4-(isoquinolin-5-ylamino)-6-(methylamino)-1,3,5-triazin-2-yl]amino]methyl]piperidin-1-yl]ethanone
3 non-polymer 'ZINC ION'
4 non-polymer GLYCEROL
5 water water
#
_entity_poly.entity_id   1
_entity_poly.type   'polypeptide(L)'
_entity_poly.pdbx_seq_one_letter_code
;MEVRTIKVFTTVDNINLHTQVVDMSMTYGQQFGPTYLDGADVTKIKPHNSHEGKTFYVLPNDDTLRVEAFEYYHTTDPSF
LGRYMSALNHTKKWKYPQVNGLTSIKWADNNCYLATALLTLQQIELKFNPPALQDAYYRARAGEAANFCALILAYCNKTV
GELGDVRETMSYLFQHANLDSCKRVLNVVCKTCGQQQTTLKGVEAVMYMGTLSYEQFKKGVQIPCTCGKQATKYLVQQES
PFVMMSAPPAQYELKHGTFTCASEYTGNYQCGHYKHITSKETLYCIDGALLTKSSEYKGPITDVFYKENSYTTTIK
;
_entity_poly.pdbx_strand_id   A,B,C,D
#
loop_
_chem_comp.id
_chem_comp.type
_chem_comp.name
_chem_comp.formula
A1D7X non-polymer 1-[4-[[[4-(isoquinolin-5-ylamino)-6-(methylamino)-1,3,5-triazin-2-yl]amino]methyl]piperidin-1-yl]ethanone 'C21 H26 N8 O'
GOL non-polymer GLYCEROL 'C3 H8 O3'
ZN non-polymer 'ZINC ION' 'Zn 2'
#
# COMPACT_ATOMS: atom_id res chain seq x y z
N VAL A 3 16.48 12.07 -30.06
CA VAL A 3 16.07 11.66 -28.73
C VAL A 3 17.23 11.72 -27.74
N ARG A 4 17.17 12.69 -26.84
CA ARG A 4 18.12 12.77 -25.73
C ARG A 4 17.50 12.10 -24.51
N THR A 5 18.32 11.38 -23.75
CA THR A 5 17.83 10.65 -22.59
C THR A 5 18.80 10.84 -21.42
N ILE A 6 18.30 10.51 -20.23
CA ILE A 6 19.12 10.38 -19.03
C ILE A 6 18.65 9.15 -18.28
N LYS A 7 19.54 8.62 -17.43
CA LYS A 7 19.20 7.51 -16.57
C LYS A 7 18.74 8.03 -15.21
N VAL A 8 17.63 7.49 -14.70
CA VAL A 8 17.15 7.78 -13.35
C VAL A 8 16.65 6.48 -12.74
N PHE A 9 16.32 6.55 -11.45
CA PHE A 9 15.77 5.42 -10.71
C PHE A 9 14.36 5.77 -10.25
N THR A 10 13.46 4.80 -10.36
CA THR A 10 12.13 4.92 -9.77
C THR A 10 12.01 3.97 -8.58
N THR A 11 11.04 4.27 -7.72
CA THR A 11 10.83 3.48 -6.52
C THR A 11 9.44 3.78 -5.98
N VAL A 12 8.96 2.86 -5.14
CA VAL A 12 7.80 3.12 -4.28
C VAL A 12 8.14 3.04 -2.81
N ASP A 13 9.29 2.49 -2.44
CA ASP A 13 9.64 2.29 -1.04
C ASP A 13 10.97 2.91 -0.65
N ASN A 14 11.70 3.50 -1.61
CA ASN A 14 13.04 4.07 -1.43
C ASN A 14 14.09 3.02 -1.09
N ILE A 15 13.81 1.73 -1.33
CA ILE A 15 14.74 0.65 -1.04
C ILE A 15 15.07 -0.15 -2.30
N ASN A 16 14.05 -0.57 -3.04
CA ASN A 16 14.25 -1.19 -4.34
C ASN A 16 14.25 -0.09 -5.40
N LEU A 17 15.37 0.06 -6.09
CA LEU A 17 15.54 1.07 -7.11
C LEU A 17 15.50 0.43 -8.48
N HIS A 18 14.76 1.05 -9.41
CA HIS A 18 14.54 0.49 -10.73
C HIS A 18 15.09 1.44 -11.77
N THR A 19 16.09 0.99 -12.52
CA THR A 19 16.72 1.83 -13.52
C THR A 19 15.75 2.15 -14.64
N GLN A 20 15.70 3.43 -15.03
CA GLN A 20 14.88 3.86 -16.14
C GLN A 20 15.69 4.75 -17.07
N VAL A 21 15.35 4.70 -18.35
CA VAL A 21 15.78 5.68 -19.34
C VAL A 21 14.58 6.59 -19.59
N VAL A 22 14.80 7.90 -19.50
CA VAL A 22 13.72 8.86 -19.65
C VAL A 22 14.06 9.79 -20.81
N ASP A 23 13.03 10.14 -21.57
CA ASP A 23 13.16 11.01 -22.73
C ASP A 23 13.01 12.46 -22.26
N MET A 24 14.02 13.29 -22.55
CA MET A 24 14.02 14.64 -22.02
C MET A 24 13.04 15.57 -22.72
N SER A 25 12.42 15.14 -23.81
CA SER A 25 11.41 15.92 -24.48
C SER A 25 10.00 15.60 -24.01
N MET A 26 9.84 14.61 -23.14
CA MET A 26 8.56 14.27 -22.54
C MET A 26 8.60 14.56 -21.04
N THR A 27 7.43 14.79 -20.46
CA THR A 27 7.39 14.99 -19.02
C THR A 27 7.56 13.65 -18.30
N TYR A 28 7.83 13.72 -16.99
CA TYR A 28 7.84 12.50 -16.20
C TYR A 28 6.47 11.84 -16.21
N GLY A 29 5.41 12.65 -16.21
CA GLY A 29 4.05 12.10 -16.22
C GLY A 29 3.79 11.24 -17.45
N GLN A 30 4.29 11.68 -18.61
CA GLN A 30 4.06 10.92 -19.84
C GLN A 30 4.77 9.57 -19.83
N GLN A 31 5.77 9.39 -18.97
CA GLN A 31 6.59 8.20 -18.98
C GLN A 31 6.40 7.30 -17.76
N PHE A 32 6.10 7.89 -16.59
CA PHE A 32 5.93 7.14 -15.36
C PHE A 32 4.55 7.25 -14.73
N GLY A 33 3.72 8.19 -15.17
CA GLY A 33 2.55 8.56 -14.41
C GLY A 33 2.95 9.63 -13.41
N PRO A 34 2.17 9.80 -12.35
CA PRO A 34 2.56 10.74 -11.29
C PRO A 34 3.93 10.39 -10.73
N THR A 35 4.75 11.42 -10.53
CA THR A 35 6.16 11.26 -10.21
C THR A 35 6.58 12.33 -9.22
N TYR A 36 7.36 11.92 -8.21
CA TYR A 36 7.75 12.81 -7.13
C TYR A 36 9.26 12.73 -6.90
N LEU A 37 9.86 13.89 -6.68
CA LEU A 37 11.28 14.02 -6.34
C LEU A 37 11.35 14.60 -4.93
N ASP A 38 11.66 13.73 -3.95
CA ASP A 38 11.73 14.13 -2.55
C ASP A 38 10.45 14.82 -2.09
N GLY A 39 9.31 14.28 -2.51
CA GLY A 39 8.02 14.84 -2.19
C GLY A 39 7.51 15.90 -3.14
N ALA A 40 8.38 16.47 -3.98
CA ALA A 40 7.96 17.51 -4.91
C ALA A 40 7.39 16.88 -6.18
N ASP A 41 6.20 17.32 -6.56
CA ASP A 41 5.49 16.77 -7.71
C ASP A 41 6.18 17.22 -8.99
N VAL A 42 6.80 16.28 -9.71
CA VAL A 42 7.44 16.57 -10.98
C VAL A 42 6.68 15.93 -12.15
N THR A 43 5.42 15.56 -11.93
CA THR A 43 4.63 14.91 -12.96
C THR A 43 4.57 15.72 -14.24
N LYS A 44 4.44 17.05 -14.11
CA LYS A 44 4.20 17.92 -15.25
C LYS A 44 5.46 18.61 -15.74
N ILE A 45 6.64 18.19 -15.29
CA ILE A 45 7.89 18.82 -15.71
C ILE A 45 8.70 17.80 -16.50
N LYS A 46 9.55 18.32 -17.41
CA LYS A 46 10.45 17.56 -18.26
C LYS A 46 11.77 17.29 -17.52
N PRO A 47 12.44 16.18 -17.83
CA PRO A 47 13.68 15.87 -17.12
C PRO A 47 14.77 16.87 -17.42
N HIS A 48 15.62 17.09 -16.43
CA HIS A 48 16.75 18.00 -16.52
C HIS A 48 18.04 17.23 -16.31
N ASN A 49 19.15 17.80 -16.82
CA ASN A 49 20.44 17.12 -16.72
C ASN A 49 20.83 16.80 -15.29
N SER A 50 20.46 17.67 -14.34
CA SER A 50 20.80 17.42 -12.94
C SER A 50 20.06 16.22 -12.36
N HIS A 51 19.03 15.71 -13.02
CA HIS A 51 18.26 14.58 -12.51
C HIS A 51 18.94 13.23 -12.75
N GLU A 52 20.05 13.20 -13.48
CA GLU A 52 20.74 11.95 -13.75
C GLU A 52 21.11 11.25 -12.44
N GLY A 53 20.76 9.97 -12.34
CA GLY A 53 21.04 9.19 -11.15
C GLY A 53 20.16 9.49 -9.96
N LYS A 54 19.24 10.43 -10.07
CA LYS A 54 18.34 10.70 -8.96
C LYS A 54 17.26 9.61 -8.87
N THR A 55 16.66 9.52 -7.69
CA THR A 55 15.59 8.56 -7.42
C THR A 55 14.26 9.29 -7.34
N PHE A 56 13.26 8.74 -8.01
CA PHE A 56 11.93 9.35 -8.07
C PHE A 56 10.90 8.36 -7.55
N TYR A 57 9.93 8.87 -6.80
CA TYR A 57 8.79 8.05 -6.39
C TYR A 57 7.75 8.01 -7.50
N VAL A 58 7.24 6.81 -7.76
CA VAL A 58 6.15 6.60 -8.72
C VAL A 58 5.03 5.86 -8.01
N LEU A 59 3.87 5.78 -8.69
CA LEU A 59 2.76 5.03 -8.11
C LEU A 59 2.86 3.55 -8.49
N PRO A 60 2.37 2.66 -7.61
CA PRO A 60 2.44 1.22 -7.91
C PRO A 60 1.63 0.84 -9.14
N ASN A 61 2.30 0.79 -10.30
CA ASN A 61 1.63 0.59 -11.58
C ASN A 61 1.93 -0.74 -12.25
N ASP A 62 2.70 -1.62 -11.60
CA ASP A 62 2.92 -2.96 -12.13
C ASP A 62 3.10 -3.92 -10.96
N ASP A 63 3.34 -5.20 -11.29
CA ASP A 63 3.37 -6.24 -10.26
C ASP A 63 4.58 -6.07 -9.34
N THR A 64 5.74 -5.70 -9.89
CA THR A 64 6.91 -5.45 -9.05
C THR A 64 6.63 -4.33 -8.07
N LEU A 65 6.11 -3.20 -8.57
CA LEU A 65 5.85 -2.06 -7.70
C LEU A 65 4.69 -2.33 -6.75
N ARG A 66 3.67 -3.06 -7.20
CA ARG A 66 2.54 -3.36 -6.33
C ARG A 66 2.97 -4.21 -5.15
N VAL A 67 3.79 -5.23 -5.40
CA VAL A 67 4.30 -6.07 -4.30
C VAL A 67 5.14 -5.23 -3.35
N GLU A 68 5.98 -4.36 -3.89
CA GLU A 68 6.88 -3.57 -3.05
C GLU A 68 6.11 -2.59 -2.18
N ALA A 69 5.07 -1.95 -2.73
CA ALA A 69 4.26 -1.04 -1.93
C ALA A 69 3.41 -1.80 -0.92
N PHE A 70 2.86 -2.95 -1.34
CA PHE A 70 2.02 -3.74 -0.44
C PHE A 70 2.80 -4.21 0.77
N GLU A 71 4.03 -4.69 0.58
CA GLU A 71 4.81 -5.17 1.70
C GLU A 71 5.35 -4.04 2.55
N TYR A 72 5.52 -2.85 1.97
CA TYR A 72 6.13 -1.75 2.71
C TYR A 72 5.12 -0.87 3.43
N TYR A 73 4.03 -0.50 2.76
CA TYR A 73 3.01 0.35 3.38
C TYR A 73 1.75 -0.40 3.77
N HIS A 74 1.63 -1.68 3.40
CA HIS A 74 0.42 -2.48 3.62
C HIS A 74 -0.77 -1.95 2.84
N THR A 75 -0.51 -1.27 1.72
CA THR A 75 -1.56 -0.78 0.84
C THR A 75 -0.96 -0.47 -0.52
N THR A 76 -1.74 -0.70 -1.58
CA THR A 76 -1.35 -0.33 -2.93
C THR A 76 -2.18 0.81 -3.48
N ASP A 77 -3.05 1.39 -2.66
CA ASP A 77 -3.92 2.47 -3.10
C ASP A 77 -3.09 3.70 -3.49
N PRO A 78 -3.18 4.16 -4.74
CA PRO A 78 -2.42 5.36 -5.13
C PRO A 78 -2.80 6.60 -4.34
N SER A 79 -3.95 6.61 -3.68
CA SER A 79 -4.30 7.73 -2.82
C SER A 79 -3.31 7.88 -1.67
N PHE A 80 -2.81 6.76 -1.15
CA PHE A 80 -1.93 6.82 0.01
C PHE A 80 -0.61 7.48 -0.33
N LEU A 81 0.10 6.95 -1.34
CA LEU A 81 1.41 7.47 -1.69
C LEU A 81 1.35 8.94 -2.08
N GLY A 82 0.24 9.39 -2.65
CA GLY A 82 0.09 10.80 -2.97
C GLY A 82 -0.05 11.66 -1.73
N ARG A 83 -0.91 11.23 -0.79
CA ARG A 83 -1.00 11.93 0.49
C ARG A 83 0.35 11.99 1.19
N TYR A 84 1.10 10.89 1.14
CA TYR A 84 2.40 10.82 1.79
C TYR A 84 3.39 11.78 1.15
N MET A 85 3.46 11.80 -0.18
CA MET A 85 4.36 12.73 -0.85
C MET A 85 3.93 14.18 -0.63
N SER A 86 2.63 14.46 -0.75
CA SER A 86 2.13 15.80 -0.46
C SER A 86 2.50 16.24 0.95
N ALA A 87 2.35 15.35 1.93
CA ALA A 87 2.72 15.70 3.29
C ALA A 87 4.22 15.87 3.43
N LEU A 88 5.00 15.00 2.78
CA LEU A 88 6.45 15.04 2.91
C LEU A 88 7.03 16.33 2.34
N ASN A 89 6.41 16.89 1.31
CA ASN A 89 6.91 18.13 0.74
C ASN A 89 6.90 19.28 1.74
N HIS A 90 6.08 19.18 2.79
CA HIS A 90 6.04 20.19 3.85
C HIS A 90 6.85 19.79 5.07
N THR A 91 6.77 18.54 5.51
CA THR A 91 7.45 18.14 6.74
C THR A 91 8.95 18.04 6.57
N LYS A 92 9.46 17.94 5.33
CA LYS A 92 10.89 17.98 5.12
C LYS A 92 11.45 19.38 5.35
N LYS A 93 10.59 20.38 5.38
CA LYS A 93 11.00 21.76 5.65
C LYS A 93 10.77 22.15 7.11
N TRP A 94 10.11 21.32 7.90
CA TRP A 94 10.07 21.54 9.34
C TRP A 94 11.46 21.26 9.94
N LYS A 95 11.71 21.90 11.07
CA LYS A 95 12.94 21.67 11.82
C LYS A 95 12.62 20.79 13.02
N TYR A 96 13.54 19.86 13.32
CA TYR A 96 13.33 18.82 14.34
C TYR A 96 14.44 18.90 15.39
N PRO A 97 14.32 19.82 16.34
CA PRO A 97 15.38 19.97 17.34
C PRO A 97 15.32 18.90 18.42
N GLN A 98 16.50 18.53 18.90
CA GLN A 98 16.60 17.68 20.09
C GLN A 98 16.32 18.53 21.31
N VAL A 99 15.30 18.15 22.08
CA VAL A 99 14.87 18.88 23.26
C VAL A 99 14.78 17.91 24.42
N ASN A 100 15.62 18.13 25.45
CA ASN A 100 15.73 17.22 26.59
C ASN A 100 16.00 15.78 26.12
N GLY A 101 16.81 15.65 25.08
CA GLY A 101 17.17 14.35 24.56
C GLY A 101 16.12 13.69 23.67
N LEU A 102 14.98 14.32 23.44
CA LEU A 102 13.94 13.78 22.57
C LEU A 102 13.84 14.61 21.29
N THR A 103 13.35 13.97 20.22
CA THR A 103 13.12 14.68 18.98
C THR A 103 11.75 15.38 19.04
N SER A 104 11.77 16.70 18.91
CA SER A 104 10.56 17.51 18.88
C SER A 104 10.42 18.13 17.48
N ILE A 105 9.47 19.07 17.35
CA ILE A 105 9.26 19.79 16.09
C ILE A 105 9.11 21.27 16.41
N LYS A 106 9.96 22.10 15.79
CA LYS A 106 9.76 23.54 15.83
C LYS A 106 8.38 23.87 15.25
N TRP A 107 7.69 24.82 15.86
CA TRP A 107 6.30 25.05 15.49
C TRP A 107 6.18 25.52 14.04
N ALA A 108 5.25 24.90 13.32
CA ALA A 108 4.91 25.27 11.95
C ALA A 108 3.62 24.55 11.57
N ASP A 109 2.74 25.24 10.85
CA ASP A 109 1.56 24.63 10.25
C ASP A 109 0.66 23.94 11.30
N ASN A 110 0.51 24.58 12.46
CA ASN A 110 -0.40 24.09 13.51
C ASN A 110 -0.06 22.67 13.97
N ASN A 111 1.23 22.37 14.10
CA ASN A 111 1.68 21.01 14.37
C ASN A 111 1.98 20.73 15.84
N CYS A 112 1.39 21.49 16.76
CA CYS A 112 1.62 21.24 18.18
C CYS A 112 1.18 19.84 18.57
N TYR A 113 0.00 19.42 18.11
CA TYR A 113 -0.49 18.08 18.42
C TYR A 113 0.43 17.02 17.86
N LEU A 114 0.98 17.27 16.65
CA LEU A 114 1.91 16.33 16.04
C LEU A 114 3.20 16.22 16.84
N ALA A 115 3.72 17.36 17.32
CA ALA A 115 4.92 17.32 18.15
C ALA A 115 4.67 16.60 19.46
N THR A 116 3.52 16.86 20.09
CA THR A 116 3.20 16.19 21.34
C THR A 116 3.08 14.68 21.15
N ALA A 117 2.48 14.25 20.04
CA ALA A 117 2.39 12.83 19.75
C ALA A 117 3.75 12.22 19.43
N LEU A 118 4.60 12.97 18.71
CA LEU A 118 5.93 12.48 18.37
C LEU A 118 6.78 12.27 19.62
N LEU A 119 6.78 13.25 20.52
CA LEU A 119 7.50 13.10 21.79
C LEU A 119 6.95 11.93 22.59
N THR A 120 5.65 11.67 22.48
CA THR A 120 5.03 10.57 23.23
C THR A 120 5.46 9.21 22.69
N LEU A 121 5.52 9.09 21.35
CA LEU A 121 5.86 7.81 20.75
C LEU A 121 7.27 7.38 21.11
N GLN A 122 8.15 8.32 21.42
CA GLN A 122 9.52 8.00 21.79
C GLN A 122 9.66 7.50 23.23
N GLN A 123 8.58 7.49 24.01
CA GLN A 123 8.67 7.15 25.43
C GLN A 123 7.79 5.97 25.81
N ILE A 124 7.20 5.27 24.84
CA ILE A 124 6.39 4.10 25.10
C ILE A 124 6.82 2.99 24.16
N GLU A 125 6.87 1.76 24.68
CA GLU A 125 7.30 0.63 23.87
C GLU A 125 6.21 0.29 22.85
N LEU A 126 6.61 0.26 21.58
CA LEU A 126 5.64 0.17 20.49
C LEU A 126 6.35 -0.33 19.24
N LYS A 127 5.73 -1.29 18.55
CA LYS A 127 6.23 -1.79 17.28
C LYS A 127 5.13 -1.66 16.23
N PHE A 128 5.46 -1.03 15.11
CA PHE A 128 4.49 -0.83 14.04
C PHE A 128 4.52 -2.02 13.07
N ASN A 129 3.36 -2.37 12.55
CA ASN A 129 3.25 -3.48 11.61
C ASN A 129 3.76 -3.09 10.22
N PRO A 130 3.31 -2.00 9.60
CA PRO A 130 3.85 -1.61 8.29
C PRO A 130 5.32 -1.26 8.41
N PRO A 131 6.19 -1.86 7.58
CA PRO A 131 7.62 -1.54 7.65
C PRO A 131 7.93 -0.07 7.45
N ALA A 132 7.17 0.63 6.60
CA ALA A 132 7.42 2.05 6.39
C ALA A 132 7.31 2.82 7.70
N LEU A 133 6.34 2.45 8.54
CA LEU A 133 6.15 3.13 9.81
C LEU A 133 7.29 2.82 10.79
N GLN A 134 7.76 1.58 10.82
CA GLN A 134 8.81 1.21 11.76
C GLN A 134 10.13 1.84 11.37
N ASP A 135 10.48 1.81 10.07
CA ASP A 135 11.71 2.45 9.61
C ASP A 135 11.71 3.94 9.94
N ALA A 136 10.66 4.65 9.52
CA ALA A 136 10.58 6.08 9.78
C ALA A 136 10.55 6.37 11.28
N TYR A 137 10.03 5.43 12.07
CA TYR A 137 10.02 5.56 13.52
C TYR A 137 11.44 5.62 14.08
N TYR A 138 12.30 4.70 13.64
CA TYR A 138 13.69 4.69 14.09
C TYR A 138 14.39 6.01 13.75
N ARG A 139 14.24 6.47 12.51
CA ARG A 139 14.90 7.71 12.11
C ARG A 139 14.30 8.91 12.85
N ALA A 140 13.03 8.82 13.25
CA ALA A 140 12.42 9.89 14.04
C ALA A 140 13.06 9.96 15.42
N ARG A 141 13.36 8.81 16.02
CA ARG A 141 14.10 8.81 17.28
C ARG A 141 15.49 9.42 17.08
N ALA A 142 16.13 9.12 15.95
CA ALA A 142 17.48 9.58 15.68
C ALA A 142 17.55 11.07 15.40
N GLY A 143 16.42 11.73 15.15
CA GLY A 143 16.39 13.16 14.91
C GLY A 143 15.86 13.57 13.54
N GLU A 144 15.57 12.64 12.64
CA GLU A 144 15.15 12.95 11.28
C GLU A 144 13.73 12.41 11.09
N ALA A 145 12.75 13.20 11.51
CA ALA A 145 11.37 12.75 11.63
C ALA A 145 10.47 13.20 10.49
N ALA A 146 11.05 13.73 9.41
CA ALA A 146 10.22 14.23 8.31
C ALA A 146 9.34 13.12 7.74
N ASN A 147 9.91 11.93 7.53
CA ASN A 147 9.15 10.86 6.91
C ASN A 147 8.14 10.25 7.86
N PHE A 148 8.49 10.14 9.15
CA PHE A 148 7.54 9.67 10.14
C PHE A 148 6.32 10.57 10.20
N CYS A 149 6.53 11.88 10.33
CA CYS A 149 5.43 12.83 10.42
C CYS A 149 4.56 12.80 9.16
N ALA A 150 5.20 12.73 7.99
CA ALA A 150 4.46 12.63 6.75
C ALA A 150 3.67 11.32 6.68
N LEU A 151 4.25 10.23 7.19
CA LEU A 151 3.52 8.96 7.16
C LEU A 151 2.37 8.98 8.15
N ILE A 152 2.56 9.59 9.32
CA ILE A 152 1.47 9.69 10.30
C ILE A 152 0.30 10.44 9.69
N LEU A 153 0.57 11.61 9.11
CA LEU A 153 -0.48 12.38 8.46
C LEU A 153 -1.17 11.58 7.36
N ALA A 154 -0.40 10.77 6.62
CA ALA A 154 -0.99 10.00 5.53
C ALA A 154 -1.85 8.86 6.05
N TYR A 155 -1.36 8.12 7.06
CA TYR A 155 -2.11 6.97 7.58
C TYR A 155 -3.37 7.40 8.32
N CYS A 156 -3.36 8.60 8.92
CA CYS A 156 -4.51 9.14 9.64
C CYS A 156 -5.39 10.01 8.74
N ASN A 157 -5.11 10.07 7.43
CA ASN A 157 -5.87 10.88 6.48
C ASN A 157 -5.97 12.32 6.96
N LYS A 158 -4.83 12.88 7.32
CA LYS A 158 -4.72 14.26 7.78
C LYS A 158 -3.73 15.00 6.89
N THR A 159 -3.99 16.26 6.62
CA THR A 159 -3.12 17.08 5.80
C THR A 159 -2.40 18.12 6.64
N VAL A 160 -1.25 18.58 6.13
CA VAL A 160 -0.45 19.55 6.85
C VAL A 160 -1.23 20.84 7.03
N GLY A 161 -1.18 21.40 8.24
CA GLY A 161 -1.90 22.60 8.58
C GLY A 161 -3.21 22.37 9.31
N GLU A 162 -3.80 21.18 9.16
CA GLU A 162 -5.08 20.90 9.79
C GLU A 162 -4.93 20.74 11.31
N LEU A 163 -5.88 21.30 12.04
CA LEU A 163 -5.91 21.12 13.49
C LEU A 163 -6.13 19.66 13.82
N GLY A 164 -5.43 19.17 14.86
CA GLY A 164 -5.42 17.76 15.15
C GLY A 164 -5.59 17.48 16.64
N ASP A 165 -5.91 16.23 16.93
CA ASP A 165 -6.15 15.75 18.27
C ASP A 165 -5.17 14.64 18.58
N VAL A 166 -4.49 14.72 19.74
CA VAL A 166 -3.45 13.76 20.05
C VAL A 166 -4.04 12.35 20.24
N ARG A 167 -5.17 12.25 20.96
CA ARG A 167 -5.73 10.94 21.27
C ARG A 167 -6.28 10.26 20.01
N GLU A 168 -6.94 11.01 19.14
CA GLU A 168 -7.35 10.45 17.86
C GLU A 168 -6.15 9.98 17.05
N THR A 169 -5.07 10.78 17.05
CA THR A 169 -3.86 10.38 16.36
C THR A 169 -3.28 9.09 16.93
N MET A 170 -3.14 9.04 18.27
CA MET A 170 -2.59 7.84 18.91
C MET A 170 -3.47 6.63 18.64
N SER A 171 -4.79 6.81 18.64
CA SER A 171 -5.69 5.67 18.43
C SER A 171 -5.55 5.13 17.01
N TYR A 172 -5.34 6.01 16.02
CA TYR A 172 -5.07 5.57 14.66
C TYR A 172 -3.77 4.78 14.59
N LEU A 173 -2.70 5.34 15.12
CA LEU A 173 -1.39 4.68 15.06
C LEU A 173 -1.39 3.36 15.82
N PHE A 174 -2.17 3.27 16.91
CA PHE A 174 -2.20 2.03 17.68
C PHE A 174 -2.80 0.89 16.86
N GLN A 175 -3.78 1.18 16.00
CA GLN A 175 -4.35 0.16 15.12
C GLN A 175 -3.37 -0.32 14.07
N HIS A 176 -2.26 0.40 13.86
CA HIS A 176 -1.20 -0.05 12.97
C HIS A 176 -0.03 -0.66 13.73
N ALA A 177 -0.16 -0.83 15.04
CA ALA A 177 0.90 -1.39 15.88
C ALA A 177 0.53 -2.81 16.32
N ASN A 178 1.54 -3.55 16.76
CA ASN A 178 1.33 -4.92 17.22
C ASN A 178 0.93 -4.86 18.70
N LEU A 179 -0.36 -4.68 18.95
CA LEU A 179 -0.92 -4.76 20.29
C LEU A 179 -1.83 -5.98 20.43
N ASP A 180 -1.58 -7.01 19.63
CA ASP A 180 -2.41 -8.21 19.65
C ASP A 180 -2.45 -8.84 21.04
N SER A 181 -1.31 -8.85 21.74
CA SER A 181 -1.18 -9.49 23.04
C SER A 181 -1.83 -8.71 24.17
N CYS A 182 -2.22 -7.46 23.95
CA CYS A 182 -2.68 -6.62 25.04
C CYS A 182 -4.07 -7.04 25.51
N LYS A 183 -4.24 -7.08 26.84
CA LYS A 183 -5.49 -7.54 27.43
C LYS A 183 -5.81 -6.74 28.68
N ARG A 184 -7.10 -6.46 28.88
CA ARG A 184 -7.58 -5.75 30.04
C ARG A 184 -8.87 -6.37 30.54
N VAL A 185 -8.95 -6.60 31.85
CA VAL A 185 -10.15 -7.14 32.49
C VAL A 185 -10.64 -6.11 33.50
N LEU A 186 -11.92 -5.75 33.41
CA LEU A 186 -12.53 -4.75 34.28
C LEU A 186 -13.77 -5.32 34.96
N ASN A 187 -14.01 -4.86 36.19
CA ASN A 187 -15.22 -5.16 36.93
C ASN A 187 -16.04 -3.88 37.11
N VAL A 188 -17.35 -4.00 36.94
CA VAL A 188 -18.29 -2.92 37.24
C VAL A 188 -19.24 -3.42 38.33
N VAL A 189 -19.29 -2.71 39.46
CA VAL A 189 -20.03 -3.14 40.64
C VAL A 189 -21.17 -2.16 40.90
N CYS A 190 -22.38 -2.71 41.05
CA CYS A 190 -23.50 -1.96 41.61
C CYS A 190 -23.92 -2.60 42.93
N LYS A 191 -24.45 -1.76 43.82
CA LYS A 191 -24.94 -2.28 45.11
C LYS A 191 -26.24 -3.03 44.93
N THR A 192 -27.14 -2.53 44.07
CA THR A 192 -28.47 -3.09 43.90
C THR A 192 -28.62 -3.89 42.60
N CYS A 193 -27.50 -4.30 41.98
CA CYS A 193 -27.58 -5.03 40.72
C CYS A 193 -26.51 -6.10 40.55
N GLY A 194 -25.40 -5.98 41.27
CA GLY A 194 -24.35 -6.98 41.21
C GLY A 194 -23.13 -6.53 40.43
N GLN A 195 -22.26 -7.50 40.18
CA GLN A 195 -20.95 -7.26 39.58
C GLN A 195 -20.87 -7.88 38.19
N GLN A 196 -20.25 -7.14 37.26
CA GLN A 196 -20.14 -7.56 35.87
C GLN A 196 -18.71 -7.39 35.37
N GLN A 197 -18.18 -8.43 34.75
CA GLN A 197 -16.82 -8.44 34.24
C GLN A 197 -16.81 -8.34 32.73
N THR A 198 -15.87 -7.56 32.19
CA THR A 198 -15.67 -7.46 30.75
C THR A 198 -14.18 -7.54 30.44
N THR A 199 -13.88 -8.16 29.30
CA THR A 199 -12.51 -8.34 28.83
C THR A 199 -12.32 -7.56 27.54
N LEU A 200 -11.18 -6.88 27.41
CA LEU A 200 -10.85 -6.15 26.20
C LEU A 200 -9.45 -6.53 25.75
N LYS A 201 -9.26 -6.53 24.42
CA LYS A 201 -7.99 -6.91 23.81
C LYS A 201 -7.60 -5.87 22.78
N GLY A 202 -6.29 -5.74 22.57
CA GLY A 202 -5.81 -4.83 21.53
C GLY A 202 -5.84 -3.37 21.99
N VAL A 203 -6.25 -2.50 21.08
CA VAL A 203 -6.23 -1.06 21.35
C VAL A 203 -7.17 -0.72 22.50
N GLU A 204 -8.32 -1.41 22.58
CA GLU A 204 -9.26 -1.16 23.66
C GLU A 204 -8.68 -1.51 25.03
N ALA A 205 -7.77 -2.48 25.08
CA ALA A 205 -7.14 -2.84 26.34
C ALA A 205 -6.13 -1.80 26.79
N VAL A 206 -5.74 -0.90 25.89
CA VAL A 206 -4.64 0.02 26.13
C VAL A 206 -5.11 1.46 26.36
N MET A 207 -6.29 1.83 25.90
CA MET A 207 -6.80 3.17 26.07
C MET A 207 -8.07 3.16 26.93
N TYR A 208 -8.24 4.21 27.72
CA TYR A 208 -9.44 4.42 28.51
C TYR A 208 -9.79 5.90 28.54
N MET A 209 -11.06 6.21 28.37
CA MET A 209 -11.57 7.58 28.43
C MET A 209 -12.40 7.76 29.69
N GLY A 210 -12.07 8.78 30.47
CA GLY A 210 -12.88 9.10 31.63
C GLY A 210 -12.10 9.55 32.85
N THR A 211 -10.84 9.15 32.95
CA THR A 211 -10.02 9.56 34.09
C THR A 211 -8.55 9.50 33.69
N LEU A 212 -7.75 10.33 34.35
CA LEU A 212 -6.32 10.43 34.04
C LEU A 212 -5.47 9.58 34.95
N SER A 213 -5.95 9.24 36.15
CA SER A 213 -5.14 8.59 37.16
C SER A 213 -5.22 7.08 37.01
N TYR A 214 -4.08 6.46 36.68
CA TYR A 214 -4.01 5.00 36.68
C TYR A 214 -4.34 4.45 38.06
N GLU A 215 -3.83 5.10 39.11
CA GLU A 215 -4.08 4.63 40.47
C GLU A 215 -5.57 4.64 40.80
N GLN A 216 -6.28 5.70 40.38
CA GLN A 216 -7.72 5.74 40.60
C GLN A 216 -8.44 4.70 39.77
N PHE A 217 -7.93 4.40 38.58
CA PHE A 217 -8.48 3.32 37.77
C PHE A 217 -8.38 1.99 38.51
N LYS A 218 -7.29 1.77 39.24
CA LYS A 218 -7.12 0.53 39.97
C LYS A 218 -8.00 0.46 41.21
N LYS A 219 -8.24 1.60 41.86
CA LYS A 219 -9.07 1.60 43.06
C LYS A 219 -10.56 1.67 42.75
N GLY A 220 -10.94 2.33 41.67
CA GLY A 220 -12.34 2.42 41.30
C GLY A 220 -12.78 3.82 40.93
N VAL A 221 -13.58 3.94 39.87
CA VAL A 221 -14.17 5.21 39.46
C VAL A 221 -15.67 5.05 39.41
N GLN A 222 -16.38 6.13 39.73
CA GLN A 222 -17.84 6.11 39.72
C GLN A 222 -18.36 6.37 38.31
N ILE A 223 -19.33 5.55 37.89
CA ILE A 223 -20.03 5.77 36.63
C ILE A 223 -21.51 5.52 36.81
N PRO A 224 -22.34 6.21 36.03
CA PRO A 224 -23.80 6.00 36.14
C PRO A 224 -24.18 4.58 35.74
N CYS A 225 -25.13 4.02 36.46
CA CYS A 225 -25.56 2.65 36.25
C CYS A 225 -26.93 2.60 35.59
N THR A 226 -27.33 1.37 35.23
CA THR A 226 -28.63 1.18 34.59
C THR A 226 -29.78 1.40 35.56
N CYS A 227 -29.56 1.16 36.86
CA CYS A 227 -30.61 1.32 37.84
C CYS A 227 -30.91 2.78 38.16
N GLY A 228 -30.09 3.71 37.68
CA GLY A 228 -30.18 5.10 38.07
C GLY A 228 -29.31 5.48 39.25
N LYS A 229 -28.83 4.50 40.02
CA LYS A 229 -27.86 4.74 41.07
C LYS A 229 -26.48 4.90 40.48
N GLN A 230 -25.43 4.71 41.28
CA GLN A 230 -24.06 4.93 40.83
C GLN A 230 -23.21 3.71 41.12
N ALA A 231 -22.43 3.29 40.13
CA ALA A 231 -21.66 2.06 40.18
C ALA A 231 -20.17 2.36 40.24
N THR A 232 -19.38 1.34 40.59
CA THR A 232 -17.94 1.44 40.71
C THR A 232 -17.27 0.54 39.69
N LYS A 233 -16.35 1.10 38.91
CA LYS A 233 -15.62 0.40 37.86
C LYS A 233 -14.14 0.42 38.22
N TYR A 234 -13.48 -0.75 38.14
CA TYR A 234 -12.09 -0.81 38.52
C TYR A 234 -11.35 -1.86 37.70
N LEU A 235 -10.02 -1.73 37.70
CA LEU A 235 -9.15 -2.57 36.89
C LEU A 235 -8.85 -3.88 37.61
N VAL A 236 -9.20 -5.00 36.98
CA VAL A 236 -8.91 -6.32 37.53
C VAL A 236 -7.55 -6.81 37.08
N GLN A 237 -7.27 -6.75 35.78
CA GLN A 237 -6.05 -7.30 35.23
C GLN A 237 -5.64 -6.51 34.00
N GLN A 238 -4.34 -6.25 33.88
CA GLN A 238 -3.78 -5.50 32.76
C GLN A 238 -2.54 -6.20 32.25
N GLU A 239 -2.48 -6.42 30.94
CA GLU A 239 -1.29 -6.97 30.28
C GLU A 239 -1.04 -6.14 29.03
N SER A 240 -0.09 -5.21 29.15
CA SER A 240 0.25 -4.28 28.08
C SER A 240 1.58 -3.61 28.42
N PRO A 241 2.35 -3.19 27.42
CA PRO A 241 3.60 -2.46 27.73
C PRO A 241 3.35 -1.05 28.24
N PHE A 242 2.13 -0.53 28.09
CA PHE A 242 1.79 0.81 28.54
C PHE A 242 0.27 0.93 28.56
N VAL A 243 -0.22 1.95 29.27
CA VAL A 243 -1.64 2.32 29.23
C VAL A 243 -1.73 3.82 29.01
N MET A 244 -2.83 4.23 28.38
CA MET A 244 -3.10 5.63 28.08
C MET A 244 -4.44 6.01 28.68
N MET A 245 -4.43 6.82 29.72
CA MET A 245 -5.64 7.33 30.35
C MET A 245 -5.94 8.71 29.78
N SER A 246 -7.17 8.93 29.35
CA SER A 246 -7.60 10.21 28.80
C SER A 246 -8.83 10.69 29.53
N ALA A 247 -9.06 12.01 29.46
CA ALA A 247 -10.22 12.63 30.07
C ALA A 247 -10.38 14.02 29.47
N PRO A 248 -11.60 14.57 29.47
CA PRO A 248 -11.80 15.95 29.00
C PRO A 248 -10.89 16.93 29.72
N PRO A 249 -10.23 17.82 29.00
CA PRO A 249 -9.19 18.67 29.60
C PRO A 249 -9.64 19.33 30.90
N ALA A 250 -8.82 19.18 31.93
CA ALA A 250 -9.13 19.68 33.26
C ALA A 250 -7.84 19.84 34.05
N GLN A 251 -7.90 20.65 35.10
CA GLN A 251 -6.72 20.92 35.90
C GLN A 251 -6.31 19.68 36.69
N TYR A 252 -5.05 19.31 36.58
CA TYR A 252 -4.54 18.05 37.12
C TYR A 252 -3.13 18.28 37.65
N GLU A 253 -2.82 17.58 38.73
CA GLU A 253 -1.52 17.70 39.39
C GLU A 253 -0.66 16.50 39.02
N LEU A 254 0.42 16.75 38.29
CA LEU A 254 1.35 15.71 37.88
C LEU A 254 2.52 15.68 38.85
N LYS A 255 2.87 14.49 39.32
CA LYS A 255 3.95 14.32 40.29
C LYS A 255 5.11 13.58 39.66
N HIS A 256 6.33 14.04 39.96
CA HIS A 256 7.53 13.40 39.45
C HIS A 256 7.58 11.93 39.86
N GLY A 257 7.92 11.08 38.90
CA GLY A 257 8.09 9.66 39.15
C GLY A 257 6.84 8.81 39.14
N THR A 258 5.66 9.40 38.93
CA THR A 258 4.42 8.66 38.97
C THR A 258 3.81 8.37 37.60
N PHE A 259 4.42 8.87 36.53
CA PHE A 259 3.91 8.65 35.18
C PHE A 259 5.06 8.75 34.20
N THR A 260 4.77 8.48 32.93
CA THR A 260 5.77 8.52 31.87
C THR A 260 5.77 9.85 31.13
N CYS A 261 4.64 10.20 30.52
CA CYS A 261 4.48 11.51 29.89
C CYS A 261 3.00 11.84 29.86
N ALA A 262 2.69 13.07 29.44
CA ALA A 262 1.33 13.56 29.50
C ALA A 262 1.12 14.65 28.46
N SER A 263 -0.15 14.82 28.08
CA SER A 263 -0.56 15.83 27.13
C SER A 263 -1.23 16.98 27.89
N GLU A 264 -0.61 18.16 27.85
CA GLU A 264 -1.27 19.38 28.29
C GLU A 264 -2.13 19.92 27.16
N TYR A 265 -3.30 20.46 27.50
CA TYR A 265 -4.20 21.02 26.50
C TYR A 265 -4.90 22.23 27.09
N THR A 266 -4.55 23.42 26.58
CA THR A 266 -5.22 24.67 26.93
C THR A 266 -6.07 25.07 25.73
N GLY A 267 -7.38 24.99 25.88
CA GLY A 267 -8.27 25.37 24.81
C GLY A 267 -9.69 24.92 25.09
N ASN A 268 -10.51 24.99 24.04
CA ASN A 268 -11.88 24.52 24.09
C ASN A 268 -12.01 23.30 23.18
N TYR A 269 -13.26 22.83 23.00
CA TYR A 269 -13.49 21.63 22.21
C TYR A 269 -13.16 21.82 20.74
N GLN A 270 -13.08 23.06 20.25
CA GLN A 270 -12.75 23.30 18.85
C GLN A 270 -11.26 23.43 18.61
N CYS A 271 -10.54 24.10 19.51
CA CYS A 271 -9.15 24.42 19.25
C CYS A 271 -8.42 24.66 20.57
N GLY A 272 -7.16 24.28 20.61
CA GLY A 272 -6.35 24.48 21.80
C GLY A 272 -4.89 24.27 21.49
N HIS A 273 -4.07 24.63 22.46
CA HIS A 273 -2.62 24.50 22.37
C HIS A 273 -2.19 23.24 23.12
N TYR A 274 -1.47 22.37 22.42
CA TYR A 274 -0.97 21.12 22.98
C TYR A 274 0.47 21.29 23.45
N LYS A 275 0.76 20.77 24.64
CA LYS A 275 2.12 20.76 25.17
C LYS A 275 2.41 19.40 25.79
N HIS A 276 3.70 19.09 25.95
CA HIS A 276 4.15 17.78 26.37
C HIS A 276 4.86 17.87 27.71
N ILE A 277 4.36 17.13 28.70
CA ILE A 277 5.01 16.98 30.00
C ILE A 277 5.65 15.60 30.05
N THR A 278 6.92 15.55 30.44
CA THR A 278 7.64 14.30 30.61
C THR A 278 8.29 14.28 31.99
N SER A 279 8.45 13.08 32.53
CA SER A 279 9.03 12.89 33.87
C SER A 279 10.38 12.20 33.71
N LYS A 280 11.45 12.93 34.04
CA LYS A 280 12.82 12.37 33.96
C LYS A 280 13.37 12.41 35.37
N GLU A 281 14.49 13.11 35.59
CA GLU A 281 14.93 13.39 36.95
C GLU A 281 14.06 14.43 37.62
N THR A 282 13.29 15.18 36.82
CA THR A 282 12.30 16.11 37.30
C THR A 282 11.24 16.24 36.20
N LEU A 283 10.26 17.12 36.40
CA LEU A 283 9.25 17.34 35.38
C LEU A 283 9.75 18.33 34.34
N TYR A 284 9.43 18.06 33.08
CA TYR A 284 9.79 18.91 31.95
C TYR A 284 8.57 19.15 31.08
N CYS A 285 8.38 20.40 30.66
CA CYS A 285 7.38 20.77 29.68
C CYS A 285 8.06 21.10 28.36
N ILE A 286 7.65 20.44 27.29
CA ILE A 286 8.20 20.68 25.96
C ILE A 286 7.09 21.25 25.08
N ASP A 287 7.39 22.39 24.45
CA ASP A 287 6.46 23.11 23.58
C ASP A 287 7.22 23.41 22.29
N GLY A 288 7.17 22.48 21.34
CA GLY A 288 7.96 22.63 20.14
C GLY A 288 9.44 22.61 20.48
N ALA A 289 10.12 23.72 20.22
CA ALA A 289 11.54 23.85 20.53
C ALA A 289 11.80 24.37 21.94
N LEU A 290 10.76 24.66 22.71
CA LEU A 290 10.90 25.29 24.02
C LEU A 290 10.86 24.24 25.12
N LEU A 291 11.67 24.48 26.16
CA LEU A 291 11.84 23.52 27.26
C LEU A 291 11.87 24.26 28.59
N THR A 292 11.01 23.86 29.51
CA THR A 292 11.04 24.35 30.88
C THR A 292 10.91 23.16 31.83
N LYS A 293 11.39 23.36 33.05
CA LYS A 293 11.26 22.34 34.08
C LYS A 293 10.57 22.92 35.29
N SER A 294 10.03 22.03 36.12
CA SER A 294 9.38 22.41 37.36
C SER A 294 9.35 21.19 38.26
N SER A 295 9.58 21.41 39.56
CA SER A 295 9.44 20.32 40.51
C SER A 295 7.98 19.97 40.77
N GLU A 296 7.07 20.92 40.52
CA GLU A 296 5.64 20.72 40.71
C GLU A 296 4.89 21.14 39.45
N TYR A 297 3.79 20.46 39.16
CA TYR A 297 2.97 20.80 38.00
C TYR A 297 1.49 20.75 38.37
N LYS A 298 0.76 21.80 37.98
CA LYS A 298 -0.70 21.82 38.09
C LYS A 298 -1.23 22.57 36.87
N GLY A 299 -1.79 21.83 35.91
CA GLY A 299 -2.28 22.42 34.68
C GLY A 299 -3.33 21.55 34.01
N PRO A 300 -3.76 21.95 32.82
CA PRO A 300 -4.83 21.22 32.11
C PRO A 300 -4.27 20.03 31.35
N ILE A 301 -4.57 18.82 31.83
CA ILE A 301 -4.07 17.57 31.26
C ILE A 301 -5.22 16.86 30.58
N THR A 302 -4.92 16.21 29.44
CA THR A 302 -5.93 15.41 28.76
C THR A 302 -5.52 13.96 28.48
N ASP A 303 -4.22 13.64 28.49
CA ASP A 303 -3.76 12.26 28.39
C ASP A 303 -2.59 12.06 29.34
N VAL A 304 -2.55 10.90 30.00
CA VAL A 304 -1.40 10.51 30.82
C VAL A 304 -1.00 9.10 30.41
N PHE A 305 0.29 8.90 30.18
CA PHE A 305 0.83 7.61 29.78
C PHE A 305 1.58 6.99 30.94
N TYR A 306 1.38 5.68 31.12
CA TYR A 306 2.01 4.94 32.20
C TYR A 306 2.70 3.72 31.60
N LYS A 307 3.89 3.42 32.10
CA LYS A 307 4.53 2.16 31.76
C LYS A 307 3.86 1.02 32.51
N GLU A 308 3.75 -0.13 31.86
CA GLU A 308 3.05 -1.26 32.42
C GLU A 308 3.66 -2.54 31.86
N ASN A 309 3.46 -3.65 32.55
CA ASN A 309 3.81 -4.96 32.02
C ASN A 309 2.69 -5.94 32.33
N SER A 310 2.50 -6.24 33.62
CA SER A 310 1.37 -7.07 34.02
C SER A 310 0.92 -6.61 35.40
N TYR A 311 -0.39 -6.39 35.55
CA TYR A 311 -0.95 -5.95 36.81
C TYR A 311 -2.14 -6.84 37.18
N THR A 312 -2.27 -7.13 38.47
CA THR A 312 -3.37 -7.92 38.99
C THR A 312 -3.87 -7.28 40.29
N THR A 313 -5.17 -7.00 40.35
CA THR A 313 -5.73 -6.36 41.52
C THR A 313 -5.67 -7.28 42.74
N THR A 314 -5.79 -6.67 43.92
CA THR A 314 -5.92 -7.39 45.17
C THR A 314 -7.27 -7.14 45.83
N ILE A 315 -8.23 -6.62 45.08
CA ILE A 315 -9.55 -6.29 45.60
C ILE A 315 -10.40 -7.56 45.76
N VAL B 3 -31.69 19.00 29.49
CA VAL B 3 -31.11 18.51 28.24
C VAL B 3 -31.78 19.19 27.05
N ARG B 4 -31.00 19.99 26.31
CA ARG B 4 -31.50 20.66 25.12
C ARG B 4 -31.19 19.81 23.89
N THR B 5 -32.20 19.67 23.02
CA THR B 5 -32.04 18.92 21.78
C THR B 5 -32.83 19.61 20.68
N ILE B 6 -32.45 19.33 19.43
CA ILE B 6 -33.19 19.74 18.25
C ILE B 6 -33.31 18.56 17.30
N LYS B 7 -34.28 18.64 16.40
CA LYS B 7 -34.44 17.65 15.35
C LYS B 7 -33.67 18.10 14.12
N VAL B 8 -32.81 17.21 13.61
CA VAL B 8 -32.09 17.44 12.36
C VAL B 8 -32.31 16.24 11.45
N PHE B 9 -31.81 16.36 10.23
CA PHE B 9 -31.87 15.30 9.25
C PHE B 9 -30.47 15.01 8.73
N THR B 10 -30.14 13.73 8.64
CA THR B 10 -28.86 13.30 8.09
C THR B 10 -29.09 12.66 6.73
N THR B 11 -28.06 12.70 5.89
CA THR B 11 -28.22 12.19 4.53
C THR B 11 -26.85 11.90 3.95
N VAL B 12 -26.85 11.04 2.93
CA VAL B 12 -25.69 10.85 2.07
C VAL B 12 -25.97 11.27 0.63
N ASP B 13 -27.24 11.49 0.26
CA ASP B 13 -27.61 11.82 -1.10
C ASP B 13 -28.52 13.04 -1.20
N ASN B 14 -28.85 13.69 -0.08
CA ASN B 14 -29.77 14.83 -0.04
C ASN B 14 -31.13 14.50 -0.64
N ILE B 15 -31.45 13.21 -0.74
CA ILE B 15 -32.75 12.73 -1.21
C ILE B 15 -33.45 11.92 -0.13
N ASN B 16 -32.78 10.91 0.40
CA ASN B 16 -33.28 10.14 1.54
C ASN B 16 -32.81 10.84 2.81
N LEU B 17 -33.74 11.43 3.54
CA LEU B 17 -33.45 12.15 4.77
C LEU B 17 -33.76 11.25 5.97
N HIS B 18 -32.85 11.24 6.93
CA HIS B 18 -33.00 10.39 8.11
C HIS B 18 -33.17 11.27 9.34
N THR B 19 -34.31 11.13 9.99
CA THR B 19 -34.65 11.99 11.12
C THR B 19 -33.74 11.66 12.31
N GLN B 20 -33.20 12.70 12.94
CA GLN B 20 -32.31 12.54 14.07
C GLN B 20 -32.60 13.62 15.10
N VAL B 21 -32.39 13.26 16.37
CA VAL B 21 -32.48 14.19 17.49
C VAL B 21 -31.08 14.31 18.08
N VAL B 22 -30.58 15.54 18.20
CA VAL B 22 -29.19 15.79 18.57
C VAL B 22 -29.12 16.53 19.90
N ASP B 23 -28.23 16.07 20.78
CA ASP B 23 -27.93 16.76 22.02
C ASP B 23 -27.06 17.97 21.74
N MET B 24 -27.49 19.14 22.21
CA MET B 24 -26.80 20.39 21.94
C MET B 24 -25.54 20.57 22.78
N SER B 25 -25.31 19.73 23.78
CA SER B 25 -24.13 19.83 24.62
C SER B 25 -22.94 19.05 24.05
N MET B 26 -23.15 18.26 23.01
CA MET B 26 -22.10 17.53 22.33
C MET B 26 -21.92 18.08 20.92
N THR B 27 -20.81 17.72 20.29
CA THR B 27 -20.56 18.13 18.91
C THR B 27 -21.20 17.14 17.94
N TYR B 28 -21.33 17.56 16.68
CA TYR B 28 -21.85 16.68 15.64
C TYR B 28 -20.95 15.47 15.45
N GLY B 29 -19.63 15.65 15.60
CA GLY B 29 -18.73 14.52 15.46
C GLY B 29 -18.95 13.46 16.52
N GLN B 30 -19.26 13.87 17.75
CA GLN B 30 -19.48 12.90 18.82
C GLN B 30 -20.73 12.08 18.55
N GLN B 31 -21.78 12.71 18.00
CA GLN B 31 -23.04 12.02 17.79
C GLN B 31 -23.18 11.42 16.40
N PHE B 32 -22.37 11.87 15.42
CA PHE B 32 -22.54 11.40 14.05
C PHE B 32 -21.26 10.95 13.37
N GLY B 33 -20.08 11.34 13.85
CA GLY B 33 -18.88 11.22 13.08
C GLY B 33 -18.70 12.45 12.20
N PRO B 34 -17.91 12.34 11.14
CA PRO B 34 -17.72 13.49 10.24
C PRO B 34 -19.05 13.93 9.64
N THR B 35 -19.33 15.23 9.77
CA THR B 35 -20.63 15.80 9.41
C THR B 35 -20.44 17.13 8.72
N TYR B 36 -21.26 17.38 7.70
CA TYR B 36 -21.13 18.56 6.87
C TYR B 36 -22.49 19.24 6.70
N LEU B 37 -22.46 20.56 6.63
CA LEU B 37 -23.65 21.38 6.44
C LEU B 37 -23.42 22.25 5.19
N ASP B 38 -23.96 21.81 4.06
CA ASP B 38 -23.76 22.46 2.77
C ASP B 38 -22.27 22.66 2.49
N GLY B 39 -21.50 21.58 2.66
CA GLY B 39 -20.08 21.60 2.43
C GLY B 39 -19.23 21.96 3.64
N ALA B 40 -19.74 22.82 4.52
CA ALA B 40 -18.97 23.24 5.67
C ALA B 40 -18.80 22.09 6.66
N ASP B 41 -17.56 21.88 7.09
CA ASP B 41 -17.27 20.84 8.07
C ASP B 41 -17.71 21.32 9.46
N VAL B 42 -18.70 20.65 10.04
CA VAL B 42 -19.24 21.00 11.35
C VAL B 42 -18.99 19.88 12.36
N THR B 43 -18.03 19.01 12.07
CA THR B 43 -17.74 17.87 12.96
C THR B 43 -17.49 18.32 14.39
N LYS B 44 -16.70 19.38 14.57
CA LYS B 44 -16.28 19.84 15.88
C LYS B 44 -16.98 21.13 16.29
N ILE B 45 -18.25 21.29 15.91
CA ILE B 45 -19.06 22.37 16.43
C ILE B 45 -20.31 21.78 17.07
N LYS B 46 -20.83 22.46 18.04
CA LYS B 46 -22.01 21.94 18.70
C LYS B 46 -23.27 22.50 18.06
N PRO B 47 -24.36 21.73 18.06
CA PRO B 47 -25.59 22.17 17.42
C PRO B 47 -26.03 23.56 17.87
N HIS B 48 -26.35 24.39 16.91
CA HIS B 48 -26.93 25.71 17.11
C HIS B 48 -28.44 25.63 16.97
N ASN B 49 -29.13 26.62 17.55
CA ASN B 49 -30.58 26.65 17.45
C ASN B 49 -31.03 26.81 15.99
N SER B 50 -30.24 27.51 15.18
CA SER B 50 -30.55 27.71 13.77
C SER B 50 -30.50 26.43 12.95
N HIS B 51 -29.98 25.35 13.50
CA HIS B 51 -29.82 24.10 12.77
C HIS B 51 -31.07 23.22 12.78
N GLU B 52 -32.09 23.59 13.54
CA GLU B 52 -33.30 22.78 13.62
C GLU B 52 -33.89 22.55 12.24
N GLY B 53 -34.26 21.31 11.95
CA GLY B 53 -34.87 20.96 10.68
C GLY B 53 -33.95 20.99 9.49
N LYS B 54 -32.65 21.25 9.68
CA LYS B 54 -31.73 21.34 8.56
C LYS B 54 -31.11 19.98 8.24
N THR B 55 -30.57 19.87 7.04
CA THR B 55 -30.04 18.62 6.51
C THR B 55 -28.52 18.63 6.58
N PHE B 56 -27.95 17.52 7.04
CA PHE B 56 -26.51 17.38 7.23
C PHE B 56 -26.04 16.14 6.48
N TYR B 57 -24.92 16.27 5.78
CA TYR B 57 -24.26 15.13 5.17
C TYR B 57 -23.41 14.41 6.21
N VAL B 58 -23.51 13.08 6.24
CA VAL B 58 -22.69 12.24 7.09
C VAL B 58 -22.03 11.19 6.21
N LEU B 59 -21.01 10.54 6.77
CA LEU B 59 -20.42 9.41 6.07
C LEU B 59 -21.27 8.16 6.30
N PRO B 60 -21.40 7.30 5.29
CA PRO B 60 -22.20 6.08 5.45
C PRO B 60 -21.53 5.11 6.41
N ASN B 61 -22.18 4.86 7.55
CA ASN B 61 -21.64 4.00 8.59
C ASN B 61 -22.43 2.72 8.78
N ASP B 62 -23.53 2.52 8.06
CA ASP B 62 -24.33 1.31 8.17
C ASP B 62 -24.81 0.89 6.79
N ASP B 63 -25.62 -0.18 6.76
CA ASP B 63 -26.07 -0.76 5.50
C ASP B 63 -26.95 0.22 4.72
N THR B 64 -27.90 0.87 5.40
CA THR B 64 -28.82 1.76 4.72
C THR B 64 -28.09 2.87 3.99
N LEU B 65 -27.20 3.57 4.70
CA LEU B 65 -26.48 4.69 4.10
C LEU B 65 -25.46 4.22 3.06
N ARG B 66 -24.83 3.07 3.29
CA ARG B 66 -23.86 2.56 2.32
C ARG B 66 -24.52 2.25 0.98
N VAL B 67 -25.70 1.64 1.01
CA VAL B 67 -26.39 1.30 -0.22
C VAL B 67 -26.96 2.55 -0.88
N GLU B 68 -27.49 3.49 -0.08
CA GLU B 68 -27.98 4.74 -0.64
C GLU B 68 -26.86 5.53 -1.29
N ALA B 69 -25.67 5.52 -0.67
CA ALA B 69 -24.53 6.24 -1.23
C ALA B 69 -24.05 5.57 -2.52
N PHE B 70 -24.02 4.24 -2.55
CA PHE B 70 -23.61 3.57 -3.78
C PHE B 70 -24.62 3.79 -4.89
N GLU B 71 -25.91 3.75 -4.56
CA GLU B 71 -26.92 3.92 -5.59
C GLU B 71 -26.92 5.33 -6.18
N TYR B 72 -26.48 6.32 -5.40
CA TYR B 72 -26.41 7.69 -5.89
C TYR B 72 -25.09 8.00 -6.58
N TYR B 73 -23.97 7.56 -6.00
CA TYR B 73 -22.65 7.95 -6.47
C TYR B 73 -21.95 6.88 -7.32
N HIS B 74 -22.42 5.63 -7.27
CA HIS B 74 -21.77 4.51 -7.96
C HIS B 74 -20.31 4.33 -7.54
N THR B 75 -20.01 4.62 -6.28
CA THR B 75 -18.68 4.41 -5.76
C THR B 75 -18.79 4.02 -4.29
N THR B 76 -17.81 3.24 -3.82
CA THR B 76 -17.68 2.88 -2.42
C THR B 76 -16.45 3.49 -1.77
N ASP B 77 -15.79 4.42 -2.46
CA ASP B 77 -14.61 5.10 -1.92
C ASP B 77 -14.99 5.82 -0.64
N PRO B 78 -14.48 5.38 0.52
CA PRO B 78 -14.85 6.02 1.79
C PRO B 78 -14.41 7.47 1.91
N SER B 79 -13.50 7.93 1.04
CA SER B 79 -13.04 9.31 1.06
C SER B 79 -13.85 10.22 0.15
N PHE B 80 -14.79 9.68 -0.62
CA PHE B 80 -15.47 10.48 -1.65
C PHE B 80 -16.30 11.60 -1.03
N LEU B 81 -17.16 11.26 -0.06
CA LEU B 81 -18.10 12.25 0.48
C LEU B 81 -17.37 13.41 1.11
N GLY B 82 -16.30 13.13 1.85
CA GLY B 82 -15.50 14.22 2.42
C GLY B 82 -14.86 15.09 1.35
N ARG B 83 -14.32 14.46 0.30
CA ARG B 83 -13.71 15.23 -0.77
C ARG B 83 -14.75 16.01 -1.56
N TYR B 84 -15.95 15.44 -1.73
CA TYR B 84 -17.03 16.16 -2.40
C TYR B 84 -17.48 17.36 -1.57
N MET B 85 -17.58 17.20 -0.24
CA MET B 85 -18.04 18.27 0.62
C MET B 85 -16.99 19.39 0.75
N SER B 86 -15.71 19.03 0.81
CA SER B 86 -14.67 20.05 0.92
C SER B 86 -14.58 20.89 -0.34
N ALA B 87 -14.79 20.27 -1.51
CA ALA B 87 -14.82 21.03 -2.75
C ALA B 87 -16.07 21.89 -2.84
N LEU B 88 -17.22 21.35 -2.41
CA LEU B 88 -18.47 22.10 -2.45
C LEU B 88 -18.42 23.31 -1.54
N ASN B 89 -17.70 23.20 -0.43
CA ASN B 89 -17.53 24.34 0.46
C ASN B 89 -16.91 25.53 -0.27
N HIS B 90 -16.16 25.26 -1.34
CA HIS B 90 -15.59 26.32 -2.17
C HIS B 90 -16.48 26.64 -3.38
N THR B 91 -16.88 25.61 -4.13
CA THR B 91 -17.57 25.86 -5.40
C THR B 91 -18.86 26.62 -5.21
N LYS B 92 -19.48 26.56 -4.03
CA LYS B 92 -20.74 27.26 -3.82
C LYS B 92 -20.53 28.77 -3.72
N LYS B 93 -19.34 29.20 -3.32
CA LYS B 93 -19.02 30.62 -3.30
C LYS B 93 -18.55 31.13 -4.66
N TRP B 94 -18.30 30.26 -5.62
CA TRP B 94 -17.96 30.70 -6.96
C TRP B 94 -19.16 31.38 -7.61
N LYS B 95 -18.88 32.16 -8.65
CA LYS B 95 -19.92 32.79 -9.44
C LYS B 95 -20.01 32.07 -10.78
N TYR B 96 -21.25 31.81 -11.22
CA TYR B 96 -21.51 31.02 -12.43
C TYR B 96 -22.32 31.88 -13.39
N PRO B 97 -21.68 32.81 -14.09
CA PRO B 97 -22.43 33.68 -15.01
C PRO B 97 -22.92 32.91 -16.23
N GLN B 98 -24.04 33.39 -16.78
CA GLN B 98 -24.52 32.92 -18.07
C GLN B 98 -23.82 33.71 -19.17
N VAL B 99 -23.11 33.00 -20.04
CA VAL B 99 -22.32 33.61 -21.11
C VAL B 99 -22.73 32.94 -22.42
N ASN B 100 -23.32 33.72 -23.33
CA ASN B 100 -23.69 33.23 -24.66
C ASN B 100 -24.55 31.97 -24.56
N GLY B 101 -25.49 31.96 -23.62
CA GLY B 101 -26.39 30.83 -23.45
C GLY B 101 -25.79 29.64 -22.72
N LEU B 102 -24.58 29.77 -22.18
CA LEU B 102 -23.92 28.68 -21.48
C LEU B 102 -23.58 29.11 -20.06
N THR B 103 -23.50 28.13 -19.16
CA THR B 103 -23.03 28.36 -17.80
C THR B 103 -21.51 28.25 -17.79
N SER B 104 -20.85 29.31 -17.34
CA SER B 104 -19.40 29.35 -17.15
C SER B 104 -19.12 29.54 -15.67
N ILE B 105 -17.86 29.82 -15.34
CA ILE B 105 -17.45 30.12 -13.97
C ILE B 105 -16.59 31.38 -13.99
N LYS B 106 -16.94 32.36 -13.16
CA LYS B 106 -16.04 33.47 -12.92
C LYS B 106 -14.74 32.91 -12.35
N TRP B 107 -13.61 33.48 -12.76
CA TRP B 107 -12.34 32.89 -12.38
C TRP B 107 -12.11 32.97 -10.88
N ALA B 108 -11.59 31.89 -10.33
CA ALA B 108 -11.27 31.77 -8.91
C ALA B 108 -10.58 30.42 -8.68
N ASP B 109 -9.58 30.40 -7.80
CA ASP B 109 -8.95 29.14 -7.37
C ASP B 109 -8.39 28.36 -8.56
N ASN B 110 -7.83 29.07 -9.54
CA ASN B 110 -7.15 28.45 -10.67
C ASN B 110 -8.07 27.51 -11.45
N ASN B 111 -9.32 27.93 -11.67
CA ASN B 111 -10.33 27.04 -12.22
C ASN B 111 -10.60 27.27 -13.72
N CYS B 112 -9.61 27.77 -14.46
CA CYS B 112 -9.78 27.94 -15.91
C CYS B 112 -10.09 26.60 -16.59
N TYR B 113 -9.42 25.53 -16.17
CA TYR B 113 -9.64 24.23 -16.80
C TYR B 113 -11.02 23.69 -16.47
N LEU B 114 -11.48 23.92 -15.23
CA LEU B 114 -12.83 23.48 -14.86
C LEU B 114 -13.88 24.21 -15.69
N ALA B 115 -13.73 25.52 -15.86
CA ALA B 115 -14.69 26.29 -16.66
C ALA B 115 -14.69 25.82 -18.11
N THR B 116 -13.51 25.59 -18.67
CA THR B 116 -13.42 25.11 -20.05
C THR B 116 -14.09 23.75 -20.18
N ALA B 117 -13.85 22.85 -19.22
CA ALA B 117 -14.51 21.54 -19.25
C ALA B 117 -16.02 21.69 -19.05
N LEU B 118 -16.43 22.57 -18.12
CA LEU B 118 -17.86 22.78 -17.88
C LEU B 118 -18.58 23.27 -19.13
N LEU B 119 -17.95 24.18 -19.89
CA LEU B 119 -18.58 24.66 -21.11
C LEU B 119 -18.65 23.57 -22.17
N THR B 120 -17.61 22.74 -22.25
CA THR B 120 -17.60 21.67 -23.24
C THR B 120 -18.69 20.65 -22.96
N LEU B 121 -18.85 20.26 -21.68
CA LEU B 121 -19.88 19.28 -21.32
C LEU B 121 -21.27 19.74 -21.72
N GLN B 122 -21.51 21.05 -21.78
CA GLN B 122 -22.83 21.55 -22.14
C GLN B 122 -23.09 21.50 -23.63
N GLN B 123 -22.09 21.17 -24.45
CA GLN B 123 -22.22 21.22 -25.90
C GLN B 123 -22.08 19.86 -26.57
N ILE B 124 -21.90 18.79 -25.81
CA ILE B 124 -21.81 17.45 -26.35
C ILE B 124 -22.92 16.61 -25.72
N GLU B 125 -23.43 15.65 -26.50
CA GLU B 125 -24.47 14.75 -26.00
C GLU B 125 -23.87 13.73 -25.05
N LEU B 126 -24.32 13.76 -23.79
CA LEU B 126 -23.73 12.92 -22.75
C LEU B 126 -24.79 12.59 -21.71
N LYS B 127 -24.83 11.33 -21.30
CA LYS B 127 -25.67 10.90 -20.18
C LYS B 127 -24.79 10.17 -19.16
N PHE B 128 -24.81 10.64 -17.92
CA PHE B 128 -24.01 10.05 -16.86
C PHE B 128 -24.79 8.93 -16.18
N ASN B 129 -24.07 7.88 -15.80
CA ASN B 129 -24.70 6.72 -15.16
C ASN B 129 -24.97 6.98 -13.69
N PRO B 130 -24.04 7.51 -12.90
CA PRO B 130 -24.35 7.83 -11.50
C PRO B 130 -25.43 8.89 -11.43
N PRO B 131 -26.50 8.65 -10.67
CA PRO B 131 -27.55 9.68 -10.53
C PRO B 131 -27.04 11.00 -9.99
N ALA B 132 -25.98 11.00 -9.18
CA ALA B 132 -25.44 12.25 -8.67
C ALA B 132 -24.91 13.12 -9.81
N LEU B 133 -24.14 12.53 -10.72
CA LEU B 133 -23.60 13.31 -11.83
C LEU B 133 -24.70 13.79 -12.75
N GLN B 134 -25.68 12.93 -13.07
CA GLN B 134 -26.73 13.32 -14.00
C GLN B 134 -27.62 14.42 -13.42
N ASP B 135 -27.96 14.33 -12.14
CA ASP B 135 -28.77 15.38 -11.52
C ASP B 135 -28.03 16.71 -11.49
N ALA B 136 -26.78 16.70 -11.01
CA ALA B 136 -25.98 17.92 -10.98
C ALA B 136 -25.72 18.45 -12.38
N TYR B 137 -25.67 17.56 -13.37
CA TYR B 137 -25.43 17.98 -14.75
C TYR B 137 -26.60 18.81 -15.29
N TYR B 138 -27.84 18.30 -15.13
CA TYR B 138 -29.02 19.07 -15.55
C TYR B 138 -29.04 20.44 -14.88
N ARG B 139 -28.81 20.47 -13.56
CA ARG B 139 -28.78 21.72 -12.82
C ARG B 139 -27.69 22.66 -13.33
N ALA B 140 -26.49 22.11 -13.59
CA ALA B 140 -25.40 22.91 -14.13
C ALA B 140 -25.75 23.47 -15.51
N ARG B 141 -26.34 22.63 -16.37
CA ARG B 141 -26.74 23.10 -17.69
C ARG B 141 -27.77 24.22 -17.56
N ALA B 142 -28.59 24.18 -16.51
CA ALA B 142 -29.62 25.18 -16.27
C ALA B 142 -29.11 26.38 -15.49
N GLY B 143 -27.91 26.30 -14.93
CA GLY B 143 -27.24 27.47 -14.38
C GLY B 143 -26.69 27.26 -12.99
N GLU B 144 -27.14 26.21 -12.29
CA GLU B 144 -26.73 25.95 -10.92
C GLU B 144 -25.67 24.85 -10.94
N ALA B 145 -24.40 25.27 -11.11
CA ALA B 145 -23.30 24.36 -11.42
C ALA B 145 -22.41 24.05 -10.23
N ALA B 146 -22.66 24.64 -9.06
CA ALA B 146 -21.78 24.46 -7.91
C ALA B 146 -21.61 22.99 -7.57
N ASN B 147 -22.73 22.25 -7.46
CA ASN B 147 -22.65 20.85 -7.09
C ASN B 147 -21.97 20.02 -8.18
N PHE B 148 -22.23 20.35 -9.45
CA PHE B 148 -21.63 19.61 -10.56
C PHE B 148 -20.11 19.76 -10.55
N CYS B 149 -19.61 20.98 -10.32
CA CYS B 149 -18.16 21.19 -10.29
C CYS B 149 -17.52 20.47 -9.10
N ALA B 150 -18.15 20.55 -7.93
CA ALA B 150 -17.64 19.84 -6.77
C ALA B 150 -17.62 18.33 -6.99
N LEU B 151 -18.63 17.81 -7.70
CA LEU B 151 -18.62 16.39 -8.04
C LEU B 151 -17.54 16.05 -9.06
N ILE B 152 -17.32 16.94 -10.04
CA ILE B 152 -16.25 16.71 -11.01
C ILE B 152 -14.90 16.63 -10.30
N LEU B 153 -14.67 17.57 -9.38
CA LEU B 153 -13.42 17.55 -8.61
C LEU B 153 -13.30 16.27 -7.80
N ALA B 154 -14.40 15.80 -7.21
CA ALA B 154 -14.36 14.61 -6.37
C ALA B 154 -14.15 13.34 -7.20
N TYR B 155 -14.83 13.22 -8.33
CA TYR B 155 -14.68 12.03 -9.17
C TYR B 155 -13.30 11.98 -9.83
N CYS B 156 -12.69 13.14 -10.10
CA CYS B 156 -11.37 13.20 -10.73
C CYS B 156 -10.23 13.15 -9.72
N ASN B 157 -10.53 13.10 -8.43
CA ASN B 157 -9.52 13.15 -7.37
C ASN B 157 -8.71 14.45 -7.40
N LYS B 158 -9.41 15.56 -7.58
CA LYS B 158 -8.80 16.89 -7.63
C LYS B 158 -9.38 17.76 -6.54
N THR B 159 -8.52 18.50 -5.87
CA THR B 159 -8.96 19.46 -4.87
C THR B 159 -8.99 20.86 -5.48
N VAL B 160 -9.75 21.74 -4.83
CA VAL B 160 -9.85 23.13 -5.27
C VAL B 160 -8.46 23.75 -5.26
N GLY B 161 -8.10 24.39 -6.38
CA GLY B 161 -6.82 25.06 -6.50
C GLY B 161 -5.76 24.29 -7.26
N GLU B 162 -5.89 22.96 -7.33
CA GLU B 162 -4.97 22.16 -8.11
C GLU B 162 -5.01 22.57 -9.58
N LEU B 163 -3.84 22.59 -10.21
CA LEU B 163 -3.79 22.79 -11.65
C LEU B 163 -4.35 21.56 -12.35
N GLY B 164 -5.34 21.77 -13.21
CA GLY B 164 -5.97 20.65 -13.88
C GLY B 164 -5.77 20.68 -15.38
N ASP B 165 -6.01 19.54 -16.02
CA ASP B 165 -5.93 19.41 -17.46
C ASP B 165 -7.30 19.01 -17.98
N VAL B 166 -7.72 19.66 -19.07
CA VAL B 166 -9.08 19.44 -19.57
C VAL B 166 -9.22 18.02 -20.10
N ARG B 167 -8.24 17.57 -20.89
CA ARG B 167 -8.30 16.22 -21.46
C ARG B 167 -8.37 15.16 -20.36
N GLU B 168 -7.50 15.29 -19.34
CA GLU B 168 -7.57 14.41 -18.19
C GLU B 168 -8.95 14.42 -17.55
N THR B 169 -9.54 15.61 -17.40
CA THR B 169 -10.83 15.72 -16.73
C THR B 169 -11.93 15.05 -17.52
N MET B 170 -12.00 15.30 -18.83
CA MET B 170 -13.02 14.67 -19.67
C MET B 170 -12.88 13.15 -19.61
N SER B 171 -11.65 12.65 -19.73
CA SER B 171 -11.42 11.22 -19.71
C SER B 171 -11.96 10.58 -18.43
N TYR B 172 -11.79 11.26 -17.28
CA TYR B 172 -12.36 10.77 -16.04
C TYR B 172 -13.88 10.76 -16.09
N LEU B 173 -14.49 11.85 -16.57
CA LEU B 173 -15.93 11.95 -16.58
C LEU B 173 -16.55 11.00 -17.59
N PHE B 174 -15.87 10.79 -18.71
CA PHE B 174 -16.38 9.87 -19.73
C PHE B 174 -16.49 8.45 -19.21
N GLN B 175 -15.68 8.09 -18.22
CA GLN B 175 -15.74 6.76 -17.65
C GLN B 175 -16.94 6.54 -16.73
N HIS B 176 -17.73 7.59 -16.47
CA HIS B 176 -19.01 7.46 -15.77
C HIS B 176 -20.19 7.73 -16.68
N ALA B 177 -19.97 8.01 -17.95
CA ALA B 177 -21.05 8.21 -18.90
C ALA B 177 -21.42 6.90 -19.58
N ASN B 178 -22.64 6.85 -20.10
CA ASN B 178 -23.10 5.71 -20.89
C ASN B 178 -22.60 5.89 -22.31
N LEU B 179 -21.46 5.26 -22.63
CA LEU B 179 -20.90 5.28 -23.97
C LEU B 179 -20.98 3.92 -24.65
N ASP B 180 -21.93 3.07 -24.24
CA ASP B 180 -22.06 1.74 -24.82
C ASP B 180 -22.37 1.81 -26.31
N SER B 181 -23.14 2.81 -26.72
CA SER B 181 -23.51 2.95 -28.13
C SER B 181 -22.36 3.46 -28.98
N CYS B 182 -21.23 3.84 -28.39
CA CYS B 182 -20.13 4.46 -29.12
C CYS B 182 -19.17 3.39 -29.63
N LYS B 183 -18.93 3.37 -30.93
CA LYS B 183 -18.06 2.38 -31.56
C LYS B 183 -17.11 3.07 -32.54
N ARG B 184 -15.85 2.64 -32.53
CA ARG B 184 -14.85 3.11 -33.48
C ARG B 184 -14.13 1.90 -34.06
N VAL B 185 -13.92 1.92 -35.38
CA VAL B 185 -13.18 0.88 -36.07
C VAL B 185 -12.00 1.53 -36.79
N LEU B 186 -10.79 1.04 -36.50
CA LEU B 186 -9.57 1.55 -37.11
C LEU B 186 -8.95 0.50 -38.02
N ASN B 187 -8.20 0.99 -39.01
CA ASN B 187 -7.47 0.14 -39.93
C ASN B 187 -6.00 0.55 -39.92
N VAL B 188 -5.12 -0.42 -39.78
CA VAL B 188 -3.67 -0.22 -39.89
C VAL B 188 -3.20 -1.01 -41.11
N VAL B 189 -2.60 -0.32 -42.07
CA VAL B 189 -2.25 -0.91 -43.36
C VAL B 189 -0.76 -0.80 -43.58
N CYS B 190 -0.10 -1.94 -43.75
CA CYS B 190 1.26 -2.02 -44.23
C CYS B 190 1.25 -2.66 -45.62
N LYS B 191 1.99 -2.05 -46.55
CA LYS B 191 2.01 -2.57 -47.92
C LYS B 191 2.50 -4.01 -47.99
N THR B 192 3.26 -4.48 -47.00
CA THR B 192 3.79 -5.83 -46.99
C THR B 192 3.00 -6.78 -46.10
N CYS B 193 2.65 -6.36 -44.88
CA CYS B 193 2.02 -7.23 -43.90
C CYS B 193 0.51 -7.32 -44.05
N GLY B 194 -0.10 -6.46 -44.86
CA GLY B 194 -1.55 -6.45 -44.98
C GLY B 194 -2.19 -5.50 -43.99
N GLN B 195 -3.52 -5.56 -43.96
CA GLN B 195 -4.32 -4.68 -43.13
C GLN B 195 -4.78 -5.39 -41.87
N GLN B 196 -4.77 -4.68 -40.75
CA GLN B 196 -5.24 -5.19 -39.47
C GLN B 196 -6.26 -4.22 -38.90
N GLN B 197 -7.42 -4.72 -38.50
CA GLN B 197 -8.48 -3.89 -37.94
C GLN B 197 -8.48 -3.98 -36.42
N THR B 198 -8.96 -2.91 -35.80
CA THR B 198 -9.15 -2.86 -34.35
C THR B 198 -10.46 -2.14 -34.07
N THR B 199 -11.23 -2.67 -33.13
CA THR B 199 -12.53 -2.12 -32.76
C THR B 199 -12.44 -1.60 -31.34
N LEU B 200 -12.76 -0.33 -31.16
CA LEU B 200 -12.72 0.32 -29.86
C LEU B 200 -14.13 0.65 -29.40
N LYS B 201 -14.30 0.68 -28.09
CA LYS B 201 -15.61 0.95 -27.49
C LYS B 201 -15.43 1.90 -26.31
N GLY B 202 -16.50 2.62 -25.99
CA GLY B 202 -16.48 3.47 -24.80
C GLY B 202 -15.60 4.69 -24.99
N VAL B 203 -14.83 5.01 -23.94
CA VAL B 203 -14.03 6.24 -23.95
C VAL B 203 -12.97 6.18 -25.03
N GLU B 204 -12.37 5.00 -25.26
CA GLU B 204 -11.37 4.85 -26.31
C GLU B 204 -11.95 5.08 -27.70
N ALA B 205 -13.27 4.95 -27.85
CA ALA B 205 -13.89 5.11 -29.16
C ALA B 205 -14.25 6.55 -29.49
N VAL B 206 -14.19 7.46 -28.52
CA VAL B 206 -14.49 8.88 -28.75
C VAL B 206 -13.30 9.78 -28.49
N MET B 207 -12.15 9.24 -28.12
CA MET B 207 -10.99 10.05 -27.78
C MET B 207 -9.79 9.63 -28.62
N TYR B 208 -8.99 10.61 -29.02
CA TYR B 208 -7.78 10.36 -29.77
C TYR B 208 -6.73 11.40 -29.40
N MET B 209 -5.50 10.92 -29.18
CA MET B 209 -4.37 11.78 -28.85
C MET B 209 -3.37 11.71 -29.98
N GLY B 210 -3.08 12.86 -30.61
CA GLY B 210 -2.13 12.88 -31.69
C GLY B 210 -2.33 14.00 -32.70
N THR B 211 -3.58 14.29 -33.06
CA THR B 211 -3.87 15.36 -34.00
C THR B 211 -5.16 16.05 -33.59
N LEU B 212 -5.23 17.35 -33.88
CA LEU B 212 -6.45 18.11 -33.68
C LEU B 212 -7.47 17.89 -34.78
N SER B 213 -7.03 17.35 -35.92
CA SER B 213 -7.84 17.30 -37.13
C SER B 213 -8.58 15.97 -37.24
N TYR B 214 -9.91 16.04 -37.25
CA TYR B 214 -10.74 14.87 -37.52
C TYR B 214 -10.55 14.40 -38.95
N GLU B 215 -10.48 15.32 -39.91
CA GLU B 215 -10.27 14.94 -41.30
C GLU B 215 -8.92 14.24 -41.48
N GLN B 216 -7.91 14.68 -40.74
CA GLN B 216 -6.61 14.00 -40.79
C GLN B 216 -6.71 12.58 -40.26
N PHE B 217 -7.43 12.41 -39.14
CA PHE B 217 -7.76 11.08 -38.64
C PHE B 217 -8.43 10.23 -39.71
N LYS B 218 -9.32 10.85 -40.50
CA LYS B 218 -10.02 10.13 -41.55
C LYS B 218 -9.10 9.78 -42.70
N LYS B 219 -8.14 10.66 -43.02
CA LYS B 219 -7.25 10.39 -44.14
C LYS B 219 -6.15 9.40 -43.79
N GLY B 220 -5.75 9.33 -42.51
CA GLY B 220 -4.66 8.45 -42.12
C GLY B 220 -3.47 9.18 -41.54
N VAL B 221 -2.82 8.54 -40.58
CA VAL B 221 -1.59 9.05 -39.98
C VAL B 221 -0.52 7.97 -40.09
N GLN B 222 0.71 8.38 -40.37
CA GLN B 222 1.80 7.43 -40.45
C GLN B 222 2.20 6.98 -39.05
N ILE B 223 2.22 5.67 -38.84
CA ILE B 223 2.75 5.08 -37.61
C ILE B 223 3.76 4.01 -38.01
N PRO B 224 4.80 3.78 -37.22
CA PRO B 224 5.77 2.75 -37.58
C PRO B 224 5.19 1.35 -37.40
N CYS B 225 5.69 0.43 -38.21
CA CYS B 225 5.15 -0.92 -38.17
C CYS B 225 6.12 -1.88 -37.50
N THR B 226 6.16 -3.11 -38.01
CA THR B 226 7.20 -4.08 -37.72
C THR B 226 7.92 -4.48 -38.98
N CYS B 227 7.57 -3.86 -40.12
CA CYS B 227 7.90 -4.37 -41.44
C CYS B 227 9.00 -3.56 -42.13
N GLY B 228 8.66 -2.99 -43.30
CA GLY B 228 9.45 -1.96 -43.95
C GLY B 228 9.00 -0.60 -43.45
N LYS B 229 8.91 0.37 -44.36
CA LYS B 229 8.72 1.77 -43.96
C LYS B 229 7.31 2.08 -43.48
N GLN B 230 7.08 1.88 -42.17
CA GLN B 230 5.90 2.39 -41.46
C GLN B 230 4.59 1.79 -41.94
N ALA B 231 3.48 2.41 -41.54
CA ALA B 231 2.14 1.97 -41.91
C ALA B 231 1.18 3.14 -41.71
N THR B 232 -0.03 2.99 -42.25
CA THR B 232 -1.04 4.04 -42.18
C THR B 232 -2.20 3.56 -41.31
N LYS B 233 -2.56 4.38 -40.32
CA LYS B 233 -3.72 4.14 -39.47
C LYS B 233 -4.79 5.17 -39.81
N TYR B 234 -6.02 4.70 -40.06
CA TYR B 234 -7.09 5.62 -40.40
C TYR B 234 -8.41 5.11 -39.85
N LEU B 235 -9.38 6.01 -39.79
CA LEU B 235 -10.69 5.73 -39.23
C LEU B 235 -11.54 5.00 -40.28
N VAL B 236 -12.04 3.82 -39.93
CA VAL B 236 -12.88 3.03 -40.83
C VAL B 236 -14.33 3.42 -40.59
N GLN B 237 -14.78 3.31 -39.34
CA GLN B 237 -16.15 3.61 -38.97
C GLN B 237 -16.15 4.28 -37.61
N GLN B 238 -17.00 5.29 -37.47
CA GLN B 238 -17.21 5.99 -36.21
C GLN B 238 -18.70 6.04 -35.95
N GLU B 239 -19.10 5.68 -34.73
CA GLU B 239 -20.50 5.76 -34.31
C GLU B 239 -20.49 6.36 -32.92
N SER B 240 -20.85 7.64 -32.82
CA SER B 240 -20.78 8.39 -31.58
C SER B 240 -21.47 9.73 -31.78
N PRO B 241 -21.99 10.36 -30.72
CA PRO B 241 -22.54 11.71 -30.86
C PRO B 241 -21.47 12.78 -31.00
N PHE B 242 -20.21 12.46 -30.68
CA PHE B 242 -19.13 13.43 -30.73
C PHE B 242 -17.81 12.66 -30.78
N VAL B 243 -16.77 13.34 -31.24
CA VAL B 243 -15.41 12.84 -31.10
C VAL B 243 -14.57 13.95 -30.50
N MET B 244 -13.51 13.55 -29.80
CA MET B 244 -12.58 14.46 -29.15
C MET B 244 -11.18 14.21 -29.68
N MET B 245 -10.61 15.21 -30.34
CA MET B 245 -9.27 15.14 -30.91
C MET B 245 -8.34 16.02 -30.09
N SER B 246 -7.30 15.42 -29.52
CA SER B 246 -6.36 16.11 -28.67
C SER B 246 -4.94 16.00 -29.25
N ALA B 247 -4.11 16.98 -28.92
CA ALA B 247 -2.73 17.01 -29.37
C ALA B 247 -1.95 18.01 -28.53
N PRO B 248 -0.63 17.86 -28.39
CA PRO B 248 0.18 18.86 -27.70
C PRO B 248 -0.13 20.25 -28.21
N PRO B 249 -0.15 21.25 -27.33
CA PRO B 249 -0.56 22.60 -27.72
C PRO B 249 0.24 23.12 -28.92
N ALA B 250 -0.49 23.66 -29.90
CA ALA B 250 0.12 24.15 -31.12
C ALA B 250 -0.78 25.19 -31.75
N GLN B 251 -0.16 26.14 -32.46
CA GLN B 251 -0.93 27.08 -33.26
C GLN B 251 -1.79 26.33 -34.26
N TYR B 252 -3.05 26.75 -34.37
CA TYR B 252 -4.04 26.02 -35.16
C TYR B 252 -5.14 26.98 -35.55
N GLU B 253 -5.48 26.99 -36.84
CA GLU B 253 -6.60 27.79 -37.31
C GLU B 253 -7.90 27.03 -37.09
N LEU B 254 -8.89 27.70 -36.51
CA LEU B 254 -10.22 27.13 -36.29
C LEU B 254 -11.20 27.88 -37.19
N LYS B 255 -11.76 27.16 -38.16
CA LYS B 255 -12.69 27.74 -39.11
C LYS B 255 -14.12 27.58 -38.61
N HIS B 256 -14.91 28.65 -38.73
CA HIS B 256 -16.29 28.62 -38.28
C HIS B 256 -17.07 27.49 -38.95
N GLY B 257 -17.94 26.85 -38.17
CA GLY B 257 -18.77 25.78 -38.67
C GLY B 257 -18.07 24.47 -38.95
N THR B 258 -16.78 24.35 -38.61
CA THR B 258 -16.04 23.13 -38.86
C THR B 258 -15.80 22.31 -37.61
N PHE B 259 -16.25 22.80 -36.45
CA PHE B 259 -16.07 22.11 -35.19
C PHE B 259 -17.20 22.52 -34.24
N THR B 260 -17.27 21.83 -33.11
CA THR B 260 -18.23 22.18 -32.06
C THR B 260 -17.62 23.14 -31.04
N CYS B 261 -16.56 22.71 -30.36
CA CYS B 261 -15.83 23.59 -29.46
C CYS B 261 -14.41 23.08 -29.32
N ALA B 262 -13.58 23.87 -28.64
CA ALA B 262 -12.15 23.64 -28.65
C ALA B 262 -11.53 24.24 -27.41
N SER B 263 -10.42 23.66 -26.98
CA SER B 263 -9.69 24.11 -25.82
C SER B 263 -8.47 24.91 -26.26
N GLU B 264 -8.40 26.18 -25.87
CA GLU B 264 -7.22 27.00 -26.10
C GLU B 264 -6.33 26.97 -24.85
N TYR B 265 -5.03 26.78 -25.06
CA TYR B 265 -4.07 26.64 -23.98
C TYR B 265 -2.88 27.55 -24.29
N THR B 266 -2.71 28.61 -23.50
CA THR B 266 -1.69 29.62 -23.74
C THR B 266 -0.67 29.62 -22.61
N GLY B 267 0.60 29.55 -22.98
CA GLY B 267 1.65 29.79 -22.00
C GLY B 267 2.55 28.60 -21.74
N ASN B 268 3.27 28.66 -20.63
CA ASN B 268 4.21 27.60 -20.26
C ASN B 268 3.47 26.26 -20.17
N TYR B 269 4.16 25.18 -20.53
CA TYR B 269 3.53 23.88 -20.63
C TYR B 269 3.07 23.33 -19.28
N GLN B 270 3.63 23.83 -18.17
CA GLN B 270 3.24 23.32 -16.85
C GLN B 270 1.96 23.95 -16.32
N CYS B 271 1.47 25.03 -16.94
CA CYS B 271 0.55 25.91 -16.24
C CYS B 271 -0.13 26.89 -17.18
N GLY B 272 -0.40 26.45 -18.40
CA GLY B 272 -1.02 27.33 -19.37
C GLY B 272 -2.40 27.80 -18.93
N HIS B 273 -2.86 28.81 -19.65
CA HIS B 273 -4.17 29.41 -19.42
C HIS B 273 -5.18 28.76 -20.36
N TYR B 274 -6.15 28.05 -19.78
CA TYR B 274 -7.19 27.42 -20.59
C TYR B 274 -8.27 28.44 -20.96
N LYS B 275 -8.65 28.45 -22.23
CA LYS B 275 -9.79 29.22 -22.71
C LYS B 275 -10.63 28.33 -23.59
N HIS B 276 -11.91 28.69 -23.71
CA HIS B 276 -12.88 27.85 -24.42
C HIS B 276 -13.33 28.54 -25.69
N ILE B 277 -13.03 27.93 -26.84
CA ILE B 277 -13.49 28.40 -28.14
C ILE B 277 -14.71 27.59 -28.53
N THR B 278 -15.76 28.25 -28.98
CA THR B 278 -16.97 27.57 -29.42
C THR B 278 -17.42 28.16 -30.75
N SER B 279 -18.01 27.29 -31.58
CA SER B 279 -18.50 27.66 -32.91
C SER B 279 -20.02 27.68 -32.88
N LYS B 280 -20.61 28.88 -32.87
CA LYS B 280 -22.06 29.01 -32.96
C LYS B 280 -22.43 29.70 -34.27
N GLU B 281 -23.22 30.77 -34.19
CA GLU B 281 -23.48 31.56 -35.39
C GLU B 281 -22.23 32.33 -35.82
N THR B 282 -21.32 32.57 -34.89
CA THR B 282 -19.95 33.01 -35.19
C THR B 282 -19.03 32.42 -34.14
N LEU B 283 -17.76 32.80 -34.17
CA LEU B 283 -16.80 32.28 -33.20
C LEU B 283 -16.89 33.03 -31.88
N TYR B 284 -16.81 32.29 -30.78
CA TYR B 284 -16.86 32.86 -29.44
C TYR B 284 -15.74 32.28 -28.60
N CYS B 285 -15.06 33.15 -27.85
CA CYS B 285 -14.06 32.74 -26.87
C CYS B 285 -14.59 33.09 -25.50
N ILE B 286 -14.83 32.07 -24.69
CA ILE B 286 -15.27 32.24 -23.31
C ILE B 286 -14.07 32.02 -22.40
N ASP B 287 -13.78 33.01 -21.55
CA ASP B 287 -12.66 32.99 -20.62
C ASP B 287 -13.23 33.30 -19.24
N GLY B 288 -13.83 32.30 -18.63
CA GLY B 288 -14.55 32.54 -17.40
C GLY B 288 -15.75 33.41 -17.66
N ALA B 289 -15.80 34.58 -17.02
CA ALA B 289 -16.91 35.50 -17.19
C ALA B 289 -16.81 36.33 -18.45
N LEU B 290 -15.69 36.29 -19.17
CA LEU B 290 -15.45 37.17 -20.30
C LEU B 290 -15.74 36.46 -21.61
N LEU B 291 -16.58 37.07 -22.43
CA LEU B 291 -16.92 36.59 -23.76
C LEU B 291 -16.30 37.50 -24.80
N THR B 292 -15.67 36.91 -25.82
CA THR B 292 -15.17 37.66 -26.96
C THR B 292 -15.74 37.05 -28.23
N LYS B 293 -16.35 37.90 -29.06
CA LYS B 293 -16.89 37.50 -30.35
C LYS B 293 -15.86 37.77 -31.42
N SER B 294 -15.79 36.90 -32.43
CA SER B 294 -14.83 37.14 -33.51
C SER B 294 -15.28 36.42 -34.77
N SER B 295 -14.74 36.88 -35.91
CA SER B 295 -14.96 36.27 -37.22
C SER B 295 -13.94 35.18 -37.53
N GLU B 296 -12.92 35.05 -36.71
CA GLU B 296 -11.64 34.48 -37.11
C GLU B 296 -10.94 33.93 -35.88
N TYR B 297 -10.19 32.85 -36.06
CA TYR B 297 -9.38 32.35 -34.96
C TYR B 297 -8.15 31.62 -35.46
N LYS B 298 -7.00 31.98 -34.89
CA LYS B 298 -5.80 31.16 -34.89
C LYS B 298 -5.11 31.38 -33.56
N GLY B 299 -4.76 30.28 -32.89
CA GLY B 299 -4.15 30.34 -31.59
C GLY B 299 -3.72 28.95 -31.15
N PRO B 300 -3.18 28.84 -29.94
CA PRO B 300 -2.70 27.53 -29.44
C PRO B 300 -3.83 26.68 -28.93
N ILE B 301 -4.16 25.62 -29.66
CA ILE B 301 -5.27 24.73 -29.36
C ILE B 301 -4.72 23.39 -28.90
N THR B 302 -5.41 22.77 -27.94
CA THR B 302 -5.02 21.45 -27.46
C THR B 302 -6.12 20.39 -27.53
N ASP B 303 -7.40 20.78 -27.61
CA ASP B 303 -8.50 19.85 -27.83
C ASP B 303 -9.47 20.47 -28.81
N VAL B 304 -9.98 19.67 -29.74
CA VAL B 304 -11.10 20.06 -30.60
C VAL B 304 -12.18 18.98 -30.51
N PHE B 305 -13.43 19.42 -30.35
CA PHE B 305 -14.58 18.54 -30.30
C PHE B 305 -15.40 18.74 -31.57
N TYR B 306 -15.79 17.62 -32.20
CA TYR B 306 -16.62 17.67 -33.39
C TYR B 306 -17.91 16.90 -33.14
N LYS B 307 -18.98 17.34 -33.81
CA LYS B 307 -20.25 16.62 -33.78
C LYS B 307 -20.17 15.41 -34.70
N GLU B 308 -20.80 14.32 -34.29
CA GLU B 308 -20.78 13.10 -35.08
C GLU B 308 -22.10 12.36 -34.87
N ASN B 309 -22.45 11.50 -35.82
CA ASN B 309 -23.50 10.51 -35.62
C ASN B 309 -22.99 9.16 -36.12
N SER B 310 -22.80 9.02 -37.42
CA SER B 310 -22.12 7.85 -37.95
C SER B 310 -21.35 8.24 -39.20
N TYR B 311 -20.16 7.69 -39.32
CA TYR B 311 -19.29 7.95 -40.44
C TYR B 311 -18.66 6.64 -40.87
N THR B 312 -18.61 6.42 -42.18
CA THR B 312 -17.90 5.28 -42.76
C THR B 312 -16.98 5.81 -43.84
N THR B 313 -15.74 5.34 -43.82
CA THR B 313 -14.73 5.79 -44.77
C THR B 313 -15.13 5.45 -46.20
N THR B 314 -14.56 6.19 -47.15
CA THR B 314 -14.61 5.83 -48.57
C THR B 314 -13.31 5.22 -49.05
N ILE B 315 -12.35 5.01 -48.16
CA ILE B 315 -11.14 4.27 -48.49
C ILE B 315 -11.48 2.80 -48.70
N VAL C 3 0.37 -17.52 -57.31
CA VAL C 3 0.70 -17.23 -55.92
C VAL C 3 1.15 -18.51 -55.20
N ARG C 4 1.87 -18.35 -54.09
CA ARG C 4 2.51 -19.47 -53.44
C ARG C 4 1.58 -20.13 -52.42
N THR C 5 1.83 -21.42 -52.19
CA THR C 5 0.96 -22.21 -51.33
C THR C 5 1.24 -21.87 -49.87
N ILE C 6 0.18 -21.52 -49.14
CA ILE C 6 0.26 -21.11 -47.75
C ILE C 6 -0.49 -22.12 -46.90
N LYS C 7 0.13 -22.57 -45.81
CA LYS C 7 -0.47 -23.55 -44.92
C LYS C 7 -0.66 -22.93 -43.55
N VAL C 8 -1.84 -23.17 -42.95
CA VAL C 8 -2.15 -22.76 -41.60
C VAL C 8 -2.60 -23.98 -40.81
N PHE C 9 -2.72 -23.80 -39.50
CA PHE C 9 -3.28 -24.80 -38.60
C PHE C 9 -4.67 -24.39 -38.18
N THR C 10 -5.62 -25.31 -38.28
CA THR C 10 -6.91 -25.13 -37.64
C THR C 10 -6.98 -26.02 -36.41
N THR C 11 -7.88 -25.66 -35.49
CA THR C 11 -7.99 -26.37 -34.23
C THR C 11 -9.31 -25.99 -33.57
N VAL C 12 -9.76 -26.85 -32.66
CA VAL C 12 -10.86 -26.52 -31.76
C VAL C 12 -10.41 -26.43 -30.31
N ASP C 13 -9.20 -26.90 -29.98
CA ASP C 13 -8.75 -26.96 -28.59
C ASP C 13 -7.36 -26.39 -28.38
N ASN C 14 -6.66 -25.97 -29.43
CA ASN C 14 -5.29 -25.47 -29.39
C ASN C 14 -4.29 -26.52 -28.91
N ILE C 15 -4.67 -27.80 -28.96
CA ILE C 15 -3.78 -28.90 -28.66
C ILE C 15 -3.56 -29.78 -29.88
N ASN C 16 -4.64 -30.12 -30.58
CA ASN C 16 -4.58 -30.89 -31.80
C ASN C 16 -4.67 -29.92 -32.97
N LEU C 17 -3.57 -29.77 -33.70
CA LEU C 17 -3.47 -28.83 -34.80
C LEU C 17 -3.57 -29.59 -36.12
N HIS C 18 -4.34 -29.05 -37.06
CA HIS C 18 -4.58 -29.68 -38.34
C HIS C 18 -4.11 -28.76 -39.47
N THR C 19 -3.15 -29.23 -40.26
CA THR C 19 -2.56 -28.43 -41.32
C THR C 19 -3.55 -28.28 -42.47
N GLN C 20 -3.71 -27.06 -42.96
CA GLN C 20 -4.61 -26.76 -44.07
C GLN C 20 -3.91 -25.87 -45.08
N VAL C 21 -4.00 -26.24 -46.36
CA VAL C 21 -3.76 -25.28 -47.42
C VAL C 21 -4.92 -24.30 -47.45
N VAL C 22 -4.61 -23.03 -47.48
CA VAL C 22 -5.63 -21.99 -47.51
C VAL C 22 -5.81 -21.51 -48.95
N ASP C 23 -7.05 -21.23 -49.31
CA ASP C 23 -7.38 -20.68 -50.62
C ASP C 23 -7.33 -19.16 -50.54
N MET C 24 -6.47 -18.54 -51.37
CA MET C 24 -6.31 -17.09 -51.34
C MET C 24 -7.50 -16.35 -51.89
N SER C 25 -8.34 -17.01 -52.70
CA SER C 25 -9.45 -16.37 -53.38
C SER C 25 -10.75 -16.45 -52.59
N MET C 26 -10.70 -16.97 -51.36
CA MET C 26 -11.90 -17.13 -50.55
C MET C 26 -11.63 -16.57 -49.16
N THR C 27 -12.70 -16.13 -48.50
CA THR C 27 -12.59 -15.80 -47.09
C THR C 27 -12.43 -17.06 -46.26
N TYR C 28 -11.90 -16.89 -45.05
CA TYR C 28 -11.84 -18.00 -44.10
C TYR C 28 -13.23 -18.58 -43.85
N GLY C 29 -14.26 -17.74 -43.87
CA GLY C 29 -15.61 -18.24 -43.68
C GLY C 29 -16.06 -19.17 -44.79
N GLN C 30 -15.75 -18.82 -46.03
CA GLN C 30 -16.13 -19.68 -47.15
C GLN C 30 -15.36 -20.99 -47.16
N GLN C 31 -14.19 -21.05 -46.50
CA GLN C 31 -13.37 -22.25 -46.45
C GLN C 31 -13.66 -23.09 -45.20
N PHE C 32 -13.72 -22.45 -44.03
CA PHE C 32 -13.73 -23.17 -42.76
C PHE C 32 -14.99 -22.96 -41.93
N GLY C 33 -15.86 -22.03 -42.31
CA GLY C 33 -16.92 -21.58 -41.43
C GLY C 33 -16.40 -20.46 -40.55
N PRO C 34 -17.06 -20.20 -39.43
CA PRO C 34 -16.54 -19.23 -38.46
C PRO C 34 -15.10 -19.55 -38.07
N THR C 35 -14.25 -18.54 -38.17
CA THR C 35 -12.81 -18.69 -37.93
C THR C 35 -12.33 -17.56 -37.03
N TYR C 36 -11.41 -17.88 -36.13
CA TYR C 36 -10.91 -16.93 -35.14
C TYR C 36 -9.41 -17.04 -35.04
N LEU C 37 -8.75 -15.89 -34.92
CA LEU C 37 -7.30 -15.80 -34.74
C LEU C 37 -7.04 -15.06 -33.44
N ASP C 38 -6.52 -15.77 -32.44
CA ASP C 38 -6.31 -15.22 -31.10
C ASP C 38 -7.58 -14.55 -30.58
N GLY C 39 -8.71 -15.21 -30.79
CA GLY C 39 -10.00 -14.70 -30.38
C GLY C 39 -10.66 -13.73 -31.34
N ALA C 40 -9.92 -13.18 -32.30
CA ALA C 40 -10.47 -12.22 -33.24
C ALA C 40 -11.19 -12.94 -34.38
N ASP C 41 -12.37 -12.45 -34.72
CA ASP C 41 -13.18 -13.04 -35.78
C ASP C 41 -12.59 -12.65 -37.14
N VAL C 42 -12.06 -13.63 -37.87
CA VAL C 42 -11.51 -13.39 -39.20
C VAL C 42 -12.36 -14.08 -40.27
N THR C 43 -13.61 -14.44 -39.93
CA THR C 43 -14.50 -15.14 -40.85
C THR C 43 -14.65 -14.41 -42.17
N LYS C 44 -14.64 -13.08 -42.14
CA LYS C 44 -14.97 -12.28 -43.32
C LYS C 44 -13.76 -11.81 -44.12
N ILE C 45 -12.55 -12.21 -43.75
CA ILE C 45 -11.36 -11.75 -44.44
C ILE C 45 -10.75 -12.92 -45.22
N LYS C 46 -10.08 -12.57 -46.32
CA LYS C 46 -9.34 -13.54 -47.10
C LYS C 46 -7.96 -13.75 -46.50
N PRO C 47 -7.32 -14.89 -46.79
CA PRO C 47 -6.02 -15.16 -46.20
C PRO C 47 -4.94 -14.23 -46.74
N HIS C 48 -3.89 -14.09 -45.95
CA HIS C 48 -2.74 -13.29 -46.30
C HIS C 48 -1.49 -14.12 -46.05
N ASN C 49 -0.46 -13.87 -46.86
CA ASN C 49 0.80 -14.61 -46.71
C ASN C 49 1.34 -14.53 -45.30
N SER C 50 1.06 -13.43 -44.59
CA SER C 50 1.53 -13.27 -43.21
C SER C 50 0.86 -14.24 -42.25
N HIS C 51 -0.25 -14.87 -42.64
CA HIS C 51 -0.91 -15.85 -41.79
C HIS C 51 -0.21 -17.21 -41.79
N GLU C 52 0.82 -17.39 -42.60
CA GLU C 52 1.45 -18.69 -42.77
C GLU C 52 1.94 -19.24 -41.42
N GLY C 53 1.55 -20.47 -41.13
CA GLY C 53 1.97 -21.11 -39.89
C GLY C 53 1.26 -20.66 -38.65
N LYS C 54 0.21 -19.86 -38.77
CA LYS C 54 -0.55 -19.45 -37.60
C LYS C 54 -1.68 -20.43 -37.31
N THR C 55 -2.15 -20.42 -36.07
CA THR C 55 -3.21 -21.30 -35.61
C THR C 55 -4.53 -20.56 -35.61
N PHE C 56 -5.55 -21.16 -36.21
CA PHE C 56 -6.89 -20.60 -36.25
C PHE C 56 -7.87 -21.55 -35.59
N TYR C 57 -8.77 -21.00 -34.78
CA TYR C 57 -9.88 -21.78 -34.24
C TYR C 57 -11.01 -21.86 -35.26
N VAL C 58 -11.61 -23.05 -35.37
CA VAL C 58 -12.74 -23.29 -36.24
C VAL C 58 -13.82 -24.01 -35.44
N LEU C 59 -15.02 -24.08 -36.01
CA LEU C 59 -16.05 -24.87 -35.37
C LEU C 59 -16.03 -26.30 -35.90
N PRO C 60 -16.28 -27.30 -35.05
CA PRO C 60 -16.22 -28.69 -35.50
C PRO C 60 -17.30 -28.97 -36.54
N ASN C 61 -16.88 -29.56 -37.67
CA ASN C 61 -17.81 -29.98 -38.71
C ASN C 61 -17.55 -31.41 -39.17
N ASP C 62 -16.79 -32.18 -38.39
CA ASP C 62 -16.59 -33.60 -38.69
C ASP C 62 -16.32 -34.32 -37.36
N ASP C 63 -16.34 -35.65 -37.43
CA ASP C 63 -16.23 -36.47 -36.22
C ASP C 63 -14.90 -36.22 -35.50
N THR C 64 -13.83 -36.01 -36.26
CA THR C 64 -12.53 -35.76 -35.63
C THR C 64 -12.57 -34.49 -34.77
N LEU C 65 -13.05 -33.39 -35.35
CA LEU C 65 -13.05 -32.14 -34.61
C LEU C 65 -14.10 -32.14 -33.50
N ARG C 66 -15.25 -32.80 -33.75
CA ARG C 66 -16.27 -32.87 -32.71
C ARG C 66 -15.76 -33.60 -31.48
N VAL C 67 -15.05 -34.72 -31.67
CA VAL C 67 -14.50 -35.46 -30.55
C VAL C 67 -13.50 -34.60 -29.79
N GLU C 68 -12.63 -33.89 -30.51
CA GLU C 68 -11.66 -33.03 -29.85
C GLU C 68 -12.35 -31.92 -29.06
N ALA C 69 -13.40 -31.33 -29.63
CA ALA C 69 -14.09 -30.23 -28.98
C ALA C 69 -14.97 -30.71 -27.83
N PHE C 70 -15.73 -31.80 -28.04
CA PHE C 70 -16.59 -32.31 -26.97
C PHE C 70 -15.75 -32.79 -25.79
N GLU C 71 -14.61 -33.42 -26.07
CA GLU C 71 -13.75 -33.91 -25.00
C GLU C 71 -13.06 -32.78 -24.26
N TYR C 72 -12.74 -31.69 -24.95
CA TYR C 72 -12.04 -30.58 -24.29
C TYR C 72 -13.00 -29.72 -23.48
N TYR C 73 -14.18 -29.40 -24.02
CA TYR C 73 -15.08 -28.43 -23.39
C TYR C 73 -16.24 -29.05 -22.62
N HIS C 74 -16.60 -30.31 -22.92
CA HIS C 74 -17.72 -31.00 -22.27
C HIS C 74 -19.05 -30.29 -22.53
N THR C 75 -19.25 -29.87 -23.77
CA THR C 75 -20.55 -29.35 -24.20
C THR C 75 -20.65 -29.52 -25.71
N THR C 76 -21.90 -29.65 -26.19
CA THR C 76 -22.16 -29.71 -27.63
C THR C 76 -23.01 -28.54 -28.11
N ASP C 77 -23.29 -27.56 -27.25
CA ASP C 77 -23.91 -26.30 -27.64
C ASP C 77 -23.05 -25.68 -28.73
N PRO C 78 -23.52 -25.65 -29.98
CA PRO C 78 -22.66 -25.22 -31.09
C PRO C 78 -22.28 -23.74 -31.06
N SER C 79 -22.86 -22.94 -30.16
CA SER C 79 -22.49 -21.55 -30.04
C SER C 79 -21.41 -21.31 -29.00
N PHE C 80 -21.04 -22.34 -28.23
CA PHE C 80 -20.11 -22.15 -27.11
C PHE C 80 -18.77 -21.62 -27.59
N LEU C 81 -18.21 -22.22 -28.65
CA LEU C 81 -16.86 -21.86 -29.08
C LEU C 81 -16.80 -20.39 -29.48
N GLY C 82 -17.77 -19.93 -30.28
CA GLY C 82 -17.77 -18.53 -30.70
C GLY C 82 -17.97 -17.56 -29.55
N ARG C 83 -18.86 -17.90 -28.60
CA ARG C 83 -19.03 -17.06 -27.43
C ARG C 83 -17.75 -17.02 -26.61
N TYR C 84 -17.04 -18.15 -26.52
CA TYR C 84 -15.74 -18.18 -25.84
C TYR C 84 -14.75 -17.26 -26.54
N MET C 85 -14.67 -17.34 -27.87
CA MET C 85 -13.75 -16.48 -28.61
C MET C 85 -14.13 -15.01 -28.46
N SER C 86 -15.44 -14.71 -28.48
CA SER C 86 -15.89 -13.33 -28.27
C SER C 86 -15.41 -12.79 -26.94
N ALA C 87 -15.58 -13.58 -25.87
CA ALA C 87 -15.13 -13.14 -24.55
C ALA C 87 -13.61 -13.06 -24.48
N LEU C 88 -12.91 -14.04 -25.08
CA LEU C 88 -11.45 -14.06 -25.02
C LEU C 88 -10.85 -12.86 -25.73
N ASN C 89 -11.49 -12.38 -26.79
CA ASN C 89 -11.00 -11.19 -27.50
C ASN C 89 -10.95 -9.98 -26.59
N HIS C 90 -11.78 -9.95 -25.56
CA HIS C 90 -11.81 -8.85 -24.60
C HIS C 90 -10.93 -9.14 -23.38
N THR C 91 -11.11 -10.31 -22.76
CA THR C 91 -10.39 -10.60 -21.52
C THR C 91 -8.88 -10.68 -21.73
N LYS C 92 -8.42 -10.89 -22.97
CA LYS C 92 -6.98 -10.90 -23.21
C LYS C 92 -6.37 -9.51 -23.11
N LYS C 93 -7.18 -8.46 -23.13
CA LYS C 93 -6.68 -7.10 -22.94
C LYS C 93 -6.74 -6.64 -21.49
N TRP C 94 -7.51 -7.31 -20.63
CA TRP C 94 -7.49 -7.02 -19.21
C TRP C 94 -6.10 -7.28 -18.64
N LYS C 95 -5.82 -6.61 -17.51
CA LYS C 95 -4.59 -6.83 -16.76
C LYS C 95 -4.90 -7.65 -15.51
N TYR C 96 -3.97 -8.53 -15.14
CA TYR C 96 -4.19 -9.51 -14.07
C TYR C 96 -3.09 -9.33 -13.03
N PRO C 97 -3.23 -8.34 -12.13
CA PRO C 97 -2.19 -8.09 -11.13
C PRO C 97 -2.06 -9.27 -10.17
N GLN C 98 -0.82 -9.59 -9.83
CA GLN C 98 -0.52 -10.73 -8.98
C GLN C 98 0.33 -10.26 -7.81
N VAL C 99 -0.19 -10.40 -6.60
CA VAL C 99 0.53 -10.04 -5.38
C VAL C 99 0.40 -11.19 -4.39
N ASN C 100 1.54 -11.66 -3.88
CA ASN C 100 1.58 -12.66 -2.82
C ASN C 100 0.78 -13.91 -3.20
N GLY C 101 0.93 -14.34 -4.46
CA GLY C 101 0.38 -15.60 -4.92
C GLY C 101 -1.00 -15.52 -5.54
N LEU C 102 -1.79 -14.51 -5.20
CA LEU C 102 -3.15 -14.40 -5.71
C LEU C 102 -3.17 -13.56 -7.00
N THR C 103 -3.92 -14.05 -7.98
CA THR C 103 -4.15 -13.31 -9.22
C THR C 103 -5.51 -12.64 -9.16
N SER C 104 -5.53 -11.32 -9.33
CA SER C 104 -6.78 -10.57 -9.41
C SER C 104 -6.97 -10.07 -10.83
N ILE C 105 -7.88 -9.12 -11.01
CA ILE C 105 -8.14 -8.51 -12.31
C ILE C 105 -8.24 -7.00 -12.13
N LYS C 106 -7.43 -6.26 -12.86
CA LYS C 106 -7.60 -4.81 -12.92
C LYS C 106 -9.00 -4.49 -13.42
N TRP C 107 -9.58 -3.42 -12.90
CA TRP C 107 -10.99 -3.14 -13.21
C TRP C 107 -11.16 -2.77 -14.66
N ALA C 108 -12.18 -3.36 -15.29
CA ALA C 108 -12.59 -3.08 -16.67
C ALA C 108 -13.87 -3.85 -16.96
N ASP C 109 -14.77 -3.24 -17.73
CA ASP C 109 -15.96 -3.93 -18.23
C ASP C 109 -16.80 -4.52 -17.10
N ASN C 110 -16.93 -3.79 -15.99
CA ASN C 110 -17.78 -4.19 -14.87
C ASN C 110 -17.44 -5.60 -14.36
N ASN C 111 -16.14 -5.88 -14.21
CA ASN C 111 -15.68 -7.23 -13.93
C ASN C 111 -15.36 -7.47 -12.47
N CYS C 112 -15.88 -6.66 -11.55
CA CYS C 112 -15.58 -6.86 -10.14
C CYS C 112 -16.06 -8.22 -9.65
N TYR C 113 -17.21 -8.69 -10.13
CA TYR C 113 -17.70 -9.99 -9.70
C TYR C 113 -16.80 -11.12 -10.20
N LEU C 114 -16.26 -10.99 -11.43
CA LEU C 114 -15.34 -11.98 -11.94
C LEU C 114 -14.04 -12.00 -11.13
N ALA C 115 -13.55 -10.82 -10.75
CA ALA C 115 -12.33 -10.76 -9.94
C ALA C 115 -12.54 -11.43 -8.58
N THR C 116 -13.64 -11.08 -7.91
CA THR C 116 -13.96 -11.72 -6.64
C THR C 116 -14.07 -13.23 -6.81
N ALA C 117 -14.68 -13.68 -7.91
CA ALA C 117 -14.84 -15.11 -8.14
C ALA C 117 -13.51 -15.77 -8.47
N LEU C 118 -12.70 -15.12 -9.32
CA LEU C 118 -11.39 -15.69 -9.66
C LEU C 118 -10.53 -15.85 -8.42
N LEU C 119 -10.49 -14.82 -7.56
CA LEU C 119 -9.73 -14.89 -6.32
C LEU C 119 -10.20 -16.04 -5.44
N THR C 120 -11.51 -16.27 -5.40
CA THR C 120 -12.05 -17.36 -4.58
C THR C 120 -11.64 -18.71 -5.12
N LEU C 121 -11.69 -18.89 -6.43
CA LEU C 121 -11.39 -20.18 -7.04
C LEU C 121 -9.95 -20.60 -6.78
N GLN C 122 -9.05 -19.64 -6.59
CA GLN C 122 -7.65 -19.94 -6.31
C GLN C 122 -7.42 -20.43 -4.88
N GLN C 123 -8.44 -20.43 -4.03
CA GLN C 123 -8.25 -20.69 -2.61
C GLN C 123 -9.03 -21.88 -2.05
N ILE C 124 -9.75 -22.64 -2.87
CA ILE C 124 -10.71 -23.57 -2.28
C ILE C 124 -10.74 -24.97 -2.89
N GLU C 125 -9.59 -25.48 -3.34
CA GLU C 125 -9.47 -26.88 -3.74
C GLU C 125 -10.57 -27.36 -4.68
N LEU C 126 -10.37 -27.19 -5.98
CA LEU C 126 -11.32 -27.61 -6.99
C LEU C 126 -10.62 -28.41 -8.06
N LYS C 127 -11.26 -29.47 -8.54
CA LYS C 127 -10.81 -30.24 -9.70
C LYS C 127 -11.92 -30.16 -10.74
N PHE C 128 -11.67 -29.43 -11.82
CA PHE C 128 -12.66 -29.32 -12.88
C PHE C 128 -12.61 -30.54 -13.79
N ASN C 129 -13.79 -30.94 -14.28
CA ASN C 129 -13.92 -32.08 -15.19
C ASN C 129 -13.52 -31.71 -16.62
N PRO C 130 -13.99 -30.61 -17.20
CA PRO C 130 -13.57 -30.27 -18.57
C PRO C 130 -12.10 -29.88 -18.60
N PRO C 131 -11.29 -30.60 -19.39
CA PRO C 131 -9.88 -30.20 -19.55
C PRO C 131 -9.68 -28.75 -19.92
N ALA C 132 -10.59 -28.16 -20.70
CA ALA C 132 -10.50 -26.73 -21.00
C ALA C 132 -10.54 -25.90 -19.73
N LEU C 133 -11.47 -26.21 -18.83
CA LEU C 133 -11.59 -25.47 -17.58
C LEU C 133 -10.37 -25.70 -16.69
N GLN C 134 -9.92 -26.95 -16.59
CA GLN C 134 -8.80 -27.28 -15.71
C GLN C 134 -7.49 -26.69 -16.25
N ASP C 135 -7.32 -26.70 -17.58
CA ASP C 135 -6.13 -26.08 -18.17
C ASP C 135 -6.08 -24.58 -17.88
N ALA C 136 -7.19 -23.88 -18.15
CA ALA C 136 -7.23 -22.44 -17.92
C ALA C 136 -7.12 -22.11 -16.43
N TYR C 137 -7.68 -22.97 -15.57
CA TYR C 137 -7.58 -22.78 -14.14
C TYR C 137 -6.12 -22.73 -13.68
N TYR C 138 -5.32 -23.73 -14.07
CA TYR C 138 -3.89 -23.72 -13.74
C TYR C 138 -3.20 -22.49 -14.32
N ARG C 139 -3.55 -22.18 -15.54
CA ARG C 139 -2.97 -21.02 -16.24
C ARG C 139 -3.28 -19.74 -15.44
N ALA C 140 -4.47 -19.65 -14.86
CA ALA C 140 -4.88 -18.46 -14.12
C ALA C 140 -4.12 -18.34 -12.80
N ARG C 141 -3.95 -19.44 -12.08
CA ARG C 141 -3.18 -19.40 -10.85
C ARG C 141 -1.75 -18.98 -11.10
N ALA C 142 -1.19 -19.35 -12.25
CA ALA C 142 0.14 -18.92 -12.65
C ALA C 142 0.16 -17.48 -13.17
N GLY C 143 -0.97 -16.79 -13.18
CA GLY C 143 -1.01 -15.37 -13.47
C GLY C 143 -1.63 -14.99 -14.80
N GLU C 144 -1.95 -15.93 -15.67
CA GLU C 144 -2.52 -15.63 -16.99
C GLU C 144 -3.97 -16.11 -16.99
N ALA C 145 -4.87 -15.25 -16.53
CA ALA C 145 -6.26 -15.61 -16.27
C ALA C 145 -7.20 -15.26 -17.42
N ALA C 146 -6.66 -14.83 -18.57
CA ALA C 146 -7.52 -14.42 -19.67
C ALA C 146 -8.38 -15.58 -20.19
N ASN C 147 -7.78 -16.76 -20.35
CA ASN C 147 -8.54 -17.92 -20.82
C ASN C 147 -9.58 -18.35 -19.80
N PHE C 148 -9.21 -18.36 -18.53
CA PHE C 148 -10.13 -18.78 -17.47
C PHE C 148 -11.34 -17.87 -17.40
N CYS C 149 -11.11 -16.55 -17.41
CA CYS C 149 -12.22 -15.59 -17.31
C CYS C 149 -13.16 -15.70 -18.49
N ALA C 150 -12.61 -15.90 -19.69
CA ALA C 150 -13.45 -16.02 -20.88
C ALA C 150 -14.24 -17.32 -20.87
N LEU C 151 -13.61 -18.43 -20.47
CA LEU C 151 -14.35 -19.68 -20.34
C LEU C 151 -15.45 -19.56 -19.31
N ILE C 152 -15.18 -18.86 -18.20
CA ILE C 152 -16.21 -18.66 -17.18
C ILE C 152 -17.40 -17.93 -17.77
N LEU C 153 -17.14 -16.89 -18.56
CA LEU C 153 -18.22 -16.18 -19.23
C LEU C 153 -19.00 -17.10 -20.16
N ALA C 154 -18.28 -17.91 -20.94
CA ALA C 154 -18.96 -18.82 -21.87
C ALA C 154 -19.81 -19.85 -21.15
N TYR C 155 -19.25 -20.46 -20.09
CA TYR C 155 -20.00 -21.49 -19.37
C TYR C 155 -21.22 -20.92 -18.66
N CYS C 156 -21.14 -19.67 -18.20
CA CYS C 156 -22.24 -19.02 -17.50
C CYS C 156 -23.20 -18.30 -18.43
N ASN C 157 -22.94 -18.31 -19.74
CA ASN C 157 -23.77 -17.60 -20.72
C ASN C 157 -23.84 -16.11 -20.39
N LYS C 158 -22.71 -15.52 -20.04
CA LYS C 158 -22.59 -14.09 -19.83
C LYS C 158 -21.62 -13.51 -20.85
N THR C 159 -21.83 -12.26 -21.23
CA THR C 159 -20.90 -11.56 -22.11
C THR C 159 -20.07 -10.56 -21.31
N VAL C 160 -18.98 -10.11 -21.93
CA VAL C 160 -18.12 -9.11 -21.30
C VAL C 160 -18.89 -7.81 -21.14
N GLY C 161 -18.83 -7.23 -19.94
CA GLY C 161 -19.51 -6.00 -19.64
C GLY C 161 -20.82 -6.17 -18.90
N GLU C 162 -21.42 -7.35 -18.95
CA GLU C 162 -22.61 -7.62 -18.16
C GLU C 162 -22.28 -7.58 -16.67
N LEU C 163 -23.22 -7.08 -15.88
CA LEU C 163 -23.10 -7.24 -14.43
C LEU C 163 -23.31 -8.70 -14.06
N GLY C 164 -22.69 -9.12 -12.95
CA GLY C 164 -22.67 -10.53 -12.60
C GLY C 164 -22.88 -10.74 -11.12
N ASP C 165 -23.03 -12.01 -10.77
CA ASP C 165 -23.31 -12.46 -9.42
C ASP C 165 -22.33 -13.59 -9.09
N VAL C 166 -21.60 -13.43 -7.98
CA VAL C 166 -20.58 -14.42 -7.62
C VAL C 166 -21.23 -15.77 -7.31
N ARG C 167 -22.32 -15.77 -6.56
CA ARG C 167 -22.97 -17.02 -6.17
C ARG C 167 -23.48 -17.79 -7.38
N GLU C 168 -24.18 -17.10 -8.29
CA GLU C 168 -24.62 -17.75 -9.52
C GLU C 168 -23.43 -18.24 -10.34
N THR C 169 -22.35 -17.46 -10.40
CA THR C 169 -21.18 -17.89 -11.17
C THR C 169 -20.56 -19.15 -10.58
N MET C 170 -20.39 -19.17 -9.26
CA MET C 170 -19.91 -20.37 -8.58
C MET C 170 -20.83 -21.55 -8.85
N SER C 171 -22.14 -21.31 -8.91
CA SER C 171 -23.08 -22.40 -9.11
C SER C 171 -22.95 -23.00 -10.51
N TYR C 172 -22.63 -22.19 -11.52
CA TYR C 172 -22.39 -22.75 -12.86
C TYR C 172 -21.10 -23.54 -12.89
N LEU C 173 -20.02 -22.97 -12.35
CA LEU C 173 -18.71 -23.64 -12.42
C LEU C 173 -18.70 -24.93 -11.62
N PHE C 174 -19.33 -24.92 -10.43
CA PHE C 174 -19.35 -26.12 -9.60
C PHE C 174 -20.06 -27.27 -10.29
N GLN C 175 -20.99 -26.98 -11.19
CA GLN C 175 -21.59 -28.04 -12.02
C GLN C 175 -20.55 -28.76 -12.86
N HIS C 176 -19.42 -28.11 -13.14
CA HIS C 176 -18.37 -28.68 -13.96
C HIS C 176 -17.18 -29.15 -13.14
N ALA C 177 -17.27 -29.09 -11.82
CA ALA C 177 -16.23 -29.60 -10.94
C ALA C 177 -16.54 -31.03 -10.53
N ASN C 178 -15.50 -31.76 -10.14
CA ASN C 178 -15.67 -33.11 -9.62
C ASN C 178 -15.99 -33.00 -8.14
N LEU C 179 -17.28 -33.04 -7.81
CA LEU C 179 -17.74 -33.07 -6.43
C LEU C 179 -18.40 -34.41 -6.09
N ASP C 180 -17.88 -35.50 -6.65
CA ASP C 180 -18.51 -36.81 -6.49
C ASP C 180 -18.41 -37.30 -5.05
N SER C 181 -17.38 -36.88 -4.31
CA SER C 181 -17.16 -37.27 -2.93
C SER C 181 -17.69 -36.22 -1.93
N CYS C 182 -18.48 -35.26 -2.40
CA CYS C 182 -19.06 -34.24 -1.52
C CYS C 182 -20.43 -34.68 -1.04
N LYS C 183 -20.62 -34.70 0.27
CA LYS C 183 -21.86 -35.17 0.87
C LYS C 183 -22.26 -34.24 2.00
N ARG C 184 -23.54 -33.92 2.04
CA ARG C 184 -24.15 -33.14 3.11
C ARG C 184 -25.43 -33.82 3.54
N VAL C 185 -25.66 -33.88 4.85
CA VAL C 185 -26.89 -34.40 5.41
C VAL C 185 -27.46 -33.36 6.36
N LEU C 186 -28.74 -33.04 6.19
CA LEU C 186 -29.42 -32.03 6.96
C LEU C 186 -30.65 -32.60 7.63
N ASN C 187 -30.96 -32.08 8.82
CA ASN C 187 -32.23 -32.35 9.50
C ASN C 187 -33.06 -31.08 9.55
N VAL C 188 -34.35 -31.23 9.26
CA VAL C 188 -35.34 -30.19 9.50
C VAL C 188 -36.33 -30.73 10.53
N VAL C 189 -36.49 -30.00 11.63
CA VAL C 189 -37.30 -30.44 12.77
C VAL C 189 -38.45 -29.47 12.97
N CYS C 190 -39.68 -29.99 12.93
CA CYS C 190 -40.88 -29.21 13.21
C CYS C 190 -41.68 -29.87 14.32
N LYS C 191 -42.23 -29.03 15.21
CA LYS C 191 -43.03 -29.53 16.32
C LYS C 191 -44.31 -30.20 15.87
N THR C 192 -44.78 -29.93 14.66
CA THR C 192 -45.94 -30.59 14.08
C THR C 192 -45.56 -31.72 13.12
N CYS C 193 -44.71 -31.42 12.14
CA CYS C 193 -44.39 -32.38 11.08
C CYS C 193 -43.33 -33.40 11.49
N GLY C 194 -42.51 -33.10 12.49
CA GLY C 194 -41.50 -34.05 12.90
C GLY C 194 -40.12 -33.76 12.36
N GLN C 195 -39.29 -34.79 12.25
CA GLN C 195 -37.90 -34.66 11.81
C GLN C 195 -37.76 -35.27 10.43
N GLN C 196 -37.27 -34.48 9.48
CA GLN C 196 -37.01 -34.95 8.12
C GLN C 196 -35.53 -34.81 7.82
N GLN C 197 -34.91 -35.89 7.38
CA GLN C 197 -33.53 -35.86 6.96
C GLN C 197 -33.45 -35.74 5.44
N THR C 198 -32.42 -35.05 4.98
CA THR C 198 -32.13 -34.91 3.56
C THR C 198 -30.64 -35.12 3.35
N THR C 199 -30.30 -35.86 2.30
CA THR C 199 -28.91 -36.07 1.89
C THR C 199 -28.70 -35.36 0.56
N LEU C 200 -27.66 -34.56 0.48
CA LEU C 200 -27.35 -33.77 -0.71
C LEU C 200 -25.95 -34.11 -1.21
N LYS C 201 -25.79 -34.16 -2.52
CA LYS C 201 -24.52 -34.48 -3.15
C LYS C 201 -24.21 -33.42 -4.21
N GLY C 202 -22.94 -33.36 -4.59
CA GLY C 202 -22.54 -32.44 -5.65
C GLY C 202 -22.58 -30.99 -5.19
N VAL C 203 -23.14 -30.14 -6.05
CA VAL C 203 -23.10 -28.70 -5.78
C VAL C 203 -23.96 -28.35 -4.58
N GLU C 204 -25.13 -29.02 -4.43
CA GLU C 204 -25.99 -28.79 -3.28
C GLU C 204 -25.34 -29.22 -1.96
N ALA C 205 -24.27 -30.01 -2.02
CA ALA C 205 -23.57 -30.39 -0.80
C ALA C 205 -22.62 -29.31 -0.30
N VAL C 206 -22.20 -28.38 -1.15
CA VAL C 206 -21.19 -27.40 -0.77
C VAL C 206 -21.71 -25.97 -0.73
N MET C 207 -22.91 -25.71 -1.23
CA MET C 207 -23.49 -24.36 -1.23
C MET C 207 -24.72 -24.33 -0.33
N TYR C 208 -24.88 -23.22 0.38
CA TYR C 208 -26.09 -22.98 1.15
C TYR C 208 -26.44 -21.50 1.12
N MET C 209 -27.73 -21.22 1.00
CA MET C 209 -28.25 -19.86 0.93
C MET C 209 -29.15 -19.62 2.14
N GLY C 210 -28.78 -18.66 2.98
CA GLY C 210 -29.63 -18.30 4.09
C GLY C 210 -28.90 -17.73 5.29
N THR C 211 -27.63 -18.08 5.43
CA THR C 211 -26.82 -17.60 6.55
C THR C 211 -25.36 -17.70 6.17
N LEU C 212 -24.57 -16.75 6.69
CA LEU C 212 -23.14 -16.72 6.43
C LEU C 212 -22.33 -17.58 7.38
N SER C 213 -22.88 -17.91 8.55
CA SER C 213 -22.10 -18.51 9.62
C SER C 213 -22.14 -20.02 9.52
N TYR C 214 -20.97 -20.64 9.33
CA TYR C 214 -20.89 -22.09 9.33
C TYR C 214 -21.28 -22.67 10.69
N GLU C 215 -20.80 -22.04 11.76
CA GLU C 215 -21.09 -22.55 13.10
C GLU C 215 -22.57 -22.45 13.44
N GLN C 216 -23.24 -21.38 13.01
CA GLN C 216 -24.67 -21.27 13.25
C GLN C 216 -25.43 -22.36 12.48
N PHE C 217 -24.99 -22.66 11.26
CA PHE C 217 -25.55 -23.76 10.49
C PHE C 217 -25.47 -25.07 11.26
N LYS C 218 -24.37 -25.29 11.99
CA LYS C 218 -24.24 -26.50 12.80
C LYS C 218 -25.15 -26.47 14.02
N LYS C 219 -25.37 -25.30 14.60
CA LYS C 219 -26.22 -25.21 15.78
C LYS C 219 -27.69 -25.18 15.42
N GLY C 220 -28.03 -24.63 14.26
CA GLY C 220 -29.41 -24.55 13.85
C GLY C 220 -29.84 -23.15 13.43
N VAL C 221 -30.59 -23.06 12.34
CA VAL C 221 -31.20 -21.81 11.90
C VAL C 221 -32.70 -22.07 11.72
N GLN C 222 -33.48 -21.01 11.93
CA GLN C 222 -34.94 -21.10 11.80
C GLN C 222 -35.35 -20.88 10.35
N ILE C 223 -36.15 -21.79 9.82
CA ILE C 223 -36.64 -21.69 8.44
C ILE C 223 -38.14 -21.87 8.44
N PRO C 224 -38.83 -21.34 7.44
CA PRO C 224 -40.28 -21.53 7.38
C PRO C 224 -40.64 -22.97 7.12
N CYS C 225 -41.83 -23.37 7.59
CA CYS C 225 -42.40 -24.67 7.30
C CYS C 225 -43.83 -24.50 6.82
N THR C 226 -44.29 -25.47 6.02
CA THR C 226 -45.64 -25.41 5.45
C THR C 226 -46.74 -25.59 6.47
N CYS C 227 -46.41 -25.94 7.72
CA CYS C 227 -47.42 -25.99 8.77
C CYS C 227 -47.85 -24.61 9.26
N GLY C 228 -47.15 -23.56 8.83
CA GLY C 228 -47.38 -22.22 9.32
C GLY C 228 -46.49 -21.82 10.47
N LYS C 229 -45.54 -22.67 10.87
CA LYS C 229 -44.64 -22.37 11.98
C LYS C 229 -43.21 -22.58 11.52
N GLN C 230 -42.29 -21.95 12.24
CA GLN C 230 -40.87 -22.14 11.98
C GLN C 230 -40.44 -23.56 12.34
N ALA C 231 -39.57 -24.12 11.52
CA ALA C 231 -38.87 -25.36 11.83
C ALA C 231 -37.40 -25.07 12.03
N THR C 232 -36.67 -26.06 12.54
CA THR C 232 -35.24 -25.93 12.79
C THR C 232 -34.46 -26.81 11.83
N LYS C 233 -33.49 -26.22 11.16
CA LYS C 233 -32.62 -26.91 10.22
C LYS C 233 -31.18 -26.76 10.68
N TYR C 234 -30.48 -27.88 10.80
CA TYR C 234 -29.09 -27.87 11.23
C TYR C 234 -28.32 -28.95 10.46
N LEU C 235 -27.00 -28.81 10.47
CA LEU C 235 -26.15 -29.68 9.67
C LEU C 235 -25.87 -30.97 10.45
N VAL C 236 -26.15 -32.11 9.83
CA VAL C 236 -25.90 -33.41 10.47
C VAL C 236 -24.53 -33.93 10.12
N GLN C 237 -24.21 -34.01 8.83
CA GLN C 237 -22.95 -34.57 8.37
C GLN C 237 -22.47 -33.79 7.16
N GLN C 238 -21.16 -33.54 7.08
CA GLN C 238 -20.56 -32.79 6.00
C GLN C 238 -19.29 -33.49 5.55
N GLU C 239 -19.21 -33.77 4.25
CA GLU C 239 -18.03 -34.37 3.62
C GLU C 239 -17.69 -33.52 2.41
N SER C 240 -16.69 -32.66 2.54
CA SER C 240 -16.31 -31.76 1.46
C SER C 240 -15.01 -31.07 1.82
N PRO C 241 -14.20 -30.67 0.84
CA PRO C 241 -12.99 -29.88 1.14
C PRO C 241 -13.26 -28.43 1.44
N PHE C 242 -14.49 -27.94 1.24
CA PHE C 242 -14.86 -26.56 1.53
C PHE C 242 -16.36 -26.48 1.63
N VAL C 243 -16.85 -25.37 2.19
CA VAL C 243 -18.25 -25.02 2.17
C VAL C 243 -18.38 -23.55 1.81
N MET C 244 -19.49 -23.19 1.19
CA MET C 244 -19.80 -21.81 0.82
C MET C 244 -21.13 -21.42 1.45
N MET C 245 -21.10 -20.47 2.37
CA MET C 245 -22.31 -19.96 3.00
C MET C 245 -22.63 -18.60 2.39
N SER C 246 -23.84 -18.46 1.86
CA SER C 246 -24.30 -17.21 1.29
C SER C 246 -25.57 -16.73 1.99
N ALA C 247 -25.78 -15.42 1.92
CA ALA C 247 -26.94 -14.76 2.52
C ALA C 247 -27.11 -13.41 1.85
N PRO C 248 -28.33 -12.86 1.83
CA PRO C 248 -28.52 -11.51 1.28
C PRO C 248 -27.63 -10.51 1.98
N PRO C 249 -27.02 -9.58 1.24
CA PRO C 249 -25.97 -8.73 1.81
C PRO C 249 -26.40 -8.08 3.12
N ALA C 250 -25.52 -8.17 4.12
CA ALA C 250 -25.76 -7.58 5.42
C ALA C 250 -24.44 -7.41 6.14
N GLN C 251 -24.40 -6.43 7.05
CA GLN C 251 -23.19 -6.16 7.81
C GLN C 251 -22.78 -7.37 8.63
N TYR C 252 -21.48 -7.62 8.70
CA TYR C 252 -20.96 -8.87 9.22
C TYR C 252 -19.50 -8.68 9.59
N GLU C 253 -19.08 -9.30 10.69
CA GLU C 253 -17.70 -9.21 11.14
C GLU C 253 -16.95 -10.46 10.75
N LEU C 254 -15.77 -10.28 10.15
CA LEU C 254 -14.89 -11.38 9.79
C LEU C 254 -13.64 -11.31 10.67
N LYS C 255 -13.31 -12.43 11.31
CA LYS C 255 -12.16 -12.51 12.21
C LYS C 255 -11.08 -13.38 11.58
N HIS C 256 -9.84 -12.93 11.66
CA HIS C 256 -8.71 -13.64 11.08
C HIS C 256 -8.66 -15.08 11.57
N GLY C 257 -8.52 -16.02 10.64
CA GLY C 257 -8.33 -17.41 10.96
C GLY C 257 -9.60 -18.24 11.10
N THR C 258 -10.78 -17.62 10.99
CA THR C 258 -12.04 -18.33 11.13
C THR C 258 -12.70 -18.69 9.81
N PHE C 259 -12.08 -18.35 8.68
CA PHE C 259 -12.69 -18.55 7.38
C PHE C 259 -11.60 -18.50 6.32
N THR C 260 -11.95 -18.91 5.11
CA THR C 260 -11.00 -18.90 4.00
C THR C 260 -11.05 -17.60 3.22
N CYS C 261 -12.18 -17.30 2.59
CA CYS C 261 -12.36 -16.00 1.95
C CYS C 261 -13.83 -15.62 2.03
N ALA C 262 -14.14 -14.43 1.52
CA ALA C 262 -15.48 -13.90 1.66
C ALA C 262 -15.73 -12.88 0.55
N SER C 263 -17.00 -12.76 0.18
CA SER C 263 -17.45 -11.82 -0.85
C SER C 263 -18.13 -10.64 -0.15
N GLU C 264 -17.51 -9.46 -0.25
CA GLU C 264 -18.17 -8.22 0.13
C GLU C 264 -19.00 -7.69 -1.03
N TYR C 265 -20.19 -7.20 -0.73
CA TYR C 265 -21.09 -6.68 -1.76
C TYR C 265 -21.84 -5.48 -1.20
N THR C 266 -21.67 -4.33 -1.84
CA THR C 266 -22.35 -3.10 -1.46
C THR C 266 -23.27 -2.72 -2.60
N GLY C 267 -24.58 -2.77 -2.35
CA GLY C 267 -25.55 -2.40 -3.36
C GLY C 267 -26.86 -3.12 -3.14
N ASN C 268 -27.70 -3.09 -4.17
CA ASN C 268 -29.02 -3.69 -4.15
C ASN C 268 -29.00 -5.00 -4.93
N TYR C 269 -30.18 -5.58 -5.13
CA TYR C 269 -30.27 -6.86 -5.83
C TYR C 269 -29.95 -6.74 -7.32
N GLN C 270 -29.97 -5.52 -7.87
CA GLN C 270 -29.73 -5.35 -9.30
C GLN C 270 -28.27 -5.00 -9.62
N CYS C 271 -27.58 -4.31 -8.71
CA CYS C 271 -26.21 -3.90 -8.98
C CYS C 271 -25.51 -3.58 -7.66
N GLY C 272 -24.21 -3.80 -7.65
CA GLY C 272 -23.42 -3.57 -6.45
C GLY C 272 -21.94 -3.76 -6.74
N HIS C 273 -21.13 -3.31 -5.79
CA HIS C 273 -19.68 -3.42 -5.88
C HIS C 273 -19.21 -4.63 -5.09
N TYR C 274 -18.64 -5.61 -5.78
CA TYR C 274 -18.06 -6.79 -5.16
C TYR C 274 -16.61 -6.54 -4.78
N LYS C 275 -16.22 -6.96 -3.58
CA LYS C 275 -14.83 -6.99 -3.16
C LYS C 275 -14.52 -8.32 -2.51
N HIS C 276 -13.23 -8.64 -2.40
CA HIS C 276 -12.77 -9.92 -1.90
C HIS C 276 -12.01 -9.74 -0.59
N ILE C 277 -12.39 -10.51 0.43
CA ILE C 277 -11.71 -10.55 1.72
C ILE C 277 -11.11 -11.95 1.91
N THR C 278 -9.84 -12.02 2.24
CA THR C 278 -9.18 -13.30 2.47
C THR C 278 -8.32 -13.23 3.73
N SER C 279 -8.16 -14.38 4.37
CA SER C 279 -7.44 -14.50 5.63
C SER C 279 -6.09 -15.16 5.39
N LYS C 280 -5.02 -14.36 5.46
CA LYS C 280 -3.65 -14.87 5.35
C LYS C 280 -2.92 -14.62 6.66
N GLU C 281 -1.74 -13.99 6.60
CA GLU C 281 -1.08 -13.59 7.84
C GLU C 281 -1.83 -12.45 8.53
N THR C 282 -2.66 -11.73 7.79
CA THR C 282 -3.65 -10.82 8.31
C THR C 282 -4.79 -10.81 7.31
N LEU C 283 -5.83 -10.01 7.58
CA LEU C 283 -6.94 -9.91 6.63
C LEU C 283 -6.55 -9.02 5.46
N TYR C 284 -6.74 -9.53 4.24
CA TYR C 284 -6.58 -8.75 3.02
C TYR C 284 -7.95 -8.34 2.50
N CYS C 285 -8.03 -7.14 1.96
CA CYS C 285 -9.18 -6.72 1.15
C CYS C 285 -8.67 -6.44 -0.26
N ILE C 286 -9.17 -7.19 -1.22
CA ILE C 286 -8.74 -7.10 -2.61
C ILE C 286 -9.89 -6.53 -3.44
N ASP C 287 -9.60 -5.45 -4.17
CA ASP C 287 -10.57 -4.75 -5.00
C ASP C 287 -9.85 -4.44 -6.31
N GLY C 288 -9.95 -5.36 -7.26
CA GLY C 288 -9.21 -5.22 -8.50
C GLY C 288 -7.71 -5.22 -8.27
N ALA C 289 -7.06 -4.08 -8.48
CA ALA C 289 -5.64 -3.93 -8.21
C ALA C 289 -5.37 -3.24 -6.87
N LEU C 290 -6.41 -2.88 -6.13
CA LEU C 290 -6.26 -2.24 -4.83
C LEU C 290 -6.24 -3.32 -3.75
N LEU C 291 -5.18 -3.33 -2.95
CA LEU C 291 -5.05 -4.31 -1.87
C LEU C 291 -4.63 -3.59 -0.60
N THR C 292 -5.29 -3.94 0.51
CA THR C 292 -4.98 -3.37 1.81
C THR C 292 -5.01 -4.48 2.85
N LYS C 293 -4.01 -4.48 3.73
CA LYS C 293 -4.02 -5.35 4.90
C LYS C 293 -4.82 -4.69 6.00
N SER C 294 -5.44 -5.51 6.84
CA SER C 294 -6.30 -4.99 7.90
C SER C 294 -6.38 -6.02 9.03
N SER C 295 -6.36 -5.53 10.27
CA SER C 295 -6.40 -6.43 11.41
C SER C 295 -7.80 -6.99 11.66
N GLU C 296 -8.82 -6.17 11.44
CA GLU C 296 -10.21 -6.56 11.68
C GLU C 296 -11.06 -6.09 10.52
N TYR C 297 -12.23 -6.69 10.38
CA TYR C 297 -13.13 -6.35 9.29
C TYR C 297 -14.59 -6.38 9.75
N LYS C 298 -15.34 -5.37 9.30
CA LYS C 298 -16.79 -5.33 9.48
C LYS C 298 -17.37 -4.63 8.26
N GLY C 299 -18.28 -5.30 7.55
CA GLY C 299 -18.86 -4.77 6.35
C GLY C 299 -19.87 -5.70 5.71
N PRO C 300 -20.47 -5.27 4.59
CA PRO C 300 -21.52 -6.09 3.97
C PRO C 300 -20.98 -7.34 3.28
N ILE C 301 -21.26 -8.50 3.85
CA ILE C 301 -20.82 -9.78 3.31
C ILE C 301 -22.01 -10.49 2.72
N THR C 302 -21.80 -11.21 1.62
CA THR C 302 -22.83 -12.06 1.02
C THR C 302 -22.40 -13.49 0.76
N ASP C 303 -21.10 -13.82 0.77
CA ASP C 303 -20.62 -15.19 0.72
C ASP C 303 -19.44 -15.35 1.66
N VAL C 304 -19.38 -16.46 2.38
CA VAL C 304 -18.21 -16.84 3.16
C VAL C 304 -17.85 -18.28 2.83
N PHE C 305 -16.57 -18.52 2.59
CA PHE C 305 -16.06 -19.86 2.30
C PHE C 305 -15.24 -20.36 3.49
N TYR C 306 -15.41 -21.63 3.84
CA TYR C 306 -14.72 -22.23 4.96
C TYR C 306 -14.02 -23.51 4.52
N LYS C 307 -12.83 -23.74 5.08
CA LYS C 307 -12.15 -25.01 4.91
C LYS C 307 -12.88 -26.11 5.68
N GLU C 308 -12.85 -27.32 5.14
CA GLU C 308 -13.61 -28.43 5.71
C GLU C 308 -13.00 -29.73 5.23
N ASN C 309 -13.23 -30.80 5.99
CA ASN C 309 -12.85 -32.14 5.54
C ASN C 309 -13.98 -33.13 5.82
N SER C 310 -14.25 -33.37 7.11
CA SER C 310 -15.29 -34.30 7.51
C SER C 310 -15.86 -33.84 8.84
N TYR C 311 -17.19 -33.72 8.91
CA TYR C 311 -17.86 -33.23 10.10
C TYR C 311 -19.09 -34.08 10.38
N THR C 312 -19.27 -34.44 11.65
CA THR C 312 -20.47 -35.11 12.11
C THR C 312 -20.96 -34.38 13.35
N THR C 313 -22.26 -34.10 13.41
CA THR C 313 -22.82 -33.40 14.54
C THR C 313 -22.78 -34.26 15.81
N THR C 314 -22.94 -33.60 16.95
CA THR C 314 -23.14 -34.29 18.21
C THR C 314 -24.56 -34.13 18.75
N ILE C 315 -25.42 -33.41 18.04
CA ILE C 315 -26.81 -33.23 18.44
C ILE C 315 -27.53 -34.57 18.44
N VAL D 3 14.51 -5.91 58.50
CA VAL D 3 15.11 -6.00 57.16
C VAL D 3 14.06 -6.21 56.09
N ARG D 4 13.89 -5.21 55.22
CA ARG D 4 12.84 -5.27 54.20
C ARG D 4 13.24 -6.19 53.06
N THR D 5 12.29 -7.02 52.62
CA THR D 5 12.50 -7.87 51.46
C THR D 5 12.40 -7.04 50.19
N ILE D 6 13.41 -7.15 49.32
CA ILE D 6 13.42 -6.44 48.05
C ILE D 6 13.65 -7.44 46.94
N LYS D 7 13.06 -7.16 45.78
CA LYS D 7 13.16 -8.02 44.62
C LYS D 7 13.81 -7.27 43.47
N VAL D 8 14.64 -7.98 42.70
CA VAL D 8 15.21 -7.45 41.48
C VAL D 8 15.02 -8.50 40.38
N PHE D 9 15.26 -8.08 39.14
CA PHE D 9 15.19 -8.97 37.99
C PHE D 9 16.61 -9.28 37.51
N THR D 10 16.86 -10.57 37.27
CA THR D 10 18.07 -11.00 36.59
C THR D 10 17.73 -11.37 35.15
N THR D 11 18.72 -11.30 34.28
CA THR D 11 18.47 -11.51 32.86
C THR D 11 19.78 -11.78 32.14
N VAL D 12 19.66 -12.43 30.98
CA VAL D 12 20.77 -12.53 30.04
C VAL D 12 20.50 -11.77 28.75
N ASP D 13 19.23 -11.47 28.43
CA ASP D 13 18.88 -10.88 27.15
C ASP D 13 18.08 -9.59 27.27
N ASN D 14 17.85 -9.10 28.48
CA ASN D 14 17.03 -7.92 28.74
C ASN D 14 15.60 -8.06 28.21
N ILE D 15 15.17 -9.28 27.94
CA ILE D 15 13.82 -9.57 27.46
C ILE D 15 13.06 -10.46 28.42
N ASN D 16 13.66 -11.58 28.82
CA ASN D 16 13.09 -12.46 29.82
C ASN D 16 13.63 -12.05 31.18
N LEU D 17 12.78 -11.49 32.03
CA LEU D 17 13.18 -10.99 33.33
C LEU D 17 12.72 -11.95 34.42
N HIS D 18 13.64 -12.35 35.28
CA HIS D 18 13.37 -13.34 36.32
C HIS D 18 13.44 -12.66 37.69
N THR D 19 12.31 -12.67 38.40
CA THR D 19 12.25 -12.10 39.73
C THR D 19 13.12 -12.89 40.70
N GLN D 20 13.84 -12.16 41.55
CA GLN D 20 14.67 -12.74 42.59
C GLN D 20 14.46 -11.97 43.89
N VAL D 21 14.31 -12.69 44.99
CA VAL D 21 14.49 -12.09 46.30
C VAL D 21 15.99 -11.96 46.55
N VAL D 22 16.42 -10.79 47.01
CA VAL D 22 17.84 -10.52 47.20
C VAL D 22 18.23 -10.82 48.64
N ASP D 23 19.32 -11.56 48.80
CA ASP D 23 19.95 -11.77 50.11
C ASP D 23 20.83 -10.58 50.42
N MET D 24 20.39 -9.71 51.34
CA MET D 24 21.14 -8.50 51.65
C MET D 24 22.43 -8.77 52.41
N SER D 25 22.65 -10.00 52.87
CA SER D 25 23.86 -10.37 53.59
C SER D 25 24.93 -10.97 52.68
N MET D 26 24.67 -11.04 51.38
CA MET D 26 25.62 -11.56 50.41
C MET D 26 25.82 -10.55 49.29
N THR D 27 27.03 -10.52 48.74
CA THR D 27 27.23 -9.77 47.52
C THR D 27 26.46 -10.43 46.38
N TYR D 28 26.22 -9.67 45.31
CA TYR D 28 25.52 -10.23 44.16
C TYR D 28 26.25 -11.44 43.60
N GLY D 29 27.58 -11.37 43.52
CA GLY D 29 28.35 -12.51 43.04
C GLY D 29 28.12 -13.75 43.88
N GLN D 30 28.05 -13.60 45.19
CA GLN D 30 27.87 -14.76 46.07
C GLN D 30 26.53 -15.45 45.83
N GLN D 31 25.50 -14.70 45.41
CA GLN D 31 24.17 -15.28 45.24
C GLN D 31 23.72 -15.41 43.80
N PHE D 32 24.32 -14.69 42.86
CA PHE D 32 23.96 -14.79 41.45
C PHE D 32 25.11 -15.24 40.55
N GLY D 33 26.34 -15.23 41.05
CA GLY D 33 27.49 -15.33 40.18
C GLY D 33 27.83 -13.95 39.63
N PRO D 34 28.68 -13.89 38.62
CA PRO D 34 29.07 -12.58 38.06
C PRO D 34 27.85 -11.79 37.61
N THR D 35 27.73 -10.57 38.12
CA THR D 35 26.50 -9.77 38.00
C THR D 35 26.84 -8.36 37.54
N TYR D 36 26.04 -7.84 36.62
CA TYR D 36 26.27 -6.53 36.02
C TYR D 36 24.99 -5.71 36.06
N LEU D 37 25.14 -4.41 36.29
CA LEU D 37 24.03 -3.45 36.29
C LEU D 37 24.34 -2.40 35.23
N ASP D 38 23.65 -2.49 34.10
CA ASP D 38 23.83 -1.57 32.98
C ASP D 38 25.32 -1.43 32.61
N GLY D 39 25.98 -2.58 32.50
CA GLY D 39 27.37 -2.64 32.12
C GLY D 39 28.36 -2.69 33.28
N ALA D 40 28.03 -2.05 34.41
CA ALA D 40 28.95 -1.98 35.53
C ALA D 40 28.98 -3.30 36.28
N ASP D 41 30.18 -3.78 36.59
CA ASP D 41 30.37 -5.03 37.32
C ASP D 41 30.06 -4.78 38.80
N VAL D 42 28.98 -5.39 39.29
CA VAL D 42 28.59 -5.29 40.70
C VAL D 42 28.69 -6.64 41.40
N THR D 43 29.56 -7.52 40.88
CA THR D 43 29.74 -8.85 41.47
C THR D 43 30.11 -8.77 42.95
N LYS D 44 30.91 -7.78 43.33
CA LYS D 44 31.52 -7.75 44.65
C LYS D 44 30.91 -6.69 45.57
N ILE D 45 29.80 -6.08 45.19
CA ILE D 45 29.15 -5.10 46.05
C ILE D 45 27.93 -5.74 46.69
N LYS D 46 27.58 -5.24 47.88
CA LYS D 46 26.40 -5.71 48.58
C LYS D 46 25.16 -4.97 48.07
N PRO D 47 24.03 -5.66 48.00
CA PRO D 47 22.79 -5.02 47.56
C PRO D 47 22.33 -3.95 48.54
N HIS D 48 21.49 -3.06 48.03
CA HIS D 48 20.98 -1.94 48.77
C HIS D 48 19.50 -1.78 48.44
N ASN D 49 18.75 -1.18 49.37
CA ASN D 49 17.32 -1.01 49.16
C ASN D 49 17.01 -0.18 47.92
N SER D 50 17.94 0.65 47.47
CA SER D 50 17.74 1.46 46.28
C SER D 50 17.91 0.67 44.99
N HIS D 51 18.22 -0.62 45.07
CA HIS D 51 18.30 -1.49 43.89
C HIS D 51 16.97 -2.15 43.56
N GLU D 52 15.96 -1.99 44.41
CA GLU D 52 14.69 -2.69 44.22
C GLU D 52 14.09 -2.39 42.86
N GLY D 53 13.73 -3.45 42.14
CA GLY D 53 13.10 -3.33 40.84
C GLY D 53 14.05 -3.24 39.67
N LYS D 54 15.34 -3.06 39.90
CA LYS D 54 16.29 -2.93 38.79
C LYS D 54 16.49 -4.28 38.10
N THR D 55 17.08 -4.21 36.91
CA THR D 55 17.39 -5.39 36.11
C THR D 55 18.89 -5.60 36.08
N PHE D 56 19.34 -6.81 36.41
CA PHE D 56 20.75 -7.17 36.45
C PHE D 56 21.03 -8.24 35.41
N TYR D 57 22.09 -8.03 34.63
CA TYR D 57 22.61 -9.09 33.77
C TYR D 57 23.41 -10.08 34.62
N VAL D 58 23.24 -11.37 34.33
CA VAL D 58 23.98 -12.42 35.03
C VAL D 58 24.56 -13.39 34.04
N LEU D 59 25.68 -13.99 34.41
CA LEU D 59 26.23 -15.11 33.66
C LEU D 59 25.27 -16.30 33.74
N PRO D 60 24.97 -16.96 32.62
CA PRO D 60 24.08 -18.13 32.67
C PRO D 60 24.66 -19.23 33.54
N ASN D 61 23.90 -19.63 34.56
CA ASN D 61 24.30 -20.71 35.45
C ASN D 61 23.19 -21.75 35.66
N ASP D 62 22.14 -21.73 34.85
CA ASP D 62 21.13 -22.78 34.84
C ASP D 62 20.67 -22.98 33.41
N ASP D 63 19.85 -24.02 33.21
CA ASP D 63 19.41 -24.36 31.86
C ASP D 63 18.60 -23.25 31.23
N THR D 64 17.69 -22.64 31.99
CA THR D 64 16.83 -21.60 31.44
C THR D 64 17.66 -20.44 30.88
N LEU D 65 18.64 -19.98 31.65
CA LEU D 65 19.44 -18.83 31.23
C LEU D 65 20.36 -19.19 30.06
N ARG D 66 20.97 -20.37 30.09
CA ARG D 66 21.87 -20.78 29.02
C ARG D 66 21.14 -20.88 27.69
N VAL D 67 19.92 -21.44 27.69
CA VAL D 67 19.15 -21.53 26.47
C VAL D 67 18.68 -20.14 26.03
N GLU D 68 18.27 -19.31 26.98
CA GLU D 68 17.95 -17.93 26.66
C GLU D 68 19.16 -17.20 26.08
N ALA D 69 20.33 -17.41 26.69
CA ALA D 69 21.55 -16.77 26.21
C ALA D 69 21.89 -17.25 24.80
N PHE D 70 21.82 -18.56 24.57
CA PHE D 70 22.17 -19.10 23.26
C PHE D 70 21.20 -18.63 22.18
N GLU D 71 19.91 -18.60 22.50
CA GLU D 71 18.92 -18.17 21.51
C GLU D 71 19.07 -16.70 21.17
N TYR D 72 19.54 -15.88 22.10
CA TYR D 72 19.67 -14.45 21.85
C TYR D 72 20.98 -14.10 21.15
N TYR D 73 22.10 -14.68 21.60
CA TYR D 73 23.41 -14.29 21.12
C TYR D 73 24.02 -15.26 20.11
N HIS D 74 23.52 -16.49 20.03
CA HIS D 74 24.04 -17.52 19.12
C HIS D 74 25.49 -17.90 19.43
N THR D 75 25.89 -17.75 20.69
CA THR D 75 27.23 -18.13 21.11
C THR D 75 27.15 -18.73 22.50
N THR D 76 28.09 -19.64 22.80
CA THR D 76 28.21 -20.23 24.12
C THR D 76 29.53 -19.88 24.79
N ASP D 77 30.30 -18.96 24.21
CA ASP D 77 31.55 -18.48 24.79
C ASP D 77 31.31 -18.05 26.23
N PRO D 78 31.98 -18.66 27.20
CA PRO D 78 31.73 -18.28 28.60
C PRO D 78 32.18 -16.87 28.96
N SER D 79 33.05 -16.26 28.18
CA SER D 79 33.50 -14.90 28.46
C SER D 79 32.69 -13.84 27.73
N PHE D 80 31.72 -14.23 26.89
CA PHE D 80 31.08 -13.27 25.99
C PHE D 80 30.37 -12.17 26.77
N LEU D 81 29.56 -12.54 27.75
CA LEU D 81 28.73 -11.54 28.42
C LEU D 81 29.57 -10.59 29.25
N GLY D 82 30.57 -11.10 29.97
CA GLY D 82 31.47 -10.22 30.69
C GLY D 82 32.19 -9.28 29.76
N ARG D 83 32.62 -9.77 28.59
CA ARG D 83 33.26 -8.89 27.61
C ARG D 83 32.26 -7.93 26.99
N TYR D 84 31.02 -8.36 26.79
CA TYR D 84 29.99 -7.45 26.28
C TYR D 84 29.70 -6.35 27.28
N MET D 85 29.55 -6.69 28.57
CA MET D 85 29.28 -5.68 29.59
C MET D 85 30.47 -4.73 29.76
N SER D 86 31.69 -5.27 29.73
CA SER D 86 32.88 -4.43 29.83
C SER D 86 32.91 -3.38 28.72
N ALA D 87 32.58 -3.78 27.49
CA ALA D 87 32.54 -2.82 26.40
C ALA D 87 31.44 -1.80 26.59
N LEU D 88 30.24 -2.25 27.01
CA LEU D 88 29.08 -1.36 27.10
C LEU D 88 29.28 -0.28 28.16
N ASN D 89 30.05 -0.58 29.22
CA ASN D 89 30.35 0.45 30.21
C ASN D 89 31.02 1.66 29.58
N HIS D 90 31.75 1.47 28.48
CA HIS D 90 32.35 2.56 27.74
C HIS D 90 31.43 3.10 26.64
N THR D 91 30.92 2.21 25.78
CA THR D 91 30.17 2.65 24.61
C THR D 91 28.92 3.43 24.96
N LYS D 92 28.36 3.24 26.16
CA LYS D 92 27.21 4.02 26.58
C LYS D 92 27.58 5.48 26.85
N LYS D 93 28.86 5.78 27.00
CA LYS D 93 29.33 7.14 27.20
C LYS D 93 29.72 7.83 25.89
N TRP D 94 29.77 7.09 24.79
CA TRP D 94 30.06 7.69 23.49
C TRP D 94 28.87 8.49 22.99
N LYS D 95 29.15 9.42 22.09
CA LYS D 95 28.11 10.16 21.39
C LYS D 95 27.95 9.60 19.99
N TYR D 96 26.71 9.59 19.52
CA TYR D 96 26.35 8.93 18.26
C TYR D 96 25.61 9.93 17.38
N PRO D 97 26.32 10.92 16.83
CA PRO D 97 25.65 11.94 16.03
C PRO D 97 25.14 11.37 14.71
N GLN D 98 24.15 12.05 14.14
CA GLN D 98 23.66 11.74 12.81
C GLN D 98 24.46 12.54 11.78
N VAL D 99 25.02 11.84 10.80
CA VAL D 99 25.84 12.45 9.76
C VAL D 99 25.34 11.91 8.43
N ASN D 100 24.78 12.80 7.60
CA ASN D 100 24.31 12.44 6.26
C ASN D 100 23.35 11.25 6.30
N GLY D 101 22.44 11.26 7.28
CA GLY D 101 21.45 10.21 7.38
C GLY D 101 21.95 8.89 7.90
N LEU D 102 23.11 8.87 8.56
CA LEU D 102 23.68 7.65 9.12
C LEU D 102 24.08 7.89 10.57
N THR D 103 23.87 6.87 11.41
CA THR D 103 24.38 6.94 12.77
C THR D 103 25.90 6.71 12.76
N SER D 104 26.64 7.67 13.30
CA SER D 104 28.09 7.57 13.40
C SER D 104 28.49 7.58 14.88
N ILE D 105 29.78 7.71 15.13
CA ILE D 105 30.33 7.76 16.49
C ILE D 105 31.27 8.94 16.58
N LYS D 106 31.05 9.81 17.56
CA LYS D 106 32.06 10.81 17.88
C LYS D 106 33.33 10.10 18.34
N TRP D 107 34.48 10.60 17.92
CA TRP D 107 35.73 9.89 18.19
C TRP D 107 35.95 9.74 19.68
N ALA D 108 36.48 8.58 20.08
CA ALA D 108 36.84 8.26 21.45
C ALA D 108 37.45 6.86 21.50
N ASP D 109 38.50 6.67 22.27
CA ASP D 109 39.02 5.33 22.54
C ASP D 109 39.46 4.64 21.25
N ASN D 110 40.05 5.40 20.33
CA ASN D 110 40.63 4.84 19.10
C ASN D 110 39.60 4.11 18.25
N ASN D 111 38.37 4.65 18.17
CA ASN D 111 37.25 3.95 17.57
C ASN D 111 36.99 4.34 16.12
N CYS D 112 37.99 4.91 15.43
CA CYS D 112 37.83 5.28 14.03
C CYS D 112 37.40 4.09 13.17
N TYR D 113 38.01 2.93 13.39
CA TYR D 113 37.65 1.74 12.63
C TYR D 113 36.24 1.28 12.95
N LEU D 114 35.86 1.36 14.23
CA LEU D 114 34.51 1.00 14.65
C LEU D 114 33.48 1.93 14.02
N ALA D 115 33.79 3.23 13.95
CA ALA D 115 32.90 4.17 13.28
C ALA D 115 32.76 3.82 11.80
N THR D 116 33.87 3.54 11.13
CA THR D 116 33.82 3.20 9.71
C THR D 116 33.02 1.93 9.49
N ALA D 117 33.17 0.94 10.38
CA ALA D 117 32.42 -0.30 10.24
C ALA D 117 30.93 -0.06 10.50
N LEU D 118 30.60 0.75 11.50
CA LEU D 118 29.20 1.04 11.80
C LEU D 118 28.52 1.76 10.62
N LEU D 119 29.21 2.73 10.02
CA LEU D 119 28.64 3.45 8.89
C LEU D 119 28.41 2.52 7.69
N THR D 120 29.33 1.57 7.48
CA THR D 120 29.17 0.64 6.37
C THR D 120 28.01 -0.30 6.58
N LEU D 121 27.84 -0.78 7.82
CA LEU D 121 26.79 -1.75 8.13
C LEU D 121 25.38 -1.20 7.87
N GLN D 122 25.21 0.12 7.85
CA GLN D 122 23.91 0.70 7.56
C GLN D 122 23.66 0.92 6.08
N GLN D 123 24.61 0.55 5.21
CA GLN D 123 24.49 0.80 3.79
C GLN D 123 24.48 -0.44 2.91
N ILE D 124 24.71 -1.62 3.47
CA ILE D 124 24.76 -2.85 2.68
C ILE D 124 23.65 -3.79 3.18
N GLU D 125 23.00 -4.46 2.25
CA GLU D 125 21.93 -5.41 2.56
C GLU D 125 22.47 -6.57 3.37
N LEU D 126 22.10 -6.63 4.65
CA LEU D 126 22.62 -7.62 5.56
C LEU D 126 21.58 -7.89 6.63
N LYS D 127 21.36 -9.17 6.92
CA LYS D 127 20.41 -9.61 7.94
C LYS D 127 21.16 -10.46 8.97
N PHE D 128 21.20 -9.99 10.21
CA PHE D 128 21.90 -10.71 11.27
C PHE D 128 21.04 -11.84 11.81
N ASN D 129 21.69 -12.96 12.14
CA ASN D 129 21.00 -14.13 12.66
C ASN D 129 20.75 -14.02 14.17
N PRO D 130 21.74 -13.69 15.01
CA PRO D 130 21.45 -13.57 16.45
C PRO D 130 20.55 -12.37 16.71
N PRO D 131 19.42 -12.60 17.38
CA PRO D 131 18.49 -11.50 17.67
C PRO D 131 19.13 -10.30 18.37
N ALA D 132 20.20 -10.52 19.15
CA ALA D 132 20.89 -9.42 19.81
C ALA D 132 21.44 -8.42 18.79
N LEU D 133 22.12 -8.91 17.75
CA LEU D 133 22.64 -8.01 16.72
C LEU D 133 21.50 -7.37 15.94
N GLN D 134 20.44 -8.13 15.66
CA GLN D 134 19.31 -7.57 14.93
C GLN D 134 18.65 -6.45 15.74
N ASP D 135 18.40 -6.68 17.03
CA ASP D 135 17.74 -5.67 17.86
C ASP D 135 18.64 -4.46 18.07
N ALA D 136 19.93 -4.70 18.32
CA ALA D 136 20.86 -3.59 18.55
C ALA D 136 21.11 -2.78 17.27
N TYR D 137 21.04 -3.43 16.10
CA TYR D 137 21.19 -2.67 14.86
C TYR D 137 20.05 -1.68 14.70
N TYR D 138 18.82 -2.10 14.95
CA TYR D 138 17.68 -1.18 14.81
C TYR D 138 17.76 -0.07 15.85
N ARG D 139 18.19 -0.39 17.07
CA ARG D 139 18.44 0.68 18.04
C ARG D 139 19.56 1.60 17.58
N ALA D 140 20.59 1.03 16.93
CA ALA D 140 21.62 1.86 16.33
C ALA D 140 21.04 2.79 15.27
N ARG D 141 20.11 2.29 14.46
CA ARG D 141 19.43 3.14 13.48
C ARG D 141 18.58 4.21 14.17
N ALA D 142 18.08 3.92 15.37
CA ALA D 142 17.37 4.91 16.17
C ALA D 142 18.30 5.86 16.91
N GLY D 143 19.61 5.78 16.66
CA GLY D 143 20.56 6.68 17.27
C GLY D 143 21.16 6.19 18.57
N GLU D 144 20.76 5.03 19.07
CA GLU D 144 21.28 4.51 20.33
C GLU D 144 22.10 3.26 20.02
N ALA D 145 23.31 3.48 19.50
CA ALA D 145 24.18 2.43 19.01
C ALA D 145 25.14 1.90 20.06
N ALA D 146 24.95 2.25 21.33
CA ALA D 146 25.87 1.81 22.37
C ALA D 146 25.86 0.29 22.50
N ASN D 147 24.68 -0.32 22.39
CA ASN D 147 24.59 -1.78 22.49
C ASN D 147 25.19 -2.46 21.27
N PHE D 148 24.91 -1.93 20.08
CA PHE D 148 25.44 -2.50 18.85
C PHE D 148 26.97 -2.46 18.84
N CYS D 149 27.56 -1.34 19.24
CA CYS D 149 29.01 -1.21 19.24
C CYS D 149 29.66 -2.14 20.26
N ALA D 150 29.06 -2.27 21.45
CA ALA D 150 29.61 -3.17 22.44
C ALA D 150 29.48 -4.63 21.99
N LEU D 151 28.36 -4.96 21.35
CA LEU D 151 28.20 -6.31 20.79
C LEU D 151 29.25 -6.59 19.72
N ILE D 152 29.54 -5.60 18.86
CA ILE D 152 30.54 -5.78 17.81
C ILE D 152 31.91 -6.05 18.43
N LEU D 153 32.28 -5.26 19.43
CA LEU D 153 33.54 -5.51 20.14
C LEU D 153 33.58 -6.92 20.70
N ALA D 154 32.49 -7.36 21.35
CA ALA D 154 32.50 -8.66 22.01
C ALA D 154 32.50 -9.80 21.00
N TYR D 155 31.74 -9.68 19.91
CA TYR D 155 31.76 -10.71 18.88
C TYR D 155 33.11 -10.80 18.18
N CYS D 156 33.82 -9.68 18.05
CA CYS D 156 35.12 -9.65 17.37
C CYS D 156 36.30 -9.85 18.34
N ASN D 157 36.03 -10.10 19.62
CA ASN D 157 37.09 -10.30 20.62
C ASN D 157 38.02 -9.09 20.68
N LYS D 158 37.42 -7.90 20.75
CA LYS D 158 38.16 -6.64 20.88
C LYS D 158 37.68 -5.91 22.13
N THR D 159 38.59 -5.17 22.74
CA THR D 159 38.25 -4.32 23.87
C THR D 159 38.21 -2.86 23.43
N VAL D 160 37.62 -2.04 24.30
CA VAL D 160 37.60 -0.60 24.06
C VAL D 160 39.01 -0.06 24.09
N GLY D 161 39.36 0.72 23.06
CA GLY D 161 40.64 1.37 23.00
C GLY D 161 41.71 0.63 22.21
N GLU D 162 41.49 -0.64 21.87
CA GLU D 162 42.50 -1.37 21.13
C GLU D 162 42.34 -1.12 19.63
N LEU D 163 43.48 -1.03 18.94
CA LEU D 163 43.49 -0.68 17.53
C LEU D 163 42.84 -1.79 16.72
N GLY D 164 41.87 -1.41 15.87
CA GLY D 164 41.08 -2.36 15.13
C GLY D 164 41.22 -2.20 13.62
N ASP D 165 40.62 -3.16 12.91
CA ASP D 165 40.71 -3.27 11.46
C ASP D 165 39.30 -3.47 10.92
N VAL D 166 38.89 -2.63 9.97
CA VAL D 166 37.54 -2.72 9.44
C VAL D 166 37.31 -4.08 8.78
N ARG D 167 38.28 -4.54 7.99
CA ARG D 167 38.11 -5.80 7.27
C ARG D 167 38.01 -6.97 8.23
N GLU D 168 38.89 -7.03 9.23
CA GLU D 168 38.79 -8.07 10.24
C GLU D 168 37.45 -8.00 10.97
N THR D 169 36.97 -6.78 11.24
CA THR D 169 35.70 -6.63 11.93
C THR D 169 34.54 -7.14 11.09
N MET D 170 34.56 -6.86 9.78
CA MET D 170 33.48 -7.31 8.90
C MET D 170 33.43 -8.83 8.81
N SER D 171 34.59 -9.48 8.81
CA SER D 171 34.63 -10.94 8.69
C SER D 171 33.92 -11.60 9.87
N TYR D 172 34.22 -11.16 11.09
CA TYR D 172 33.56 -11.72 12.28
C TYR D 172 32.06 -11.52 12.20
N LEU D 173 31.62 -10.30 11.89
CA LEU D 173 30.20 -9.99 11.84
C LEU D 173 29.50 -10.74 10.72
N PHE D 174 30.14 -10.81 9.54
CA PHE D 174 29.56 -11.53 8.42
C PHE D 174 29.33 -13.00 8.75
N GLN D 175 30.12 -13.55 9.67
CA GLN D 175 29.91 -14.93 10.12
C GLN D 175 28.63 -15.08 10.92
N HIS D 176 28.05 -13.97 11.41
CA HIS D 176 26.78 -14.02 12.12
C HIS D 176 25.63 -13.48 11.28
N ALA D 177 25.83 -13.31 9.98
CA ALA D 177 24.80 -12.84 9.07
C ALA D 177 24.29 -14.01 8.21
N ASN D 178 23.12 -13.81 7.62
CA ASN D 178 22.53 -14.83 6.75
C ASN D 178 23.05 -14.62 5.33
N LEU D 179 24.19 -15.23 5.05
CA LEU D 179 24.79 -15.24 3.72
C LEU D 179 24.74 -16.63 3.11
N ASP D 180 23.76 -17.44 3.53
CA ASP D 180 23.74 -18.85 3.14
C ASP D 180 23.50 -19.02 1.63
N SER D 181 22.82 -18.07 1.00
CA SER D 181 22.55 -18.15 -0.43
C SER D 181 23.58 -17.42 -1.29
N CYS D 182 24.62 -16.88 -0.66
CA CYS D 182 25.66 -16.14 -1.37
C CYS D 182 26.67 -17.12 -1.98
N LYS D 183 26.96 -16.96 -3.27
CA LYS D 183 27.74 -17.93 -4.03
C LYS D 183 28.75 -17.20 -4.91
N ARG D 184 29.96 -17.76 -5.01
CA ARG D 184 30.99 -17.21 -5.88
C ARG D 184 31.79 -18.35 -6.52
N VAL D 185 31.98 -18.26 -7.83
CA VAL D 185 32.79 -19.22 -8.57
C VAL D 185 33.95 -18.46 -9.22
N LEU D 186 35.16 -18.97 -9.05
CA LEU D 186 36.37 -18.34 -9.55
C LEU D 186 37.10 -19.28 -10.51
N ASN D 187 37.85 -18.70 -11.45
CA ASN D 187 38.66 -19.45 -12.40
C ASN D 187 40.11 -19.00 -12.28
N VAL D 188 41.02 -19.96 -12.15
CA VAL D 188 42.45 -19.68 -12.10
C VAL D 188 43.09 -20.43 -13.25
N VAL D 189 43.59 -19.68 -14.24
CA VAL D 189 44.08 -20.21 -15.51
C VAL D 189 45.59 -20.01 -15.58
N CYS D 190 46.34 -21.10 -15.66
CA CYS D 190 47.78 -21.06 -15.87
C CYS D 190 48.11 -21.66 -17.23
N LYS D 191 49.08 -21.06 -17.92
CA LYS D 191 49.40 -21.49 -19.29
C LYS D 191 49.88 -22.93 -19.33
N THR D 192 50.55 -23.41 -18.28
CA THR D 192 51.05 -24.78 -18.27
C THR D 192 50.33 -25.69 -17.30
N CYS D 193 49.67 -25.14 -16.27
CA CYS D 193 48.96 -25.98 -15.30
C CYS D 193 47.50 -26.19 -15.65
N GLY D 194 46.92 -25.35 -16.51
CA GLY D 194 45.53 -25.48 -16.87
C GLY D 194 44.64 -24.57 -16.03
N GLN D 195 43.35 -24.90 -16.06
CA GLN D 195 42.32 -24.12 -15.39
C GLN D 195 41.79 -24.87 -14.18
N GLN D 196 41.65 -24.16 -13.06
CA GLN D 196 41.04 -24.69 -11.85
C GLN D 196 39.94 -23.75 -11.40
N GLN D 197 38.78 -24.31 -11.06
CA GLN D 197 37.66 -23.55 -10.56
C GLN D 197 37.54 -23.70 -9.06
N THR D 198 37.06 -22.65 -8.40
CA THR D 198 36.79 -22.66 -6.96
C THR D 198 35.39 -22.14 -6.72
N THR D 199 34.61 -22.89 -5.94
CA THR D 199 33.31 -22.45 -5.49
C THR D 199 33.42 -21.98 -4.05
N LEU D 200 32.92 -20.78 -3.77
CA LEU D 200 32.95 -20.21 -2.44
C LEU D 200 31.52 -19.87 -2.03
N LYS D 201 31.24 -19.97 -0.73
CA LYS D 201 29.93 -19.68 -0.20
C LYS D 201 30.07 -18.94 1.12
N GLY D 202 29.01 -18.25 1.51
CA GLY D 202 29.01 -17.56 2.79
C GLY D 202 29.92 -16.35 2.78
N VAL D 203 30.69 -16.20 3.85
CA VAL D 203 31.57 -15.05 4.01
C VAL D 203 32.58 -14.97 2.87
N GLU D 204 33.11 -16.12 2.47
CA GLU D 204 34.13 -16.14 1.42
C GLU D 204 33.55 -15.85 0.05
N ALA D 205 32.22 -15.93 -0.11
CA ALA D 205 31.61 -15.57 -1.38
C ALA D 205 31.46 -14.06 -1.56
N VAL D 206 31.57 -13.30 -0.48
CA VAL D 206 31.35 -11.86 -0.54
C VAL D 206 32.60 -11.04 -0.23
N MET D 207 33.63 -11.64 0.33
CA MET D 207 34.86 -10.93 0.66
C MET D 207 35.98 -11.35 -0.28
N TYR D 208 36.85 -10.40 -0.60
CA TYR D 208 38.02 -10.68 -1.42
C TYR D 208 39.15 -9.73 -1.04
N MET D 209 40.37 -10.27 -1.02
CA MET D 209 41.59 -9.56 -0.65
C MET D 209 42.56 -9.59 -1.83
N GLY D 210 42.88 -8.42 -2.36
CA GLY D 210 43.83 -8.39 -3.46
C GLY D 210 43.68 -7.24 -4.42
N THR D 211 42.45 -6.79 -4.66
CA THR D 211 42.21 -5.63 -5.50
C THR D 211 40.95 -4.92 -5.02
N LEU D 212 40.93 -3.61 -5.21
CA LEU D 212 39.76 -2.79 -4.91
C LEU D 212 38.75 -2.78 -6.04
N SER D 213 39.19 -3.04 -7.27
CA SER D 213 38.34 -2.90 -8.45
C SER D 213 37.52 -4.15 -8.66
N TYR D 214 36.20 -4.01 -8.52
CA TYR D 214 35.30 -5.10 -8.86
C TYR D 214 35.32 -5.38 -10.35
N GLU D 215 35.38 -4.32 -11.17
CA GLU D 215 35.45 -4.50 -12.61
C GLU D 215 36.72 -5.26 -13.02
N GLN D 216 37.83 -4.99 -12.34
CA GLN D 216 39.06 -5.72 -12.63
C GLN D 216 38.95 -7.19 -12.26
N PHE D 217 38.29 -7.48 -11.13
CA PHE D 217 38.04 -8.86 -10.72
C PHE D 217 37.33 -9.64 -11.81
N LYS D 218 36.37 -9.00 -12.49
CA LYS D 218 35.64 -9.67 -13.56
C LYS D 218 36.52 -9.87 -14.79
N LYS D 219 37.44 -8.95 -15.06
CA LYS D 219 38.30 -9.04 -16.23
C LYS D 219 39.55 -9.87 -16.00
N GLY D 220 40.05 -9.92 -14.77
CA GLY D 220 41.19 -10.77 -14.48
C GLY D 220 42.32 -10.07 -13.76
N VAL D 221 42.96 -10.79 -12.83
CA VAL D 221 44.12 -10.30 -12.09
C VAL D 221 45.21 -11.36 -12.17
N GLN D 222 46.47 -10.92 -12.04
CA GLN D 222 47.61 -11.83 -12.10
C GLN D 222 47.99 -12.24 -10.69
N ILE D 223 48.00 -13.55 -10.44
CA ILE D 223 48.42 -14.10 -9.15
C ILE D 223 49.53 -15.12 -9.40
N PRO D 224 50.36 -15.39 -8.40
CA PRO D 224 51.42 -16.39 -8.56
C PRO D 224 50.85 -17.80 -8.65
N CYS D 225 51.64 -18.69 -9.25
CA CYS D 225 51.32 -20.10 -9.35
C CYS D 225 52.50 -20.93 -8.88
N THR D 226 52.23 -22.19 -8.58
CA THR D 226 53.28 -23.09 -8.12
C THR D 226 54.26 -23.46 -9.23
N CYS D 227 53.91 -23.24 -10.50
CA CYS D 227 54.88 -23.39 -11.59
C CYS D 227 56.09 -22.48 -11.41
N GLY D 228 55.95 -21.38 -10.69
CA GLY D 228 56.86 -20.27 -10.80
C GLY D 228 56.41 -19.21 -11.78
N LYS D 229 55.26 -19.39 -12.42
CA LYS D 229 54.72 -18.44 -13.38
C LYS D 229 53.48 -17.75 -12.81
N GLN D 230 53.06 -16.70 -13.49
CA GLN D 230 51.82 -16.02 -13.14
C GLN D 230 50.64 -16.74 -13.78
N ALA D 231 49.57 -16.89 -13.00
CA ALA D 231 48.30 -17.39 -13.50
C ALA D 231 47.31 -16.23 -13.57
N THR D 232 46.15 -16.48 -14.16
CA THR D 232 45.09 -15.49 -14.27
C THR D 232 43.88 -15.97 -13.47
N LYS D 233 43.38 -15.09 -12.60
CA LYS D 233 42.20 -15.37 -11.77
C LYS D 233 41.14 -14.33 -12.08
N TYR D 234 39.94 -14.80 -12.43
CA TYR D 234 38.83 -13.88 -12.71
C TYR D 234 37.54 -14.48 -12.17
N LEU D 235 36.54 -13.60 -12.03
CA LEU D 235 35.27 -13.99 -11.44
C LEU D 235 34.37 -14.62 -12.50
N VAL D 236 33.86 -15.81 -12.20
CA VAL D 236 33.00 -16.55 -13.11
C VAL D 236 31.53 -16.29 -12.81
N GLN D 237 31.15 -16.37 -11.53
CA GLN D 237 29.76 -16.17 -11.14
C GLN D 237 29.71 -15.60 -9.73
N GLN D 238 28.82 -14.62 -9.55
CA GLN D 238 28.62 -13.98 -8.25
C GLN D 238 27.12 -13.93 -7.98
N GLU D 239 26.72 -14.45 -6.82
CA GLU D 239 25.34 -14.29 -6.33
C GLU D 239 25.43 -13.78 -4.90
N SER D 240 25.01 -12.53 -4.68
CA SER D 240 25.07 -11.87 -3.37
C SER D 240 24.50 -10.47 -3.47
N PRO D 241 24.01 -9.88 -2.38
CA PRO D 241 23.52 -8.50 -2.43
C PRO D 241 24.65 -7.47 -2.47
N PHE D 242 25.86 -7.84 -2.08
CA PHE D 242 26.99 -6.93 -2.11
C PHE D 242 28.26 -7.74 -2.26
N VAL D 243 29.33 -7.06 -2.62
CA VAL D 243 30.67 -7.63 -2.55
C VAL D 243 31.58 -6.62 -1.87
N MET D 244 32.53 -7.15 -1.11
CA MET D 244 33.55 -6.34 -0.46
C MET D 244 34.90 -6.66 -1.08
N MET D 245 35.49 -5.68 -1.74
CA MET D 245 36.82 -5.80 -2.33
C MET D 245 37.82 -5.07 -1.42
N SER D 246 38.84 -5.79 -0.98
CA SER D 246 39.87 -5.20 -0.15
C SER D 246 41.25 -5.39 -0.77
N ALA D 247 42.17 -4.49 -0.43
CA ALA D 247 43.54 -4.55 -0.91
C ALA D 247 44.42 -3.78 0.08
N PRO D 248 45.72 -4.04 0.09
CA PRO D 248 46.64 -3.17 0.84
C PRO D 248 46.46 -1.72 0.44
N PRO D 249 46.55 -0.79 1.39
CA PRO D 249 46.22 0.62 1.11
C PRO D 249 46.97 1.15 -0.11
N ALA D 250 46.25 1.83 -0.99
CA ALA D 250 46.83 2.43 -2.17
C ALA D 250 46.00 3.64 -2.60
N GLN D 251 46.67 4.58 -3.26
CA GLN D 251 45.95 5.70 -3.87
C GLN D 251 44.96 5.15 -4.89
N TYR D 252 43.71 5.61 -4.79
CA TYR D 252 42.62 5.06 -5.59
C TYR D 252 41.61 6.17 -5.85
N GLU D 253 41.04 6.18 -7.04
CA GLU D 253 40.04 7.16 -7.43
C GLU D 253 38.64 6.58 -7.22
N LEU D 254 37.79 7.33 -6.53
CA LEU D 254 36.41 6.94 -6.30
C LEU D 254 35.50 7.94 -7.00
N LYS D 255 34.62 7.44 -7.86
CA LYS D 255 33.78 8.30 -8.67
C LYS D 255 32.32 8.07 -8.35
N HIS D 256 31.58 9.17 -8.20
CA HIS D 256 30.20 9.14 -7.74
C HIS D 256 29.37 8.14 -8.52
N GLY D 257 28.56 7.37 -7.79
CA GLY D 257 27.62 6.45 -8.39
C GLY D 257 28.17 5.12 -8.85
N THR D 258 29.46 4.85 -8.68
CA THR D 258 30.06 3.61 -9.13
C THR D 258 30.35 2.62 -8.00
N PHE D 259 30.02 2.99 -6.77
CA PHE D 259 30.29 2.15 -5.61
C PHE D 259 29.34 2.57 -4.50
N THR D 260 29.18 1.71 -3.50
CA THR D 260 28.29 2.04 -2.39
C THR D 260 29.03 2.86 -1.32
N CYS D 261 30.11 2.31 -0.79
CA CYS D 261 30.92 3.02 0.20
C CYS D 261 32.31 2.39 0.23
N ALA D 262 33.19 2.98 1.03
CA ALA D 262 34.59 2.59 1.01
C ALA D 262 35.26 3.07 2.28
N SER D 263 36.34 2.39 2.65
CA SER D 263 37.13 2.74 3.82
C SER D 263 38.47 3.33 3.38
N GLU D 264 38.69 4.59 3.71
CA GLU D 264 39.99 5.21 3.52
C GLU D 264 40.90 4.90 4.72
N TYR D 265 42.19 4.75 4.45
CA TYR D 265 43.17 4.37 5.47
C TYR D 265 44.47 5.11 5.20
N THR D 266 44.81 6.06 6.08
CA THR D 266 45.97 6.93 5.93
C THR D 266 46.93 6.69 7.09
N GLY D 267 48.19 6.41 6.77
CA GLY D 267 49.22 6.21 7.77
C GLY D 267 49.95 4.91 7.54
N ASN D 268 50.77 4.52 8.51
CA ASN D 268 51.50 3.27 8.40
C ASN D 268 50.65 2.10 8.91
N TYR D 269 51.16 0.89 8.66
CA TYR D 269 50.34 -0.31 8.80
C TYR D 269 49.85 -0.52 10.23
N GLN D 270 50.56 0.01 11.22
CA GLN D 270 50.22 -0.27 12.62
C GLN D 270 48.96 0.45 13.08
N CYS D 271 48.65 1.60 12.49
CA CYS D 271 47.83 2.57 13.20
C CYS D 271 47.19 3.61 12.31
N GLY D 272 46.95 3.27 11.04
CA GLY D 272 46.40 4.23 10.11
C GLY D 272 45.04 4.77 10.56
N HIS D 273 44.68 5.90 9.98
CA HIS D 273 43.45 6.59 10.31
C HIS D 273 42.36 6.13 9.36
N TYR D 274 41.38 5.38 9.88
CA TYR D 274 40.24 4.96 9.09
C TYR D 274 39.24 6.09 8.94
N LYS D 275 38.78 6.33 7.72
CA LYS D 275 37.65 7.20 7.44
C LYS D 275 36.73 6.50 6.45
N HIS D 276 35.50 7.01 6.37
CA HIS D 276 34.43 6.39 5.58
C HIS D 276 34.08 7.29 4.41
N ILE D 277 34.16 6.74 3.20
CA ILE D 277 33.71 7.42 2.00
C ILE D 277 32.41 6.77 1.55
N THR D 278 31.40 7.58 1.26
CA THR D 278 30.13 7.09 0.76
C THR D 278 29.69 7.91 -0.44
N SER D 279 28.86 7.30 -1.28
CA SER D 279 28.35 7.94 -2.49
C SER D 279 26.84 8.11 -2.35
N LYS D 280 26.38 9.36 -2.37
CA LYS D 280 24.95 9.63 -2.42
C LYS D 280 24.67 10.66 -3.52
N GLU D 281 24.13 11.83 -3.15
CA GLU D 281 24.02 12.93 -4.10
C GLU D 281 25.39 13.38 -4.57
N THR D 282 26.42 13.21 -3.74
CA THR D 282 27.80 13.52 -4.08
C THR D 282 28.68 12.67 -3.16
N LEU D 283 29.98 12.88 -3.23
CA LEU D 283 30.90 12.12 -2.40
C LEU D 283 31.01 12.74 -1.01
N TYR D 284 30.87 11.90 0.03
CA TYR D 284 31.01 12.31 1.41
C TYR D 284 32.10 11.50 2.11
N CYS D 285 32.87 12.17 2.95
CA CYS D 285 33.89 11.55 3.79
C CYS D 285 33.49 11.77 5.25
N ILE D 286 33.09 10.71 5.94
CA ILE D 286 32.69 10.81 7.34
C ILE D 286 33.85 10.37 8.21
N ASP D 287 34.25 11.25 9.13
CA ASP D 287 35.33 11.01 10.09
C ASP D 287 34.74 11.23 11.47
N GLY D 288 34.10 10.19 12.01
CA GLY D 288 33.41 10.31 13.29
C GLY D 288 32.22 11.25 13.20
N ALA D 289 32.30 12.37 13.92
CA ALA D 289 31.25 13.39 13.87
C ALA D 289 31.45 14.38 12.73
N LEU D 290 32.57 14.34 12.03
CA LEU D 290 32.91 15.35 11.03
C LEU D 290 32.53 14.87 9.62
N LEU D 291 31.95 15.78 8.84
CA LEU D 291 31.49 15.50 7.50
C LEU D 291 32.15 16.46 6.51
N THR D 292 32.62 15.92 5.40
CA THR D 292 33.20 16.73 4.33
C THR D 292 32.61 16.26 3.01
N LYS D 293 31.99 17.18 2.27
CA LYS D 293 31.48 16.89 0.94
C LYS D 293 32.50 17.31 -0.11
N SER D 294 32.56 16.55 -1.20
CA SER D 294 33.42 16.88 -2.33
C SER D 294 32.82 16.26 -3.59
N SER D 295 33.25 16.77 -4.74
CA SER D 295 32.74 16.28 -6.02
C SER D 295 33.56 15.12 -6.56
N GLU D 296 34.83 15.05 -6.21
CA GLU D 296 35.72 13.98 -6.64
C GLU D 296 36.47 13.46 -5.42
N TYR D 297 37.14 12.33 -5.59
CA TYR D 297 37.92 11.76 -4.50
C TYR D 297 39.08 10.96 -5.06
N LYS D 298 40.25 11.14 -4.46
CA LYS D 298 41.41 10.30 -4.71
C LYS D 298 42.21 10.23 -3.42
N GLY D 299 42.44 9.02 -2.91
CA GLY D 299 43.12 8.84 -1.66
C GLY D 299 43.39 7.39 -1.34
N PRO D 300 44.02 7.12 -0.19
CA PRO D 300 44.39 5.75 0.16
C PRO D 300 43.17 4.96 0.66
N ILE D 301 42.84 3.89 -0.06
CA ILE D 301 41.63 3.10 0.17
C ILE D 301 42.03 1.65 0.42
N THR D 302 41.37 1.00 1.39
CA THR D 302 41.58 -0.44 1.63
C THR D 302 40.37 -1.31 1.32
N ASP D 303 39.16 -0.77 1.39
CA ASP D 303 37.96 -1.54 1.10
C ASP D 303 37.03 -0.72 0.23
N VAL D 304 36.39 -1.39 -0.74
CA VAL D 304 35.30 -0.82 -1.50
C VAL D 304 34.14 -1.80 -1.46
N PHE D 305 32.93 -1.27 -1.29
CA PHE D 305 31.72 -2.07 -1.25
C PHE D 305 30.89 -1.74 -2.48
N TYR D 306 30.44 -2.77 -3.19
CA TYR D 306 29.60 -2.61 -4.36
C TYR D 306 28.29 -3.35 -4.15
N LYS D 307 27.20 -2.77 -4.67
CA LYS D 307 25.95 -3.50 -4.77
C LYS D 307 26.04 -4.55 -5.87
N GLU D 308 25.26 -5.60 -5.73
CA GLU D 308 25.31 -6.74 -6.64
C GLU D 308 24.03 -7.53 -6.47
N ASN D 309 23.73 -8.37 -7.46
CA ASN D 309 22.62 -9.32 -7.33
C ASN D 309 23.03 -10.68 -7.88
N SER D 310 23.21 -10.77 -9.20
CA SER D 310 23.74 -11.97 -9.82
C SER D 310 24.50 -11.57 -11.07
N TYR D 311 25.70 -12.11 -11.22
CA TYR D 311 26.55 -11.83 -12.37
C TYR D 311 27.15 -13.12 -12.88
N THR D 312 27.16 -13.28 -14.20
CA THR D 312 27.82 -14.41 -14.86
C THR D 312 28.75 -13.85 -15.90
N THR D 313 29.96 -14.43 -15.99
CA THR D 313 30.96 -13.94 -16.90
C THR D 313 30.59 -14.24 -18.35
N THR D 314 31.12 -13.43 -19.27
CA THR D 314 31.03 -13.70 -20.69
C THR D 314 32.26 -14.39 -21.23
N ILE D 315 33.25 -14.67 -20.38
CA ILE D 315 34.51 -15.25 -20.82
C ILE D 315 34.37 -16.73 -21.11
N1 A1D7X E . -1.94 25.31 17.90
N3 A1D7X E . -6.71 27.70 13.69
C4 A1D7X E . -3.39 26.17 16.15
C5 A1D7X E . -3.87 27.30 17.06
C6 A1D7X E . -2.78 27.60 18.09
C7 A1D7X E . -2.35 26.35 18.84
C8 A1D7X E . -4.22 28.54 16.25
C10 A1D7X E . -8.05 27.67 13.62
C13 A1D7X E . -10.18 29.54 18.79
C15 A1D7X E . -8.78 30.46 20.57
C17 A1D7X E . -7.82 29.73 18.48
C20 A1D7X E . -12.54 29.37 19.18
C21 A1D7X E . -11.25 30.24 20.85
C1 A1D7X E . 0.22 24.98 19.00
C11 A1D7X E . -8.32 28.45 15.74
C12 A1D7X E . -9.03 29.35 17.99
C14 A1D7X E . -10.06 30.08 20.10
C16 A1D7X E . -7.69 30.28 19.77
C18 A1D7X E . -10.04 27.22 12.28
C19 A1D7X E . -11.48 29.17 18.35
C2 A1D7X E . -0.72 24.74 17.86
C3 A1D7X E . -2.99 24.95 16.94
C9 A1D7X E . -6.24 28.14 14.88
N2 A1D7X E . -4.91 28.19 15.01
N4 A1D7X E . -8.90 28.02 14.60
N5 A1D7X E . -7.00 28.52 15.93
N6 A1D7X E . -8.61 27.25 12.48
N7 A1D7X E . -9.20 28.80 16.70
N8 A1D7X E . -12.45 29.90 20.44
O1 A1D7X E . -0.38 24.06 16.89
ZN ZN F . -27.06 -0.88 39.47
N1 A1D7X G . -4.83 29.25 -14.59
N3 A1D7X G . 0.51 28.24 -10.54
C4 A1D7X G . -3.71 28.35 -12.65
C5 A1D7X G . -2.45 29.15 -12.96
C6 A1D7X G . -2.80 30.37 -13.81
C7 A1D7X G . -3.64 30.01 -15.02
C8 A1D7X G . -1.75 29.55 -11.66
C10 A1D7X G . 1.57 27.42 -10.34
C13 A1D7X G . 5.44 28.85 -14.58
C15 A1D7X G . 5.14 30.90 -15.89
C17 A1D7X G . 3.45 30.13 -14.38
C20 A1D7X G . 7.48 27.64 -14.84
C21 A1D7X G . 7.21 29.55 -16.09
C1 A1D7X G . -6.48 30.60 -15.77
C11 A1D7X G . 2.66 28.13 -12.20
C12 A1D7X G . 4.17 29.05 -13.99
C14 A1D7X G . 5.93 29.79 -15.53
C16 A1D7X G . 3.91 31.05 -15.32
C18 A1D7X G . 2.68 25.83 -8.86
C19 A1D7X G . 6.27 27.75 -14.24
C2 A1D7X G . -6.10 29.62 -14.70
C3 A1D7X G . -4.48 28.01 -13.91
C9 A1D7X G . 0.64 29.01 -11.63
N2 A1D7X G . -0.36 29.85 -11.94
N4 A1D7X G . 2.64 27.32 -11.14
N5 A1D7X G . 1.67 28.97 -12.49
N6 A1D7X G . 1.53 26.63 -9.26
N7 A1D7X G . 3.72 28.09 -13.04
N8 A1D7X G . 7.96 28.52 -15.77
O1 A1D7X G . -6.94 29.19 -13.91
ZN ZN H . 4.53 -4.57 -41.84
N1 A1D7X I . -18.67 -2.63 -10.27
N3 A1D7X I . -22.07 0.78 -14.16
C4 A1D7X I . -20.34 -1.34 -11.50
C5 A1D7X I . -20.56 -0.45 -10.28
C6 A1D7X I . -19.31 -0.41 -9.43
C7 A1D7X I . -18.85 -1.82 -9.05
C8 A1D7X I . -20.99 0.96 -10.69
C10 A1D7X I . -23.22 0.53 -14.81
C13 A1D7X I . -27.58 0.57 -10.81
C15 A1D7X I . -27.29 1.35 -8.52
C17 A1D7X I . -25.42 1.23 -10.02
C20 A1D7X I . -29.77 -0.07 -11.53
C21 A1D7X I . -29.52 0.65 -9.37
C1 A1D7X I . -16.37 -3.08 -9.61
C11 A1D7X I . -24.45 0.57 -12.89
C12 A1D7X I . -26.19 0.76 -11.04
C14 A1D7X I . -28.13 0.87 -9.54
C16 A1D7X I . -25.97 1.52 -8.76
C18 A1D7X I . -24.14 -0.36 -16.89
C19 A1D7X I . -28.45 0.09 -11.83
C2 A1D7X I . -17.51 -3.21 -10.58
C3 A1D7X I . -19.87 -2.73 -11.09
C9 A1D7X I . -22.20 0.90 -12.83
N2 A1D7X I . -21.08 1.13 -12.13
N4 A1D7X I . -24.43 0.42 -14.22
N5 A1D7X I . -23.36 0.80 -12.15
N6 A1D7X I . -23.15 0.39 -16.13
N7 A1D7X I . -25.68 0.46 -12.33
N8 A1D7X I . -30.32 0.20 -10.31
O1 A1D7X I . -17.37 -3.84 -11.63
C1 GOL J . -17.73 -15.98 10.72
O1 GOL J . -17.47 -16.66 9.55
C2 GOL J . -16.39 -15.83 11.46
O2 GOL J . -16.57 -15.36 12.76
C3 GOL J . -15.59 -14.84 10.60
O3 GOL J . -14.83 -14.09 11.49
C1 GOL K . -18.02 -28.15 -28.83
O1 GOL K . -17.37 -27.64 -27.68
C2 GOL K . -18.46 -27.03 -29.73
O2 GOL K . -19.45 -27.51 -30.63
C3 GOL K . -18.93 -25.82 -28.98
O3 GOL K . -19.27 -24.75 -29.83
ZN ZN L . -44.36 -28.13 9.89
N1 A1D7X M . 43.02 5.89 15.32
N3 A1D7X M . 48.59 4.41 18.91
C4 A1D7X M . 44.23 4.99 17.20
C5 A1D7X M . 45.54 5.57 16.68
C6 A1D7X M . 45.24 6.79 15.81
C7 A1D7X M . 44.22 6.50 14.74
C8 A1D7X M . 46.46 5.91 17.85
C10 A1D7X M . 49.60 3.57 19.19
C13 A1D7X M . 53.57 4.41 14.85
C15 A1D7X M . 53.46 6.42 13.46
C17 A1D7X M . 51.77 5.96 15.09
C20 A1D7X M . 55.42 2.94 14.56
C21 A1D7X M . 55.33 4.80 13.24
C1 A1D7X M . 41.40 7.37 14.23
C11 A1D7X M . 50.77 4.10 17.32
C12 A1D7X M . 52.36 4.81 15.48
C14 A1D7X M . 54.13 5.23 13.83
C16 A1D7X M . 52.30 6.76 14.07
C18 A1D7X M . 50.59 2.00 20.78
C19 A1D7X M . 54.27 3.24 15.21
C2 A1D7X M . 41.76 6.36 15.28
C3 A1D7X M . 43.29 4.66 16.06
C9 A1D7X M . 48.78 5.09 17.77
N2 A1D7X M . 47.83 5.96 17.39
N4 A1D7X M . 50.69 3.37 18.43
N5 A1D7X M . 49.82 4.96 16.93
N6 A1D7X M . 49.51 2.86 20.33
N7 A1D7X M . 51.85 3.96 16.51
N8 A1D7X M . 55.97 3.71 13.57
O1 A1D7X M . 40.93 5.98 16.10
ZN ZN N . 51.02 -22.80 -13.10
#